data_9LUB
#
_entry.id   9LUB
#
_cell.length_a   1.00
_cell.length_b   1.00
_cell.length_c   1.00
_cell.angle_alpha   90.00
_cell.angle_beta   90.00
_cell.angle_gamma   90.00
#
_symmetry.space_group_name_H-M   'P 1'
#
loop_
_entity.id
_entity.type
_entity.pdbx_description
1 polymer 'Flagellar motor protein MotA'
2 polymer 'Chimeric B subunit of MotA1B1 from Paenibacillus sp. TCA20 and MotAB from E. coli,Motility protein B'
#
loop_
_entity_poly.entity_id
_entity_poly.type
_entity_poly.pdbx_seq_one_letter_code
_entity_poly.pdbx_strand_id
1 'polypeptide(L)'
;MDIATLIGLIAGAVAIIGGFLWEGGQITGLFQGTAALIVFGGTIAAVLISYPMHRIRTLPAGIKLAFKPNRSEVNEWLED
IVEMSMVARREGVLALEQKVLDHPNIFLREGIQLVVDGTDQPIVRQIMELDIDAKEQEHDNYAKLFESAGSYAPTMGIIG
TVMGLIQVLGHLTDPSQLGPSIAVAFIATLYGVASANLIFLPIASKIRAKSAEEILVMEMILEGVLSVQNGDNALLVRKK
LNTYITSQPTSLNPRKDVTHETAE
;
A,B,C,D,E
2 'polypeptide(L)'
;MRQRNRRTRNVKSAHSSGSPHDRWMITYADLITLLLIFFVMMYAMSRLDASKYEEVTSSLQTTFQSSSGILDGGNGVIDY
PSGQNGNSSSEANQPGSSGTGSDMGQEADGGPLTERESRLRKLRGDLDQLIESDPKLRALRPHLKIDLVQEGLRIQIIDS
QNRPMFRTGSADVEPYMRDILRAIAPVLNGIPNRISLSGHTDDFPYASGEKGYSNWELSADRANASRRELMVGGLDSGKV
LRVVGMAATMRLSDRGPDDAVNRRISLLVLNKQAEQAILHENAESQNEPVSALEKPEVAPQVSVPTMPSAEPRHHHHHH
;
F,G
#
# COMPACT_ATOMS: atom_id res chain seq x y z
N MET A 1 3.83 31.85 7.51
CA MET A 1 3.15 31.58 6.21
C MET A 1 4.18 31.63 5.08
N ASP A 2 4.54 30.47 4.53
CA ASP A 2 5.50 30.39 3.43
C ASP A 2 4.81 30.74 2.11
N ILE A 3 5.60 31.26 1.15
CA ILE A 3 5.06 31.83 -0.09
C ILE A 3 4.34 30.76 -0.94
N ALA A 4 4.85 29.53 -0.93
CA ALA A 4 4.22 28.43 -1.64
C ALA A 4 2.83 28.12 -1.08
N THR A 5 2.67 28.16 0.25
CA THR A 5 1.37 27.90 0.86
C THR A 5 0.39 29.03 0.53
N LEU A 6 0.86 30.28 0.60
CA LEU A 6 0.00 31.44 0.31
C LEU A 6 -0.49 31.38 -1.13
N ILE A 7 0.41 31.17 -2.10
CA ILE A 7 0.05 31.07 -3.50
C ILE A 7 -0.84 29.85 -3.73
N GLY A 8 -0.59 28.74 -3.03
CA GLY A 8 -1.40 27.54 -3.14
C GLY A 8 -2.85 27.76 -2.70
N LEU A 9 -3.06 28.44 -1.56
CA LEU A 9 -4.40 28.72 -1.05
C LEU A 9 -5.13 29.73 -1.95
N ILE A 10 -4.42 30.73 -2.48
CA ILE A 10 -4.97 31.67 -3.45
C ILE A 10 -5.44 30.92 -4.70
N ALA A 11 -4.57 30.06 -5.27
CA ALA A 11 -4.88 29.33 -6.48
C ALA A 11 -6.03 28.35 -6.25
N GLY A 12 -6.09 27.70 -5.08
CA GLY A 12 -7.15 26.77 -4.74
C GLY A 12 -8.52 27.45 -4.65
N ALA A 13 -8.59 28.62 -4.00
CA ALA A 13 -9.80 29.41 -3.95
C ALA A 13 -10.23 29.84 -5.36
N VAL A 14 -9.30 30.39 -6.15
CA VAL A 14 -9.59 30.88 -7.50
C VAL A 14 -10.05 29.73 -8.42
N ALA A 15 -9.46 28.54 -8.28
CA ALA A 15 -9.83 27.38 -9.08
C ALA A 15 -11.28 26.93 -8.82
N ILE A 16 -11.65 26.68 -7.55
CA ILE A 16 -12.98 26.17 -7.24
C ILE A 16 -14.05 27.25 -7.38
N ILE A 17 -13.82 28.49 -6.91
CA ILE A 17 -14.80 29.56 -7.07
C ILE A 17 -14.94 29.99 -8.54
N GLY A 18 -13.81 30.14 -9.24
CA GLY A 18 -13.82 30.44 -10.67
C GLY A 18 -14.56 29.37 -11.49
N GLY A 19 -14.36 28.11 -11.13
CA GLY A 19 -15.06 26.98 -11.73
C GLY A 19 -16.58 27.04 -11.59
N PHE A 20 -17.15 27.86 -10.70
CA PHE A 20 -18.59 28.00 -10.52
C PHE A 20 -19.10 29.35 -11.08
N LEU A 21 -18.36 30.44 -10.80
CA LEU A 21 -18.70 31.78 -11.22
C LEU A 21 -18.61 31.96 -12.74
N TRP A 22 -17.66 31.28 -13.39
CA TRP A 22 -17.42 31.48 -14.82
C TRP A 22 -18.48 30.75 -15.66
N GLU A 23 -19.30 29.86 -15.06
CA GLU A 23 -20.37 29.14 -15.72
C GLU A 23 -21.76 29.51 -15.14
N GLY A 24 -21.87 30.72 -14.56
CA GLY A 24 -23.17 31.33 -14.26
C GLY A 24 -23.62 31.14 -12.81
N GLY A 25 -22.83 30.45 -12.00
CA GLY A 25 -23.14 30.30 -10.59
C GLY A 25 -22.77 31.54 -9.78
N GLN A 26 -22.95 31.40 -8.44
CA GLN A 26 -22.68 32.45 -7.47
C GLN A 26 -22.29 31.80 -6.13
N ILE A 27 -21.49 32.50 -5.30
CA ILE A 27 -20.93 31.93 -4.08
C ILE A 27 -22.06 31.56 -3.10
N THR A 28 -23.16 32.33 -3.12
CA THR A 28 -24.28 32.11 -2.23
C THR A 28 -25.00 30.79 -2.54
N GLY A 29 -24.78 30.19 -3.72
CA GLY A 29 -25.29 28.87 -4.05
C GLY A 29 -24.37 27.73 -3.63
N LEU A 30 -23.09 28.00 -3.37
CA LEU A 30 -22.15 26.99 -2.91
C LEU A 30 -22.17 26.90 -1.38
N PHE A 31 -22.44 28.00 -0.66
CA PHE A 31 -22.54 27.91 0.79
C PHE A 31 -23.85 27.25 1.20
N GLN A 32 -23.77 26.22 2.06
CA GLN A 32 -24.93 25.56 2.61
C GLN A 32 -24.61 25.18 4.05
N GLY A 33 -25.26 25.83 5.03
CA GLY A 33 -24.92 25.71 6.43
C GLY A 33 -25.01 24.29 6.99
N THR A 34 -26.06 23.54 6.64
CA THR A 34 -26.23 22.18 7.11
C THR A 34 -25.12 21.27 6.58
N ALA A 35 -24.71 21.45 5.33
CA ALA A 35 -23.67 20.62 4.73
C ALA A 35 -22.33 20.88 5.40
N ALA A 36 -22.02 22.13 5.76
CA ALA A 36 -20.83 22.44 6.54
C ALA A 36 -20.88 21.77 7.91
N LEU A 37 -22.04 21.81 8.58
CA LEU A 37 -22.18 21.19 9.89
C LEU A 37 -22.00 19.67 9.82
N ILE A 38 -22.58 18.98 8.83
CA ILE A 38 -22.44 17.53 8.75
C ILE A 38 -20.99 17.14 8.42
N VAL A 39 -20.36 17.81 7.44
CA VAL A 39 -19.04 17.41 6.97
C VAL A 39 -17.95 17.79 7.96
N PHE A 40 -17.94 19.03 8.44
CA PHE A 40 -16.89 19.46 9.35
C PHE A 40 -17.16 18.91 10.75
N GLY A 41 -18.41 18.95 11.20
CA GLY A 41 -18.73 18.39 12.50
C GLY A 41 -18.43 16.89 12.56
N GLY A 42 -18.78 16.17 11.51
CA GLY A 42 -18.51 14.76 11.45
C GLY A 42 -17.00 14.44 11.42
N THR A 43 -16.21 15.24 10.70
CA THR A 43 -14.78 15.02 10.62
C THR A 43 -14.18 15.20 12.01
N ILE A 44 -14.54 16.27 12.72
CA ILE A 44 -14.04 16.55 14.05
C ILE A 44 -14.40 15.41 15.00
N ALA A 45 -15.62 14.88 14.89
CA ALA A 45 -16.04 13.79 15.74
C ALA A 45 -15.20 12.53 15.50
N ALA A 46 -14.98 12.15 14.24
CA ALA A 46 -14.21 10.95 13.93
C ALA A 46 -12.74 11.07 14.37
N VAL A 47 -12.15 12.26 14.23
CA VAL A 47 -10.78 12.47 14.68
C VAL A 47 -10.70 12.42 16.20
N LEU A 48 -11.66 13.04 16.91
CA LEU A 48 -11.65 12.99 18.36
C LEU A 48 -11.80 11.56 18.89
N ILE A 49 -12.63 10.71 18.29
CA ILE A 49 -12.71 9.34 18.76
C ILE A 49 -11.40 8.60 18.46
N SER A 50 -10.74 8.95 17.32
CA SER A 50 -9.57 8.24 16.82
C SER A 50 -8.30 8.39 17.66
N TYR A 51 -8.14 9.53 18.36
CA TYR A 51 -6.90 9.86 19.04
C TYR A 51 -7.15 10.23 20.49
N PRO A 52 -6.19 9.96 21.38
CA PRO A 52 -6.25 10.44 22.77
C PRO A 52 -6.25 11.96 22.81
N MET A 53 -6.73 12.56 23.90
CA MET A 53 -6.88 14.01 23.94
C MET A 53 -5.53 14.72 23.89
N HIS A 54 -4.48 14.16 24.51
CA HIS A 54 -3.18 14.81 24.49
C HIS A 54 -2.60 14.93 23.07
N ARG A 55 -2.99 14.08 22.10
CA ARG A 55 -2.54 14.24 20.73
C ARG A 55 -3.16 15.48 20.15
N ILE A 56 -4.47 15.64 20.31
CA ILE A 56 -5.17 16.77 19.72
C ILE A 56 -4.68 18.11 20.26
N ARG A 57 -4.23 18.13 21.52
CA ARG A 57 -3.59 19.27 22.13
C ARG A 57 -2.36 19.74 21.33
N THR A 58 -1.63 18.84 20.64
CA THR A 58 -0.44 19.17 19.90
C THR A 58 -0.71 19.82 18.54
N LEU A 59 -1.92 19.75 18.01
CA LEU A 59 -2.19 20.07 16.61
C LEU A 59 -1.67 21.46 16.21
N PRO A 60 -1.77 22.54 17.01
CA PRO A 60 -1.09 23.80 16.73
C PRO A 60 0.37 23.70 16.34
N ALA A 61 1.17 22.87 17.02
CA ALA A 61 2.59 22.76 16.73
C ALA A 61 2.85 22.13 15.37
N GLY A 62 1.94 21.27 14.90
CA GLY A 62 2.02 20.73 13.56
C GLY A 62 1.95 21.77 12.47
N ILE A 63 1.02 22.72 12.62
CA ILE A 63 0.87 23.78 11.65
C ILE A 63 2.04 24.74 11.70
N LYS A 64 2.58 25.00 12.89
CA LYS A 64 3.77 25.82 12.98
C LYS A 64 4.96 25.13 12.31
N LEU A 65 5.10 23.81 12.37
CA LEU A 65 6.18 23.13 11.66
C LEU A 65 5.96 23.17 10.16
N ALA A 66 4.71 23.10 9.71
CA ALA A 66 4.41 23.15 8.29
C ALA A 66 4.73 24.54 7.71
N PHE A 67 4.23 25.62 8.32
CA PHE A 67 4.21 26.91 7.66
C PHE A 67 5.32 27.86 8.13
N LYS A 68 6.31 27.40 8.91
CA LYS A 68 7.38 28.29 9.34
C LYS A 68 8.38 28.51 8.22
N PRO A 69 8.96 29.73 8.06
CA PRO A 69 9.91 29.99 6.98
C PRO A 69 11.20 29.17 7.07
N ASN A 70 11.74 28.82 5.90
CA ASN A 70 13.10 28.31 5.77
C ASN A 70 14.10 29.43 6.01
N ARG A 71 15.18 29.16 6.76
CA ARG A 71 16.25 30.13 6.97
C ARG A 71 17.66 29.55 6.78
N SER A 72 17.76 28.27 6.36
CA SER A 72 18.98 27.61 5.91
C SER A 72 20.21 27.87 6.80
N GLU A 73 20.12 27.45 8.07
CA GLU A 73 21.20 27.64 9.03
C GLU A 73 22.35 26.66 8.75
N VAL A 74 22.08 25.58 8.01
CA VAL A 74 23.01 24.47 7.88
C VAL A 74 24.34 24.92 7.24
N ASN A 75 24.31 25.94 6.36
CA ASN A 75 25.52 26.47 5.76
C ASN A 75 26.44 27.14 6.77
N GLU A 76 25.93 27.61 7.92
CA GLU A 76 26.72 28.25 8.96
C GLU A 76 27.32 27.19 9.87
N TRP A 77 26.50 26.25 10.32
CA TRP A 77 26.91 25.21 11.25
C TRP A 77 27.96 24.27 10.65
N LEU A 78 27.98 24.13 9.33
CA LEU A 78 29.02 23.41 8.63
C LEU A 78 30.41 24.02 8.86
N GLU A 79 30.51 25.35 8.90
CA GLU A 79 31.77 26.01 9.17
C GLU A 79 32.16 25.87 10.65
N ASP A 80 31.18 25.95 11.55
CA ASP A 80 31.40 25.79 12.98
C ASP A 80 31.98 24.41 13.30
N ILE A 81 31.44 23.35 12.70
CA ILE A 81 31.94 22.00 12.98
C ILE A 81 33.37 21.82 12.46
N VAL A 82 33.71 22.40 11.31
CA VAL A 82 35.07 22.33 10.79
C VAL A 82 36.03 23.09 11.70
N GLU A 83 35.62 24.27 12.19
CA GLU A 83 36.42 25.02 13.15
C GLU A 83 36.66 24.19 14.42
N MET A 84 35.63 23.53 14.94
CA MET A 84 35.78 22.69 16.12
C MET A 84 36.75 21.52 15.86
N SER A 85 36.69 20.92 14.68
CA SER A 85 37.60 19.85 14.30
C SER A 85 39.04 20.37 14.31
N MET A 86 39.26 21.56 13.74
CA MET A 86 40.59 22.15 13.67
C MET A 86 41.17 22.42 15.06
N VAL A 87 40.32 22.66 16.07
CA VAL A 87 40.73 22.81 17.46
C VAL A 87 40.98 21.45 18.12
N ALA A 88 40.14 20.45 17.85
CA ALA A 88 40.33 19.11 18.39
C ALA A 88 41.62 18.44 17.89
N ARG A 89 42.05 18.73 16.66
CA ARG A 89 43.34 18.30 16.12
C ARG A 89 44.53 18.81 16.93
N ARG A 90 44.34 19.85 17.77
CA ARG A 90 45.40 20.46 18.54
C ARG A 90 45.22 20.21 20.04
N GLU A 91 44.23 20.87 20.68
CA GLU A 91 44.00 20.74 22.11
C GLU A 91 42.52 20.47 22.32
N GLY A 92 42.07 19.27 21.94
CA GLY A 92 40.65 18.95 21.87
C GLY A 92 39.86 18.95 23.18
N VAL A 93 40.49 18.50 24.26
CA VAL A 93 39.73 18.27 25.49
C VAL A 93 39.14 19.58 26.00
N LEU A 94 39.91 20.68 25.91
CA LEU A 94 39.50 21.89 26.63
C LEU A 94 38.97 22.95 25.68
N ALA A 95 39.67 23.22 24.56
CA ALA A 95 39.34 24.38 23.74
C ALA A 95 37.96 24.24 23.11
N LEU A 96 37.62 23.02 22.70
CA LEU A 96 36.33 22.76 22.07
C LEU A 96 35.23 23.25 22.99
N GLU A 97 35.38 23.00 24.30
CA GLU A 97 34.29 23.20 25.24
C GLU A 97 33.84 24.66 25.19
N GLN A 98 34.80 25.59 25.22
CA GLN A 98 34.48 27.01 25.29
C GLN A 98 33.71 27.47 24.06
N LYS A 99 34.09 26.97 22.87
CA LYS A 99 33.47 27.36 21.63
C LYS A 99 31.96 27.06 21.63
N VAL A 100 31.53 25.95 22.23
CA VAL A 100 30.14 25.52 22.15
C VAL A 100 29.26 26.17 23.22
N LEU A 101 29.85 26.91 24.17
CA LEU A 101 29.17 27.26 25.40
C LEU A 101 27.88 28.04 25.16
N ASP A 102 27.91 28.98 24.19
CA ASP A 102 26.77 29.84 23.90
C ASP A 102 26.17 29.59 22.51
N HIS A 103 26.57 28.49 21.87
CA HIS A 103 26.15 28.16 20.52
C HIS A 103 24.62 28.02 20.47
N PRO A 104 23.94 28.51 19.42
CA PRO A 104 22.49 28.49 19.37
C PRO A 104 21.86 27.13 19.11
N ASN A 105 22.65 26.09 18.75
CA ASN A 105 22.05 24.77 18.47
C ASN A 105 22.32 23.80 19.62
N ILE A 106 21.26 23.37 20.32
CA ILE A 106 21.38 22.59 21.54
C ILE A 106 21.93 21.20 21.22
N PHE A 107 21.49 20.58 20.12
CA PHE A 107 21.88 19.21 19.80
C PHE A 107 23.39 19.16 19.54
N LEU A 108 23.96 20.18 18.91
CA LEU A 108 25.41 20.24 18.73
C LEU A 108 26.12 20.45 20.06
N ARG A 109 25.58 21.31 20.94
CA ARG A 109 26.19 21.58 22.22
C ARG A 109 26.30 20.30 23.05
N GLU A 110 25.20 19.56 23.17
CA GLU A 110 25.18 18.37 23.99
C GLU A 110 25.99 17.24 23.34
N GLY A 111 26.00 17.16 22.02
CA GLY A 111 26.82 16.20 21.31
C GLY A 111 28.29 16.40 21.64
N ILE A 112 28.79 17.63 21.50
CA ILE A 112 30.18 17.91 21.82
C ILE A 112 30.46 17.63 23.30
N GLN A 113 29.54 17.96 24.20
CA GLN A 113 29.76 17.75 25.62
C GLN A 113 30.06 16.28 25.93
N LEU A 114 29.37 15.34 25.27
CA LEU A 114 29.67 13.92 25.44
C LEU A 114 31.10 13.56 25.04
N VAL A 115 31.66 14.26 24.03
CA VAL A 115 33.02 14.04 23.57
C VAL A 115 34.02 14.68 24.53
N VAL A 116 33.73 15.88 25.05
CA VAL A 116 34.57 16.56 26.03
C VAL A 116 34.65 15.73 27.33
N ASP A 117 33.53 15.15 27.76
CA ASP A 117 33.46 14.29 28.94
C ASP A 117 34.13 12.93 28.68
N GLY A 118 34.59 12.66 27.44
CA GLY A 118 35.44 11.51 27.12
C GLY A 118 34.68 10.21 26.92
N THR A 119 33.37 10.24 26.67
CA THR A 119 32.58 9.02 26.46
C THR A 119 33.00 8.30 25.18
N ASP A 120 32.84 6.98 25.14
CA ASP A 120 33.29 6.15 24.03
C ASP A 120 32.40 6.34 22.78
N GLN A 121 32.95 6.09 21.59
CA GLN A 121 32.26 6.40 20.35
C GLN A 121 30.89 5.71 20.23
N PRO A 122 30.72 4.39 20.44
CA PRO A 122 29.41 3.77 20.30
C PRO A 122 28.37 4.25 21.31
N ILE A 123 28.79 4.76 22.48
CA ILE A 123 27.81 5.30 23.42
C ILE A 123 27.42 6.73 23.03
N VAL A 124 28.34 7.58 22.55
CA VAL A 124 27.93 8.91 22.08
C VAL A 124 27.02 8.77 20.86
N ARG A 125 27.32 7.87 19.94
CA ARG A 125 26.41 7.50 18.86
C ARG A 125 25.03 7.10 19.39
N GLN A 126 24.95 6.20 20.38
CA GLN A 126 23.68 5.68 20.86
C GLN A 126 22.82 6.79 21.48
N ILE A 127 23.39 7.65 22.32
CA ILE A 127 22.61 8.69 22.96
C ILE A 127 22.09 9.71 21.94
N MET A 128 22.93 10.10 20.98
CA MET A 128 22.56 11.05 19.94
C MET A 128 21.44 10.48 19.06
N GLU A 129 21.56 9.21 18.67
CA GLU A 129 20.58 8.59 17.80
C GLU A 129 19.23 8.50 18.48
N LEU A 130 19.16 8.27 19.81
CA LEU A 130 17.90 8.27 20.52
C LEU A 130 17.17 9.61 20.43
N ASP A 131 17.93 10.71 20.41
CA ASP A 131 17.34 12.03 20.31
C ASP A 131 16.78 12.30 18.89
N ILE A 132 17.50 11.83 17.86
CA ILE A 132 16.99 11.95 16.50
C ILE A 132 15.76 11.08 16.31
N ASP A 133 15.76 9.85 16.82
CA ASP A 133 14.60 8.97 16.69
C ASP A 133 13.37 9.58 17.35
N ALA A 134 13.57 10.22 18.50
CA ALA A 134 12.47 10.88 19.17
C ALA A 134 11.88 12.02 18.33
N LYS A 135 12.73 12.81 17.67
CA LYS A 135 12.27 13.89 16.81
C LYS A 135 11.52 13.34 15.59
N GLU A 136 11.99 12.24 15.00
CA GLU A 136 11.33 11.67 13.85
C GLU A 136 9.93 11.16 14.20
N GLN A 137 9.80 10.49 15.35
CA GLN A 137 8.53 9.96 15.83
C GLN A 137 7.54 11.08 16.13
N GLU A 138 8.03 12.18 16.69
CA GLU A 138 7.19 13.32 17.05
C GLU A 138 6.55 13.94 15.80
N HIS A 139 7.33 14.16 14.73
CA HIS A 139 6.80 14.73 13.50
C HIS A 139 5.85 13.79 12.77
N ASP A 140 6.08 12.49 12.82
CA ASP A 140 5.14 11.53 12.26
C ASP A 140 3.78 11.63 12.97
N ASN A 141 3.79 11.79 14.29
CA ASN A 141 2.56 11.86 15.05
C ASN A 141 1.75 13.13 14.72
N TYR A 142 2.37 14.22 14.26
CA TYR A 142 1.64 15.38 13.78
C TYR A 142 0.94 15.08 12.47
N ALA A 143 1.68 14.53 11.51
CA ALA A 143 1.13 14.23 10.20
C ALA A 143 -0.03 13.25 10.30
N LYS A 144 0.03 12.25 11.18
CA LYS A 144 -1.02 11.27 11.27
C LYS A 144 -2.39 11.85 11.63
N LEU A 145 -2.48 13.00 12.29
CA LEU A 145 -3.79 13.59 12.53
C LEU A 145 -4.37 14.11 11.22
N PHE A 146 -3.58 14.79 10.40
CA PHE A 146 -4.08 15.37 9.18
C PHE A 146 -4.45 14.27 8.19
N GLU A 147 -3.58 13.29 8.03
CA GLU A 147 -3.86 12.21 7.11
C GLU A 147 -5.16 11.52 7.49
N SER A 148 -5.44 11.41 8.79
CA SER A 148 -6.66 10.79 9.26
C SER A 148 -7.88 11.67 9.01
N ALA A 149 -7.80 12.96 9.28
CA ALA A 149 -8.88 13.87 8.90
C ALA A 149 -9.18 13.83 7.40
N GLY A 150 -8.15 13.72 6.57
CA GLY A 150 -8.34 13.63 5.13
C GLY A 150 -9.03 12.36 4.65
N SER A 151 -8.90 11.28 5.41
CA SER A 151 -9.61 10.05 5.11
C SER A 151 -11.08 10.13 5.52
N TYR A 152 -11.36 10.70 6.68
CA TYR A 152 -12.73 10.72 7.18
C TYR A 152 -13.57 11.77 6.48
N ALA A 153 -12.94 12.86 6.01
CA ALA A 153 -13.73 13.95 5.48
C ALA A 153 -14.56 13.50 4.27
N PRO A 154 -13.99 12.89 3.22
CA PRO A 154 -14.79 12.50 2.06
C PRO A 154 -15.95 11.61 2.45
N THR A 155 -15.74 10.63 3.35
CA THR A 155 -16.81 9.73 3.72
C THR A 155 -17.89 10.46 4.49
N MET A 156 -17.53 11.41 5.36
CA MET A 156 -18.55 12.20 6.04
C MET A 156 -19.27 13.06 5.02
N GLY A 157 -18.61 13.42 3.91
CA GLY A 157 -19.28 14.02 2.77
C GLY A 157 -20.47 13.22 2.22
N ILE A 158 -20.25 11.93 2.00
CA ILE A 158 -21.26 11.05 1.44
C ILE A 158 -22.39 10.85 2.45
N ILE A 159 -22.09 10.78 3.77
CA ILE A 159 -23.14 10.71 4.77
C ILE A 159 -24.06 11.91 4.61
N GLY A 160 -23.48 13.08 4.37
CA GLY A 160 -24.28 14.28 4.16
C GLY A 160 -25.23 14.15 2.95
N THR A 161 -24.70 13.65 1.83
CA THR A 161 -25.48 13.57 0.61
C THR A 161 -26.63 12.57 0.76
N VAL A 162 -26.32 11.39 1.29
CA VAL A 162 -27.36 10.38 1.43
C VAL A 162 -28.44 10.89 2.37
N MET A 163 -28.08 11.60 3.42
CA MET A 163 -29.09 12.12 4.33
C MET A 163 -29.96 13.15 3.64
N GLY A 164 -29.36 13.99 2.79
CA GLY A 164 -30.12 14.95 2.01
C GLY A 164 -31.12 14.28 1.07
N LEU A 165 -30.66 13.28 0.31
CA LEU A 165 -31.52 12.53 -0.59
C LEU A 165 -32.68 11.89 0.17
N ILE A 166 -32.36 11.32 1.33
CA ILE A 166 -33.35 10.67 2.17
C ILE A 166 -34.47 11.66 2.47
N GLN A 167 -34.13 12.95 2.62
CA GLN A 167 -35.13 13.92 3.01
C GLN A 167 -35.93 14.36 1.79
N VAL A 168 -35.26 14.57 0.64
CA VAL A 168 -35.95 15.03 -0.56
C VAL A 168 -36.88 13.94 -1.07
N LEU A 169 -36.30 12.80 -1.46
CA LEU A 169 -37.10 11.75 -2.10
C LEU A 169 -38.27 11.35 -1.19
N GLY A 170 -38.14 11.62 0.11
CA GLY A 170 -39.26 11.46 1.02
C GLY A 170 -40.45 12.28 0.50
N HIS A 171 -40.29 13.61 0.55
CA HIS A 171 -41.32 14.57 0.20
C HIS A 171 -41.14 15.10 -1.24
N LEU A 172 -41.31 14.22 -2.23
CA LEU A 172 -41.24 14.60 -3.63
C LEU A 172 -42.62 15.06 -4.08
N THR A 173 -43.06 16.18 -3.52
CA THR A 173 -44.40 16.71 -3.73
C THR A 173 -44.53 17.28 -5.14
N ASP A 174 -43.58 18.14 -5.51
CA ASP A 174 -43.64 18.89 -6.76
C ASP A 174 -42.56 18.38 -7.72
N PRO A 175 -42.93 17.73 -8.86
CA PRO A 175 -41.93 17.25 -9.82
C PRO A 175 -41.04 18.32 -10.44
N SER A 176 -41.47 19.60 -10.38
CA SER A 176 -40.67 20.70 -10.91
C SER A 176 -39.57 21.13 -9.94
N GLN A 177 -39.70 20.78 -8.65
CA GLN A 177 -38.76 21.16 -7.63
C GLN A 177 -37.76 20.05 -7.30
N LEU A 178 -37.87 18.87 -7.94
CA LEU A 178 -36.95 17.76 -7.74
C LEU A 178 -35.53 18.19 -8.10
N GLY A 179 -35.34 18.78 -9.28
CA GLY A 179 -34.00 19.18 -9.72
C GLY A 179 -33.35 20.20 -8.78
N PRO A 180 -33.96 21.37 -8.58
CA PRO A 180 -33.44 22.38 -7.67
C PRO A 180 -33.13 21.85 -6.27
N SER A 181 -33.92 20.89 -5.78
CA SER A 181 -33.76 20.35 -4.43
C SER A 181 -32.66 19.30 -4.35
N ILE A 182 -32.59 18.36 -5.29
CA ILE A 182 -31.56 17.32 -5.31
C ILE A 182 -30.16 17.90 -5.57
N ALA A 183 -30.06 19.05 -6.22
CA ALA A 183 -28.80 19.76 -6.37
C ALA A 183 -28.16 20.09 -5.03
N VAL A 184 -28.92 20.53 -4.04
CA VAL A 184 -28.37 20.98 -2.76
C VAL A 184 -27.73 19.79 -2.04
N ALA A 185 -28.34 18.61 -2.13
CA ALA A 185 -27.88 17.47 -1.36
C ALA A 185 -26.46 17.08 -1.77
N PHE A 186 -26.05 17.43 -2.98
CA PHE A 186 -24.74 17.08 -3.50
C PHE A 186 -23.70 18.14 -3.13
N ILE A 187 -24.11 19.25 -2.53
CA ILE A 187 -23.17 20.25 -2.05
C ILE A 187 -22.22 19.60 -1.04
N ALA A 188 -22.75 18.74 -0.18
CA ALA A 188 -21.93 18.18 0.88
C ALA A 188 -20.79 17.39 0.26
N THR A 189 -21.07 16.59 -0.79
CA THR A 189 -20.02 15.75 -1.36
C THR A 189 -18.85 16.62 -1.73
N LEU A 190 -19.16 17.78 -2.32
CA LEU A 190 -18.15 18.69 -2.77
C LEU A 190 -17.36 19.21 -1.56
N TYR A 191 -17.95 19.40 -0.37
CA TYR A 191 -17.13 19.84 0.76
C TYR A 191 -16.16 18.76 1.23
N GLY A 192 -16.62 17.53 1.21
CA GLY A 192 -15.80 16.43 1.65
C GLY A 192 -14.57 16.20 0.78
N VAL A 193 -14.79 15.99 -0.50
CA VAL A 193 -13.77 15.62 -1.43
C VAL A 193 -13.01 16.86 -1.89
N ALA A 194 -13.33 18.07 -1.46
CA ALA A 194 -12.57 19.25 -1.77
C ALA A 194 -11.67 19.69 -0.61
N SER A 195 -12.19 19.60 0.62
CA SER A 195 -11.39 19.86 1.81
C SER A 195 -10.27 18.85 1.99
N ALA A 196 -10.57 17.58 1.74
CA ALA A 196 -9.56 16.54 1.85
C ALA A 196 -8.41 16.76 0.91
N ASN A 197 -8.66 17.20 -0.34
CA ASN A 197 -7.66 17.24 -1.38
C ASN A 197 -6.99 18.61 -1.54
N LEU A 198 -7.54 19.69 -0.98
CA LEU A 198 -6.89 20.99 -1.07
C LEU A 198 -6.35 21.48 0.29
N ILE A 199 -6.77 20.88 1.41
CA ILE A 199 -6.29 21.32 2.72
C ILE A 199 -5.66 20.18 3.52
N PHE A 200 -6.44 19.20 3.96
CA PHE A 200 -5.93 18.18 4.87
C PHE A 200 -4.82 17.32 4.25
N LEU A 201 -5.08 16.64 3.15
CA LEU A 201 -4.05 15.75 2.64
C LEU A 201 -2.82 16.54 2.18
N PRO A 202 -2.97 17.75 1.61
CA PRO A 202 -1.84 18.65 1.40
C PRO A 202 -1.03 18.98 2.64
N ILE A 203 -1.60 19.57 3.69
CA ILE A 203 -0.85 19.89 4.90
C ILE A 203 -0.13 18.67 5.49
N ALA A 204 -0.72 17.48 5.38
CA ALA A 204 -0.02 16.28 5.74
C ALA A 204 1.26 16.12 4.93
N SER A 205 1.22 16.40 3.63
CA SER A 205 2.39 16.27 2.77
C SER A 205 3.47 17.25 3.16
N LYS A 206 3.10 18.46 3.55
CA LYS A 206 4.09 19.46 3.88
C LYS A 206 4.78 19.10 5.19
N ILE A 207 4.03 18.60 6.18
CA ILE A 207 4.63 18.25 7.45
C ILE A 207 5.68 17.16 7.24
N ARG A 208 5.39 16.18 6.38
CA ARG A 208 6.35 15.13 6.10
C ARG A 208 7.54 15.68 5.30
N ALA A 209 7.28 16.57 4.36
CA ALA A 209 8.34 17.18 3.57
C ALA A 209 9.26 18.02 4.41
N LYS A 210 8.82 18.54 5.57
CA LYS A 210 9.66 19.38 6.40
C LYS A 210 10.33 18.61 7.54
N SER A 211 9.72 17.51 8.02
CA SER A 211 10.45 16.60 8.90
C SER A 211 11.68 16.02 8.20
N ALA A 212 11.55 15.67 6.94
CA ALA A 212 12.64 15.14 6.17
C ALA A 212 13.81 16.11 6.05
N GLU A 213 13.61 17.42 6.22
CA GLU A 213 14.70 18.37 6.17
C GLU A 213 15.32 18.55 7.55
N GLU A 214 14.50 18.59 8.61
CA GLU A 214 14.99 18.79 9.96
C GLU A 214 15.81 17.60 10.42
N ILE A 215 15.35 16.39 10.13
CA ILE A 215 16.08 15.19 10.50
C ILE A 215 17.43 15.14 9.77
N LEU A 216 17.50 15.56 8.52
CA LEU A 216 18.75 15.53 7.76
C LEU A 216 19.77 16.49 8.35
N VAL A 217 19.35 17.65 8.85
CA VAL A 217 20.28 18.54 9.54
C VAL A 217 20.77 17.91 10.84
N MET A 218 19.94 17.18 11.56
CA MET A 218 20.41 16.51 12.76
C MET A 218 21.41 15.41 12.41
N GLU A 219 21.18 14.63 11.35
CA GLU A 219 22.15 13.64 10.92
C GLU A 219 23.49 14.28 10.54
N MET A 220 23.48 15.46 9.93
CA MET A 220 24.72 16.16 9.65
C MET A 220 25.47 16.54 10.93
N ILE A 221 24.76 17.03 11.94
CA ILE A 221 25.38 17.38 13.21
C ILE A 221 25.98 16.14 13.89
N LEU A 222 25.28 15.01 13.83
CA LEU A 222 25.79 13.76 14.38
C LEU A 222 27.06 13.33 13.67
N GLU A 223 27.09 13.39 12.34
CA GLU A 223 28.29 13.04 11.61
C GLU A 223 29.45 14.00 11.87
N GLY A 224 29.13 15.26 12.12
CA GLY A 224 30.11 16.24 12.56
C GLY A 224 30.73 15.89 13.91
N VAL A 225 29.93 15.56 14.91
CA VAL A 225 30.43 15.23 16.25
C VAL A 225 31.29 13.97 16.22
N LEU A 226 30.86 12.93 15.50
CA LEU A 226 31.66 11.73 15.47
C LEU A 226 32.95 11.92 14.67
N SER A 227 32.91 12.73 13.60
CA SER A 227 34.13 13.09 12.86
C SER A 227 35.11 13.90 13.72
N VAL A 228 34.63 14.82 14.56
CA VAL A 228 35.46 15.56 15.51
C VAL A 228 36.12 14.60 16.51
N GLN A 229 35.39 13.59 16.97
CA GLN A 229 35.95 12.65 17.94
C GLN A 229 37.04 11.77 17.32
N ASN A 230 36.88 11.36 16.05
CA ASN A 230 37.88 10.58 15.34
C ASN A 230 39.16 11.36 15.02
N GLY A 231 39.17 12.69 15.16
CA GLY A 231 40.33 13.51 14.88
C GLY A 231 40.60 13.66 13.38
N ASP A 232 39.53 13.54 12.57
CA ASP A 232 39.61 13.73 11.13
C ASP A 232 40.11 15.14 10.79
N ASN A 233 40.85 15.25 9.68
CA ASN A 233 41.33 16.53 9.17
C ASN A 233 40.19 17.31 8.51
N ALA A 234 40.37 18.64 8.44
CA ALA A 234 39.34 19.55 7.98
C ALA A 234 38.83 19.23 6.57
N LEU A 235 39.71 18.73 5.69
CA LEU A 235 39.35 18.39 4.32
C LEU A 235 38.38 17.20 4.30
N LEU A 236 38.66 16.18 5.11
CA LEU A 236 37.81 15.00 5.17
C LEU A 236 36.46 15.33 5.83
N VAL A 237 36.46 16.17 6.89
CA VAL A 237 35.22 16.64 7.51
C VAL A 237 34.34 17.34 6.48
N ARG A 238 34.89 18.30 5.76
CA ARG A 238 34.11 19.03 4.79
C ARG A 238 33.59 18.13 3.67
N LYS A 239 34.43 17.19 3.18
CA LYS A 239 34.10 16.25 2.12
C LYS A 239 32.86 15.43 2.50
N LYS A 240 32.75 15.08 3.78
CA LYS A 240 31.72 14.20 4.28
C LYS A 240 30.41 14.92 4.56
N LEU A 241 30.47 16.03 5.30
CA LEU A 241 29.29 16.78 5.68
C LEU A 241 28.58 17.37 4.46
N ASN A 242 29.30 17.74 3.40
CA ASN A 242 28.66 18.26 2.22
C ASN A 242 27.70 17.26 1.57
N THR A 243 27.82 15.96 1.79
CA THR A 243 26.82 15.02 1.25
C THR A 243 25.40 15.28 1.77
N TYR A 244 25.25 15.94 2.93
CA TYR A 244 23.92 16.23 3.49
C TYR A 244 23.33 17.54 2.95
N ILE A 245 24.08 18.33 2.17
CA ILE A 245 23.70 19.68 1.77
C ILE A 245 23.37 19.74 0.27
N THR A 246 22.38 20.58 -0.07
CA THR A 246 21.85 20.69 -1.41
C THR A 246 21.58 22.17 -1.77
N MET B 1 -14.27 5.24 29.84
CA MET B 1 -14.49 6.12 28.66
C MET B 1 -13.47 7.26 28.75
N ASP B 2 -12.60 7.43 27.74
CA ASP B 2 -11.68 8.56 27.70
C ASP B 2 -12.41 9.83 27.23
N ILE B 3 -11.92 11.00 27.68
CA ILE B 3 -12.63 12.27 27.49
C ILE B 3 -12.75 12.63 26.00
N ALA B 4 -11.73 12.30 25.21
CA ALA B 4 -11.77 12.55 23.78
C ALA B 4 -12.85 11.70 23.10
N THR B 5 -13.02 10.44 23.54
CA THR B 5 -14.05 9.58 22.96
C THR B 5 -15.44 10.11 23.31
N LEU B 6 -15.63 10.54 24.56
CA LEU B 6 -16.94 11.06 24.97
C LEU B 6 -17.30 12.30 24.17
N ILE B 7 -16.38 13.26 24.06
CA ILE B 7 -16.62 14.48 23.28
C ILE B 7 -16.81 14.14 21.80
N GLY B 8 -16.08 13.15 21.29
CA GLY B 8 -16.20 12.72 19.91
C GLY B 8 -17.58 12.14 19.57
N LEU B 9 -18.11 11.30 20.45
CA LEU B 9 -19.42 10.70 20.25
C LEU B 9 -20.54 11.74 20.37
N ILE B 10 -20.40 12.70 21.30
CA ILE B 10 -21.30 13.82 21.44
C ILE B 10 -21.30 14.66 20.14
N ALA B 11 -20.11 15.03 19.66
CA ALA B 11 -19.97 15.88 18.48
C ALA B 11 -20.50 15.17 17.24
N GLY B 12 -20.26 13.86 17.12
CA GLY B 12 -20.71 13.09 15.97
C GLY B 12 -22.23 13.01 15.88
N ALA B 13 -22.87 12.69 17.01
CA ALA B 13 -24.31 12.64 17.09
C ALA B 13 -24.93 14.01 16.80
N VAL B 14 -24.43 15.08 17.44
CA VAL B 14 -24.96 16.42 17.28
C VAL B 14 -24.78 16.91 15.85
N ALA B 15 -23.66 16.60 15.19
CA ALA B 15 -23.45 17.08 13.83
C ALA B 15 -24.39 16.39 12.85
N ILE B 16 -24.43 15.05 12.88
CA ILE B 16 -25.15 14.28 11.87
C ILE B 16 -26.65 14.35 12.08
N ILE B 17 -27.12 14.05 13.31
CA ILE B 17 -28.55 14.06 13.61
C ILE B 17 -29.03 15.50 13.73
N GLY B 18 -28.26 16.41 14.32
CA GLY B 18 -28.63 17.81 14.35
C GLY B 18 -28.79 18.42 12.96
N GLY B 19 -27.91 18.03 12.02
CA GLY B 19 -28.06 18.43 10.62
C GLY B 19 -29.36 17.93 10.00
N PHE B 20 -29.66 16.65 10.20
CA PHE B 20 -30.85 16.00 9.66
C PHE B 20 -32.15 16.60 10.19
N LEU B 21 -32.21 16.83 11.51
CA LEU B 21 -33.37 17.47 12.14
C LEU B 21 -33.51 18.93 11.70
N TRP B 22 -32.40 19.62 11.44
CA TRP B 22 -32.44 21.01 11.00
C TRP B 22 -33.02 21.13 9.59
N GLU B 23 -32.72 20.16 8.71
CA GLU B 23 -33.37 20.09 7.39
C GLU B 23 -34.71 19.35 7.44
N GLY B 24 -35.24 19.03 8.63
CA GLY B 24 -36.65 18.74 8.82
C GLY B 24 -37.03 17.26 8.74
N GLY B 25 -36.04 16.36 8.80
CA GLY B 25 -36.34 14.93 8.69
C GLY B 25 -37.02 14.35 9.94
N GLN B 26 -37.01 13.02 10.07
CA GLN B 26 -37.42 12.36 11.31
C GLN B 26 -36.47 11.21 11.59
N ILE B 27 -36.05 11.07 12.87
CA ILE B 27 -35.04 10.08 13.23
C ILE B 27 -35.57 8.66 12.96
N THR B 28 -36.88 8.48 13.14
CA THR B 28 -37.49 7.16 12.96
C THR B 28 -37.31 6.65 11.53
N GLY B 29 -37.30 7.58 10.56
CA GLY B 29 -37.10 7.21 9.16
C GLY B 29 -35.75 6.53 8.91
N LEU B 30 -34.73 6.91 9.68
CA LEU B 30 -33.39 6.37 9.47
C LEU B 30 -33.26 4.96 10.06
N PHE B 31 -34.37 4.37 10.54
CA PHE B 31 -34.37 2.98 10.96
C PHE B 31 -35.04 2.09 9.93
N GLN B 32 -34.33 1.02 9.51
CA GLN B 32 -34.85 0.07 8.54
C GLN B 32 -34.38 -1.32 8.94
N GLY B 33 -35.32 -2.19 9.37
CA GLY B 33 -35.00 -3.53 9.84
C GLY B 33 -34.25 -4.40 8.83
N THR B 34 -34.69 -4.39 7.57
CA THR B 34 -34.05 -5.19 6.53
C THR B 34 -32.62 -4.71 6.27
N ALA B 35 -32.37 -3.40 6.29
CA ALA B 35 -31.03 -2.92 5.99
C ALA B 35 -30.08 -3.27 7.12
N ALA B 36 -30.54 -3.32 8.37
CA ALA B 36 -29.73 -3.79 9.48
C ALA B 36 -29.31 -5.24 9.25
N LEU B 37 -30.21 -6.11 8.79
CA LEU B 37 -29.85 -7.50 8.57
C LEU B 37 -28.77 -7.65 7.49
N ILE B 38 -28.89 -6.96 6.36
CA ILE B 38 -27.92 -7.11 5.30
C ILE B 38 -26.57 -6.53 5.72
N VAL B 39 -26.52 -5.33 6.34
CA VAL B 39 -25.23 -4.71 6.59
C VAL B 39 -24.59 -5.30 7.84
N PHE B 40 -25.28 -5.17 8.98
CA PHE B 40 -24.72 -5.64 10.23
C PHE B 40 -24.65 -7.15 10.27
N GLY B 41 -25.62 -7.85 9.69
CA GLY B 41 -25.51 -9.29 9.53
C GLY B 41 -24.33 -9.67 8.65
N GLY B 42 -24.11 -8.92 7.57
CA GLY B 42 -23.04 -9.22 6.65
C GLY B 42 -21.65 -9.09 7.29
N THR B 43 -21.45 -8.01 8.05
CA THR B 43 -20.13 -7.74 8.62
C THR B 43 -19.78 -8.85 9.63
N ILE B 44 -20.74 -9.25 10.45
CA ILE B 44 -20.58 -10.36 11.38
C ILE B 44 -20.21 -11.63 10.62
N ALA B 45 -20.87 -11.87 9.49
CA ALA B 45 -20.60 -13.06 8.72
C ALA B 45 -19.14 -13.11 8.23
N ALA B 46 -18.69 -12.01 7.63
CA ALA B 46 -17.37 -11.95 7.02
C ALA B 46 -16.29 -11.96 8.09
N VAL B 47 -16.50 -11.25 9.20
CA VAL B 47 -15.53 -11.23 10.27
C VAL B 47 -15.42 -12.60 10.93
N LEU B 48 -16.51 -13.30 11.13
CA LEU B 48 -16.43 -14.65 11.68
C LEU B 48 -15.71 -15.61 10.74
N ILE B 49 -15.90 -15.51 9.41
CA ILE B 49 -15.14 -16.36 8.52
C ILE B 49 -13.67 -15.99 8.54
N SER B 50 -13.35 -14.70 8.74
CA SER B 50 -11.99 -14.16 8.64
C SER B 50 -11.06 -14.60 9.76
N TYR B 51 -11.58 -14.81 10.98
CA TYR B 51 -10.75 -14.99 12.17
C TYR B 51 -11.16 -16.23 12.93
N PRO B 52 -10.19 -16.89 13.60
CA PRO B 52 -10.52 -18.00 14.51
C PRO B 52 -11.40 -17.52 15.65
N MET B 53 -12.14 -18.44 16.29
CA MET B 53 -13.06 -18.03 17.33
C MET B 53 -12.32 -17.48 18.55
N HIS B 54 -11.12 -17.96 18.88
CA HIS B 54 -10.41 -17.44 20.03
C HIS B 54 -10.07 -15.94 19.92
N ARG B 55 -9.85 -15.43 18.70
CA ARG B 55 -9.66 -14.01 18.48
C ARG B 55 -10.88 -13.21 18.92
N ILE B 56 -12.07 -13.71 18.62
CA ILE B 56 -13.29 -12.98 18.93
C ILE B 56 -13.50 -12.84 20.45
N ARG B 57 -13.10 -13.84 21.25
CA ARG B 57 -13.10 -13.65 22.68
C ARG B 57 -12.14 -12.52 23.14
N THR B 58 -11.04 -12.28 22.42
CA THR B 58 -10.18 -11.15 22.75
C THR B 58 -10.84 -9.80 22.47
N LEU B 59 -11.85 -9.74 21.58
CA LEU B 59 -12.41 -8.48 21.17
C LEU B 59 -12.88 -7.65 22.37
N PRO B 60 -13.59 -8.21 23.37
CA PRO B 60 -13.84 -7.48 24.62
C PRO B 60 -12.64 -6.83 25.27
N ALA B 61 -11.47 -7.48 25.28
CA ALA B 61 -10.29 -6.90 25.91
C ALA B 61 -9.77 -5.69 25.14
N GLY B 62 -9.94 -5.71 23.82
CA GLY B 62 -9.46 -4.61 22.97
C GLY B 62 -10.12 -3.28 23.27
N ILE B 63 -11.44 -3.31 23.44
CA ILE B 63 -12.20 -2.11 23.73
C ILE B 63 -11.77 -1.50 25.05
N LYS B 64 -11.37 -2.32 26.02
CA LYS B 64 -10.89 -1.81 27.28
C LYS B 64 -9.58 -1.04 27.09
N LEU B 65 -8.68 -1.50 26.22
CA LEU B 65 -7.41 -0.80 25.98
C LEU B 65 -7.63 0.56 25.32
N ALA B 66 -8.59 0.62 24.40
CA ALA B 66 -8.83 1.86 23.69
C ALA B 66 -9.49 2.88 24.63
N PHE B 67 -10.56 2.48 25.34
CA PHE B 67 -11.34 3.46 26.06
C PHE B 67 -11.00 3.51 27.55
N LYS B 68 -9.90 2.87 27.98
CA LYS B 68 -9.40 3.09 29.33
C LYS B 68 -8.76 4.48 29.40
N PRO B 69 -8.86 5.20 30.54
CA PRO B 69 -8.26 6.53 30.66
C PRO B 69 -6.80 6.48 31.11
N ASN B 70 -6.03 7.49 30.72
CA ASN B 70 -4.60 7.58 31.01
C ASN B 70 -4.37 8.03 32.45
N ARG B 71 -3.25 7.60 33.07
CA ARG B 71 -2.83 8.12 34.37
C ARG B 71 -1.33 8.49 34.41
N SER B 72 -0.60 8.25 33.31
CA SER B 72 0.78 8.74 33.09
C SER B 72 1.72 8.51 34.27
N GLU B 73 2.00 7.24 34.54
CA GLU B 73 2.85 6.82 35.65
C GLU B 73 4.33 7.11 35.37
N VAL B 74 4.69 7.29 34.09
CA VAL B 74 6.05 7.10 33.60
C VAL B 74 7.06 8.03 34.29
N ASN B 75 6.65 9.25 34.69
CA ASN B 75 7.52 10.17 35.42
C ASN B 75 8.03 9.57 36.74
N GLU B 76 7.16 8.83 37.44
CA GLU B 76 7.51 8.24 38.71
C GLU B 76 8.58 7.16 38.51
N TRP B 77 8.37 6.33 37.47
CA TRP B 77 9.26 5.21 37.18
C TRP B 77 10.63 5.69 36.69
N LEU B 78 10.68 6.85 36.03
CA LEU B 78 11.95 7.43 35.65
C LEU B 78 12.75 7.85 36.88
N GLU B 79 12.10 8.48 37.87
CA GLU B 79 12.78 8.83 39.11
C GLU B 79 13.22 7.59 39.90
N ASP B 80 12.41 6.53 39.86
CA ASP B 80 12.77 5.27 40.49
C ASP B 80 14.04 4.67 39.88
N ILE B 81 14.15 4.67 38.54
CA ILE B 81 15.32 4.08 37.92
C ILE B 81 16.58 4.92 38.18
N VAL B 82 16.47 6.25 38.25
CA VAL B 82 17.61 7.08 38.60
C VAL B 82 18.07 6.80 40.04
N GLU B 83 17.13 6.71 40.99
CA GLU B 83 17.44 6.38 42.38
C GLU B 83 18.17 5.02 42.44
N MET B 84 17.61 4.03 41.75
CA MET B 84 18.11 2.67 41.76
C MET B 84 19.51 2.62 41.15
N SER B 85 19.78 3.41 40.11
CA SER B 85 21.09 3.50 39.50
C SER B 85 22.12 3.98 40.52
N MET B 86 21.76 4.98 41.34
CA MET B 86 22.69 5.48 42.34
C MET B 86 22.98 4.41 43.39
N VAL B 87 21.92 3.72 43.86
CA VAL B 87 22.04 2.74 44.93
C VAL B 87 22.98 1.59 44.51
N ALA B 88 22.91 1.18 43.23
CA ALA B 88 23.72 0.07 42.73
C ALA B 88 25.23 0.33 42.88
N ARG B 89 25.67 1.55 42.55
CA ARG B 89 27.07 1.91 42.61
C ARG B 89 27.56 1.99 44.07
N ARG B 90 26.79 2.63 44.94
CA ARG B 90 27.23 2.88 46.31
C ARG B 90 27.16 1.62 47.18
N GLU B 91 26.06 0.85 47.10
CA GLU B 91 25.84 -0.27 48.00
C GLU B 91 25.91 -1.62 47.28
N GLY B 92 26.32 -1.66 46.01
CA GLY B 92 26.39 -2.91 45.27
C GLY B 92 25.03 -3.34 44.75
N VAL B 93 25.01 -4.41 43.94
CA VAL B 93 23.80 -4.86 43.27
C VAL B 93 22.76 -5.36 44.28
N LEU B 94 23.21 -5.88 45.42
CA LEU B 94 22.34 -6.57 46.37
C LEU B 94 21.19 -5.67 46.84
N ALA B 95 21.49 -4.39 47.13
CA ALA B 95 20.49 -3.52 47.73
C ALA B 95 19.30 -3.28 46.80
N LEU B 96 19.58 -3.19 45.49
CA LEU B 96 18.54 -3.04 44.48
C LEU B 96 17.42 -4.03 44.72
N GLU B 97 17.79 -5.24 45.14
CA GLU B 97 16.82 -6.29 45.41
C GLU B 97 15.79 -5.80 46.41
N GLN B 98 16.24 -5.12 47.47
CA GLN B 98 15.34 -4.62 48.50
C GLN B 98 14.37 -3.58 47.91
N LYS B 99 14.92 -2.67 47.08
CA LYS B 99 14.13 -1.57 46.54
C LYS B 99 13.08 -2.12 45.57
N VAL B 100 13.47 -3.10 44.73
CA VAL B 100 12.57 -3.59 43.68
C VAL B 100 11.68 -4.72 44.19
N LEU B 101 11.69 -4.99 45.49
CA LEU B 101 10.94 -6.08 46.08
C LEU B 101 9.44 -5.89 45.81
N ASP B 102 8.93 -4.65 45.87
CA ASP B 102 7.49 -4.43 45.86
C ASP B 102 7.05 -3.47 44.76
N HIS B 103 7.92 -3.11 43.80
CA HIS B 103 7.56 -2.09 42.82
C HIS B 103 6.32 -2.57 42.06
N PRO B 104 5.32 -1.70 41.82
CA PRO B 104 4.07 -2.13 41.20
C PRO B 104 4.17 -2.43 39.71
N ASN B 105 5.31 -2.12 39.06
CA ASN B 105 5.54 -2.46 37.67
C ASN B 105 6.31 -3.78 37.53
N ILE B 106 5.66 -4.79 36.94
CA ILE B 106 6.17 -6.15 36.90
C ILE B 106 7.39 -6.24 36.00
N PHE B 107 7.36 -5.56 34.85
CA PHE B 107 8.41 -5.66 33.86
C PHE B 107 9.72 -5.14 34.43
N LEU B 108 9.66 -4.05 35.21
CA LEU B 108 10.85 -3.51 35.84
C LEU B 108 11.33 -4.46 36.94
N ARG B 109 10.39 -5.02 37.73
CA ARG B 109 10.73 -5.89 38.85
C ARG B 109 11.54 -7.08 38.34
N GLU B 110 11.10 -7.70 37.24
CA GLU B 110 11.80 -8.84 36.69
C GLU B 110 13.13 -8.40 36.09
N GLY B 111 13.12 -7.42 35.17
CA GLY B 111 14.34 -6.96 34.54
C GLY B 111 15.49 -6.80 35.54
N ILE B 112 15.19 -6.13 36.67
CA ILE B 112 16.17 -5.98 37.72
C ILE B 112 16.52 -7.33 38.33
N GLN B 113 15.52 -8.21 38.52
CA GLN B 113 15.79 -9.52 39.11
C GLN B 113 16.81 -10.29 38.28
N LEU B 114 16.69 -10.24 36.94
CA LEU B 114 17.62 -10.89 36.03
C LEU B 114 19.04 -10.31 36.20
N VAL B 115 19.18 -9.02 36.51
CA VAL B 115 20.49 -8.41 36.75
C VAL B 115 21.06 -8.82 38.11
N VAL B 116 20.23 -8.90 39.15
CA VAL B 116 20.67 -9.31 40.47
C VAL B 116 21.12 -10.77 40.46
N ASP B 117 20.39 -11.63 39.73
CA ASP B 117 20.75 -13.03 39.54
C ASP B 117 22.09 -13.18 38.79
N GLY B 118 22.54 -12.13 38.08
CA GLY B 118 23.86 -12.07 37.49
C GLY B 118 23.93 -12.41 36.00
N THR B 119 22.81 -12.36 35.28
CA THR B 119 22.78 -12.68 33.85
C THR B 119 23.54 -11.63 33.05
N ASP B 120 24.12 -12.05 31.91
CA ASP B 120 24.95 -11.18 31.09
C ASP B 120 24.09 -10.19 30.27
N GLN B 121 24.69 -9.10 29.78
CA GLN B 121 23.97 -8.03 29.11
C GLN B 121 23.16 -8.52 27.89
N PRO B 122 23.74 -9.26 26.90
CA PRO B 122 22.97 -9.60 25.71
C PRO B 122 21.83 -10.58 25.98
N ILE B 123 21.95 -11.44 27.00
CA ILE B 123 20.87 -12.34 27.34
C ILE B 123 19.76 -11.60 28.09
N VAL B 124 20.07 -10.65 28.98
CA VAL B 124 18.99 -9.89 29.62
C VAL B 124 18.27 -9.00 28.60
N ARG B 125 18.99 -8.41 27.65
CA ARG B 125 18.38 -7.76 26.50
C ARG B 125 17.42 -8.70 25.77
N GLN B 126 17.84 -9.93 25.45
CA GLN B 126 17.05 -10.87 24.65
C GLN B 126 15.75 -11.21 25.38
N ILE B 127 15.80 -11.53 26.67
CA ILE B 127 14.61 -11.97 27.37
C ILE B 127 13.61 -10.82 27.49
N MET B 128 14.08 -9.61 27.79
CA MET B 128 13.23 -8.42 27.92
C MET B 128 12.58 -8.11 26.57
N GLU B 129 13.35 -8.14 25.48
CA GLU B 129 12.85 -7.81 24.16
C GLU B 129 11.75 -8.80 23.74
N LEU B 130 11.85 -10.08 24.09
CA LEU B 130 10.80 -11.05 23.77
C LEU B 130 9.47 -10.68 24.43
N ASP B 131 9.53 -10.12 25.64
CA ASP B 131 8.32 -9.71 26.35
C ASP B 131 7.69 -8.46 25.70
N ILE B 132 8.52 -7.52 25.23
CA ILE B 132 8.02 -6.36 24.53
C ILE B 132 7.40 -6.79 23.20
N ASP B 133 8.05 -7.67 22.44
CA ASP B 133 7.52 -8.11 21.16
C ASP B 133 6.18 -8.81 21.34
N ALA B 134 6.04 -9.60 22.39
CA ALA B 134 4.76 -10.25 22.67
C ALA B 134 3.64 -9.25 22.94
N LYS B 135 3.90 -8.17 23.69
CA LYS B 135 2.90 -7.15 23.98
C LYS B 135 2.54 -6.39 22.69
N GLU B 136 3.52 -6.10 21.82
CA GLU B 136 3.25 -5.40 20.59
C GLU B 136 2.35 -6.24 19.68
N GLN B 137 2.60 -7.55 19.59
CA GLN B 137 1.82 -8.43 18.74
C GLN B 137 0.40 -8.61 19.25
N GLU B 138 0.22 -8.62 20.57
CA GLU B 138 -1.10 -8.76 21.17
C GLU B 138 -2.00 -7.58 20.81
N HIS B 139 -1.48 -6.35 20.91
CA HIS B 139 -2.23 -5.15 20.58
C HIS B 139 -2.50 -5.03 19.08
N ASP B 140 -1.56 -5.46 18.26
CA ASP B 140 -1.76 -5.46 16.82
C ASP B 140 -2.93 -6.37 16.44
N ASN B 141 -3.04 -7.54 17.07
CA ASN B 141 -4.10 -8.47 16.74
C ASN B 141 -5.49 -7.92 17.11
N TYR B 142 -5.60 -7.11 18.17
CA TYR B 142 -6.87 -6.47 18.50
C TYR B 142 -7.25 -5.45 17.43
N ALA B 143 -6.31 -4.61 17.05
CA ALA B 143 -6.57 -3.61 16.04
C ALA B 143 -7.02 -4.25 14.72
N LYS B 144 -6.41 -5.34 14.31
CA LYS B 144 -6.75 -5.97 13.06
C LYS B 144 -8.23 -6.38 12.98
N LEU B 145 -8.87 -6.79 14.08
CA LEU B 145 -10.26 -7.17 13.94
C LEU B 145 -11.12 -5.97 13.58
N PHE B 146 -10.87 -4.81 14.20
CA PHE B 146 -11.67 -3.63 13.93
C PHE B 146 -11.40 -3.12 12.53
N GLU B 147 -10.13 -3.07 12.13
CA GLU B 147 -9.82 -2.59 10.79
C GLU B 147 -10.53 -3.45 9.75
N SER B 148 -10.66 -4.75 10.00
CA SER B 148 -11.28 -5.67 9.07
C SER B 148 -12.80 -5.49 9.00
N ALA B 149 -13.47 -5.33 10.13
CA ALA B 149 -14.89 -5.00 10.09
C ALA B 149 -15.16 -3.70 9.35
N GLY B 150 -14.27 -2.73 9.52
CA GLY B 150 -14.34 -1.46 8.80
C GLY B 150 -14.20 -1.59 7.28
N SER B 151 -13.47 -2.61 6.84
CA SER B 151 -13.34 -2.91 5.43
C SER B 151 -14.60 -3.54 4.84
N TYR B 152 -15.25 -4.45 5.57
CA TYR B 152 -16.33 -5.22 5.01
C TYR B 152 -17.67 -4.52 5.17
N ALA B 153 -17.79 -3.60 6.13
CA ALA B 153 -19.09 -2.98 6.30
C ALA B 153 -19.47 -2.13 5.08
N PRO B 154 -18.60 -1.24 4.57
CA PRO B 154 -18.96 -0.42 3.42
C PRO B 154 -19.39 -1.28 2.23
N THR B 155 -18.68 -2.37 1.94
CA THR B 155 -19.03 -3.23 0.84
C THR B 155 -20.37 -3.92 1.10
N MET B 156 -20.65 -4.33 2.32
CA MET B 156 -21.97 -4.92 2.55
C MET B 156 -23.07 -3.91 2.29
N GLY B 157 -22.77 -2.62 2.48
CA GLY B 157 -23.64 -1.55 2.05
C GLY B 157 -24.01 -1.59 0.57
N ILE B 158 -23.03 -1.80 -0.31
CA ILE B 158 -23.33 -1.85 -1.73
C ILE B 158 -24.07 -3.12 -2.08
N ILE B 159 -23.84 -4.24 -1.39
CA ILE B 159 -24.67 -5.42 -1.55
C ILE B 159 -26.12 -5.08 -1.22
N GLY B 160 -26.34 -4.39 -0.10
CA GLY B 160 -27.68 -4.03 0.32
C GLY B 160 -28.37 -3.12 -0.70
N THR B 161 -27.64 -2.14 -1.24
CA THR B 161 -28.21 -1.20 -2.19
C THR B 161 -28.67 -1.91 -3.47
N VAL B 162 -27.81 -2.77 -4.02
CA VAL B 162 -28.13 -3.48 -5.24
C VAL B 162 -29.30 -4.41 -4.99
N MET B 163 -29.37 -5.06 -3.83
CA MET B 163 -30.56 -5.84 -3.51
C MET B 163 -31.83 -4.98 -3.49
N GLY B 164 -31.69 -3.72 -3.05
CA GLY B 164 -32.79 -2.78 -3.06
C GLY B 164 -33.33 -2.53 -4.46
N LEU B 165 -32.44 -2.21 -5.42
CA LEU B 165 -32.82 -1.94 -6.79
C LEU B 165 -33.60 -3.11 -7.39
N ILE B 166 -33.15 -4.35 -7.12
CA ILE B 166 -33.81 -5.53 -7.68
C ILE B 166 -35.26 -5.52 -7.23
N GLN B 167 -35.48 -5.25 -5.93
CA GLN B 167 -36.83 -5.35 -5.40
C GLN B 167 -37.72 -4.28 -6.05
N VAL B 168 -37.18 -3.06 -6.20
CA VAL B 168 -37.97 -1.95 -6.73
C VAL B 168 -38.29 -2.20 -8.19
N LEU B 169 -37.31 -2.64 -8.99
CA LEU B 169 -37.60 -2.91 -10.39
C LEU B 169 -38.52 -4.11 -10.49
N GLY B 170 -38.22 -5.19 -9.74
CA GLY B 170 -39.15 -6.30 -9.58
C GLY B 170 -40.57 -5.83 -9.25
N HIS B 171 -40.71 -4.71 -8.51
CA HIS B 171 -42.02 -4.14 -8.26
C HIS B 171 -42.10 -2.70 -8.73
N LEU B 172 -41.82 -2.46 -10.03
CA LEU B 172 -41.90 -1.13 -10.60
C LEU B 172 -43.26 -0.92 -11.26
N THR B 173 -43.84 -1.98 -11.82
CA THR B 173 -45.18 -1.91 -12.41
C THR B 173 -46.14 -1.18 -11.46
N ASP B 174 -46.11 -1.56 -10.17
CA ASP B 174 -46.85 -0.83 -9.15
C ASP B 174 -45.94 0.24 -8.57
N PRO B 175 -46.07 1.52 -9.02
CA PRO B 175 -45.22 2.60 -8.52
C PRO B 175 -45.53 2.91 -7.06
N SER B 176 -46.66 2.37 -6.55
CA SER B 176 -47.06 2.57 -5.17
C SER B 176 -46.21 1.74 -4.20
N GLN B 177 -45.41 0.78 -4.69
CA GLN B 177 -44.47 0.07 -3.84
C GLN B 177 -43.02 0.52 -4.06
N LEU B 178 -42.81 1.60 -4.80
CA LEU B 178 -41.49 2.11 -5.14
C LEU B 178 -40.76 2.55 -3.87
N GLY B 179 -41.47 3.25 -2.98
CA GLY B 179 -40.84 3.84 -1.80
C GLY B 179 -40.15 2.83 -0.90
N PRO B 180 -40.85 1.79 -0.39
CA PRO B 180 -40.26 0.85 0.56
C PRO B 180 -38.87 0.38 0.13
N SER B 181 -38.62 0.44 -1.19
CA SER B 181 -37.31 0.09 -1.71
C SER B 181 -36.34 1.26 -1.62
N ILE B 182 -36.73 2.46 -2.09
CA ILE B 182 -35.77 3.56 -2.07
C ILE B 182 -35.15 3.72 -0.67
N ALA B 183 -35.96 3.50 0.37
CA ALA B 183 -35.49 3.54 1.74
C ALA B 183 -34.39 2.54 1.97
N VAL B 184 -34.67 1.26 1.69
CA VAL B 184 -33.73 0.19 1.99
C VAL B 184 -32.44 0.39 1.20
N ALA B 185 -32.57 0.94 -0.02
CA ALA B 185 -31.40 1.24 -0.82
C ALA B 185 -30.48 2.20 -0.08
N PHE B 186 -31.05 3.31 0.37
CA PHE B 186 -30.22 4.38 0.92
C PHE B 186 -29.73 3.95 2.29
N ILE B 187 -30.66 3.47 3.11
CA ILE B 187 -30.32 3.19 4.50
C ILE B 187 -29.25 2.12 4.58
N ALA B 188 -29.30 1.13 3.71
CA ALA B 188 -28.20 0.17 3.67
C ALA B 188 -26.90 0.86 3.31
N THR B 189 -26.92 1.85 2.41
CA THR B 189 -25.73 2.65 2.18
C THR B 189 -25.32 3.41 3.43
N LEU B 190 -26.26 4.09 4.05
CA LEU B 190 -25.97 4.95 5.19
C LEU B 190 -25.35 4.15 6.34
N TYR B 191 -25.91 3.00 6.71
CA TYR B 191 -25.36 2.16 7.77
C TYR B 191 -23.94 1.68 7.47
N GLY B 192 -23.65 1.47 6.20
CA GLY B 192 -22.32 1.08 5.80
C GLY B 192 -21.27 2.14 6.09
N VAL B 193 -21.42 3.32 5.47
CA VAL B 193 -20.41 4.36 5.57
C VAL B 193 -20.31 4.90 6.98
N ALA B 194 -21.45 4.92 7.68
CA ALA B 194 -21.47 5.49 9.02
C ALA B 194 -20.73 4.55 9.96
N SER B 195 -21.23 3.31 10.10
CA SER B 195 -20.62 2.37 11.05
C SER B 195 -19.12 2.29 10.83
N ALA B 196 -18.67 2.20 9.60
CA ALA B 196 -17.28 1.97 9.32
C ALA B 196 -16.46 3.20 9.68
N ASN B 197 -16.94 4.42 9.37
CA ASN B 197 -16.11 5.61 9.52
C ASN B 197 -16.34 6.39 10.81
N LEU B 198 -17.10 5.85 11.76
CA LEU B 198 -17.34 6.50 13.03
C LEU B 198 -17.26 5.54 14.22
N ILE B 199 -17.40 4.22 14.04
CA ILE B 199 -17.42 3.26 15.14
C ILE B 199 -16.29 2.26 14.97
N PHE B 200 -15.93 1.87 13.73
CA PHE B 200 -14.97 0.80 13.53
C PHE B 200 -13.61 1.36 13.21
N LEU B 201 -13.48 2.11 12.12
CA LEU B 201 -12.15 2.58 11.77
C LEU B 201 -11.61 3.56 12.82
N PRO B 202 -12.42 4.43 13.46
CA PRO B 202 -11.94 5.23 14.59
C PRO B 202 -11.40 4.40 15.76
N ILE B 203 -12.08 3.36 16.21
CA ILE B 203 -11.61 2.54 17.32
C ILE B 203 -10.27 1.90 17.00
N ALA B 204 -10.08 1.47 15.75
CA ALA B 204 -8.82 0.87 15.37
C ALA B 204 -7.66 1.84 15.58
N SER B 205 -7.86 3.13 15.25
CA SER B 205 -6.78 4.11 15.39
C SER B 205 -6.42 4.33 16.85
N LYS B 206 -7.41 4.28 17.74
CA LYS B 206 -7.13 4.48 19.15
C LYS B 206 -6.32 3.32 19.68
N ILE B 207 -6.66 2.08 19.29
CA ILE B 207 -5.96 0.92 19.80
C ILE B 207 -4.49 1.01 19.40
N ARG B 208 -4.22 1.43 18.17
CA ARG B 208 -2.85 1.52 17.72
C ARG B 208 -2.12 2.67 18.41
N ALA B 209 -2.81 3.79 18.64
CA ALA B 209 -2.20 4.91 19.35
C ALA B 209 -1.93 4.56 20.80
N LYS B 210 -2.92 4.00 21.50
CA LYS B 210 -2.75 3.79 22.93
C LYS B 210 -1.83 2.61 23.17
N SER B 211 -1.55 1.83 22.13
CA SER B 211 -0.51 0.81 22.23
C SER B 211 0.84 1.49 22.13
N ALA B 212 1.07 2.20 21.02
CA ALA B 212 2.37 2.84 20.80
C ALA B 212 2.91 3.53 22.06
N GLU B 213 2.03 4.08 22.88
CA GLU B 213 2.45 4.68 24.13
C GLU B 213 2.90 3.63 25.12
N GLU B 214 2.18 2.51 25.23
CA GLU B 214 2.55 1.46 26.18
C GLU B 214 3.88 0.80 25.80
N ILE B 215 4.11 0.60 24.51
CA ILE B 215 5.37 0.04 24.06
C ILE B 215 6.54 1.00 24.36
N LEU B 216 6.34 2.30 24.20
CA LEU B 216 7.41 3.25 24.48
C LEU B 216 7.77 3.28 25.96
N VAL B 217 6.81 3.09 26.87
CA VAL B 217 7.13 2.95 28.28
C VAL B 217 7.94 1.69 28.54
N MET B 218 7.62 0.57 27.88
CA MET B 218 8.41 -0.63 28.10
C MET B 218 9.84 -0.46 27.57
N GLU B 219 10.01 0.21 26.41
CA GLU B 219 11.35 0.46 25.90
C GLU B 219 12.16 1.37 26.83
N MET B 220 11.52 2.32 27.50
CA MET B 220 12.20 3.12 28.49
C MET B 220 12.70 2.28 29.66
N ILE B 221 11.87 1.37 30.16
CA ILE B 221 12.26 0.50 31.26
C ILE B 221 13.41 -0.41 30.85
N LEU B 222 13.43 -0.92 29.62
CA LEU B 222 14.53 -1.74 29.14
C LEU B 222 15.84 -0.94 29.11
N GLU B 223 15.82 0.29 28.61
CA GLU B 223 17.02 1.09 28.59
C GLU B 223 17.48 1.49 30.00
N GLY B 224 16.53 1.66 30.91
CA GLY B 224 16.82 1.85 32.33
C GLY B 224 17.54 0.66 32.94
N VAL B 225 17.05 -0.56 32.74
CA VAL B 225 17.65 -1.76 33.31
C VAL B 225 19.05 -1.99 32.74
N LEU B 226 19.24 -1.81 31.43
CA LEU B 226 20.55 -2.02 30.84
C LEU B 226 21.54 -0.96 31.33
N SER B 227 21.10 0.31 31.45
CA SER B 227 21.98 1.35 31.95
C SER B 227 22.34 1.16 33.43
N VAL B 228 21.42 0.64 34.26
CA VAL B 228 21.71 0.26 35.64
C VAL B 228 22.76 -0.85 35.69
N GLN B 229 22.69 -1.84 34.78
CA GLN B 229 23.65 -2.93 34.79
C GLN B 229 25.06 -2.46 34.39
N ASN B 230 25.19 -1.50 33.46
CA ASN B 230 26.47 -0.91 33.09
C ASN B 230 27.19 -0.22 34.26
N GLY B 231 26.42 0.32 35.23
CA GLY B 231 26.96 1.22 36.25
C GLY B 231 27.17 2.64 35.70
N ASP B 232 26.32 3.03 34.74
CA ASP B 232 26.31 4.40 34.24
C ASP B 232 25.94 5.38 35.36
N ASN B 233 26.45 6.62 35.25
CA ASN B 233 26.18 7.67 36.24
C ASN B 233 24.76 8.23 36.06
N ALA B 234 24.25 8.88 37.11
CA ALA B 234 22.88 9.37 37.17
C ALA B 234 22.58 10.40 36.07
N LEU B 235 23.57 11.21 35.66
CA LEU B 235 23.36 12.22 34.62
C LEU B 235 23.14 11.55 33.26
N LEU B 236 23.92 10.51 32.96
CA LEU B 236 23.76 9.73 31.74
C LEU B 236 22.40 9.03 31.73
N VAL B 237 22.01 8.40 32.85
CA VAL B 237 20.72 7.71 32.94
C VAL B 237 19.58 8.70 32.72
N ARG B 238 19.59 9.83 33.41
CA ARG B 238 18.51 10.79 33.29
C ARG B 238 18.42 11.34 31.86
N LYS B 239 19.57 11.60 31.22
CA LYS B 239 19.62 12.10 29.85
C LYS B 239 19.03 11.08 28.88
N LYS B 240 19.48 9.82 28.97
CA LYS B 240 19.09 8.77 28.05
C LYS B 240 17.59 8.49 28.14
N LEU B 241 17.09 8.33 29.37
CA LEU B 241 15.68 7.98 29.57
C LEU B 241 14.77 9.14 29.20
N ASN B 242 15.21 10.38 29.38
CA ASN B 242 14.42 11.53 28.99
C ASN B 242 14.10 11.54 27.50
N THR B 243 14.92 10.92 26.62
CA THR B 243 14.59 10.87 25.21
C THR B 243 13.26 10.18 24.92
N TYR B 244 12.81 9.28 25.81
CA TYR B 244 11.54 8.56 25.62
C TYR B 244 10.31 9.36 26.09
N ILE B 245 10.49 10.47 26.82
CA ILE B 245 9.37 11.20 27.39
C ILE B 245 9.02 12.43 26.54
N THR B 246 7.72 12.58 26.28
CA THR B 246 7.16 13.68 25.49
C THR B 246 6.90 14.91 26.38
N MET C 1 -14.83 -29.34 9.77
CA MET C 1 -15.33 -27.94 9.68
C MET C 1 -15.07 -27.24 11.01
N ASP C 2 -14.78 -25.93 10.93
CA ASP C 2 -14.35 -25.12 12.07
C ASP C 2 -15.50 -24.22 12.56
N ILE C 3 -15.70 -24.11 13.88
CA ILE C 3 -16.93 -23.56 14.46
C ILE C 3 -17.14 -22.09 14.08
N ALA C 4 -16.09 -21.30 14.00
CA ALA C 4 -16.24 -19.90 13.62
C ALA C 4 -16.67 -19.78 12.14
N THR C 5 -16.13 -20.65 11.28
CA THR C 5 -16.54 -20.64 9.88
C THR C 5 -18.00 -21.11 9.75
N LEU C 6 -18.39 -22.14 10.49
CA LEU C 6 -19.75 -22.65 10.42
C LEU C 6 -20.75 -21.58 10.88
N ILE C 7 -20.50 -20.93 12.02
CA ILE C 7 -21.36 -19.86 12.51
C ILE C 7 -21.36 -18.67 11.54
N GLY C 8 -20.20 -18.37 10.94
CA GLY C 8 -20.09 -17.30 9.96
C GLY C 8 -20.92 -17.55 8.71
N LEU C 9 -20.89 -18.76 8.16
CA LEU C 9 -21.65 -19.11 6.97
C LEU C 9 -23.15 -19.16 7.27
N ILE C 10 -23.54 -19.64 8.46
CA ILE C 10 -24.93 -19.60 8.90
C ILE C 10 -25.42 -18.15 8.97
N ALA C 11 -24.66 -17.28 9.65
CA ALA C 11 -25.04 -15.89 9.83
C ALA C 11 -25.09 -15.15 8.48
N GLY C 12 -24.13 -15.43 7.59
CA GLY C 12 -24.06 -14.79 6.29
C GLY C 12 -25.24 -15.17 5.39
N ALA C 13 -25.55 -16.47 5.34
CA ALA C 13 -26.67 -16.96 4.56
C ALA C 13 -27.99 -16.40 5.08
N VAL C 14 -28.22 -16.45 6.41
CA VAL C 14 -29.42 -15.87 7.01
C VAL C 14 -29.45 -14.35 6.80
N ALA C 15 -28.29 -13.70 6.85
CA ALA C 15 -28.17 -12.27 6.69
C ALA C 15 -28.65 -11.79 5.30
N ILE C 16 -28.16 -12.43 4.25
CA ILE C 16 -28.41 -11.99 2.90
C ILE C 16 -29.78 -12.49 2.43
N ILE C 17 -30.04 -13.80 2.58
CA ILE C 17 -31.27 -14.41 2.09
C ILE C 17 -32.45 -13.96 2.96
N GLY C 18 -32.29 -13.92 4.28
CA GLY C 18 -33.34 -13.42 5.17
C GLY C 18 -33.71 -11.96 4.89
N GLY C 19 -32.70 -11.15 4.56
CA GLY C 19 -32.91 -9.78 4.14
C GLY C 19 -33.77 -9.67 2.89
N PHE C 20 -33.50 -10.50 1.88
CA PHE C 20 -34.29 -10.49 0.65
C PHE C 20 -35.71 -11.00 0.91
N LEU C 21 -35.85 -12.15 1.57
CA LEU C 21 -37.12 -12.84 1.77
C LEU C 21 -38.08 -12.06 2.66
N TRP C 22 -37.59 -11.17 3.54
CA TRP C 22 -38.43 -10.25 4.29
C TRP C 22 -39.29 -9.35 3.38
N GLU C 23 -38.74 -8.92 2.25
CA GLU C 23 -39.43 -8.12 1.26
C GLU C 23 -40.21 -8.97 0.24
N GLY C 24 -40.20 -10.31 0.38
CA GLY C 24 -41.09 -11.18 -0.37
C GLY C 24 -40.55 -11.66 -1.72
N GLY C 25 -39.42 -11.09 -2.17
CA GLY C 25 -38.87 -11.44 -3.48
C GLY C 25 -38.33 -12.87 -3.54
N GLN C 26 -38.59 -13.59 -4.65
CA GLN C 26 -38.25 -15.00 -4.75
C GLN C 26 -36.75 -15.12 -5.00
N ILE C 27 -36.11 -16.19 -4.46
CA ILE C 27 -34.68 -16.42 -4.70
C ILE C 27 -34.41 -16.64 -6.19
N THR C 28 -35.38 -17.14 -6.95
CA THR C 28 -35.27 -17.33 -8.39
C THR C 28 -35.01 -16.01 -9.14
N GLY C 29 -35.43 -14.87 -8.58
CA GLY C 29 -35.13 -13.56 -9.14
C GLY C 29 -33.66 -13.15 -8.97
N LEU C 30 -33.05 -13.62 -7.87
CA LEU C 30 -31.66 -13.32 -7.54
C LEU C 30 -30.70 -14.29 -8.25
N PHE C 31 -31.17 -15.46 -8.69
CA PHE C 31 -30.39 -16.39 -9.48
C PHE C 31 -30.41 -16.03 -10.97
N GLN C 32 -29.24 -16.03 -11.62
CA GLN C 32 -29.11 -15.81 -13.05
C GLN C 32 -28.03 -16.71 -13.63
N GLY C 33 -28.27 -17.27 -14.83
CA GLY C 33 -27.29 -18.08 -15.53
C GLY C 33 -26.09 -17.27 -16.03
N THR C 34 -26.34 -16.24 -16.83
CA THR C 34 -25.25 -15.58 -17.54
C THR C 34 -24.34 -14.84 -16.58
N ALA C 35 -24.90 -14.24 -15.51
CA ALA C 35 -24.12 -13.54 -14.51
C ALA C 35 -23.20 -14.50 -13.77
N ALA C 36 -23.67 -15.70 -13.44
CA ALA C 36 -22.81 -16.71 -12.85
C ALA C 36 -21.69 -17.12 -13.79
N LEU C 37 -22.01 -17.34 -15.08
CA LEU C 37 -21.01 -17.78 -16.04
C LEU C 37 -19.95 -16.70 -16.25
N ILE C 38 -20.33 -15.43 -16.37
CA ILE C 38 -19.36 -14.39 -16.62
C ILE C 38 -18.48 -14.17 -15.39
N VAL C 39 -19.05 -14.09 -14.18
CA VAL C 39 -18.28 -13.75 -12.99
C VAL C 39 -17.44 -14.92 -12.53
N PHE C 40 -18.03 -16.11 -12.41
CA PHE C 40 -17.28 -17.26 -11.91
C PHE C 40 -16.39 -17.81 -13.00
N GLY C 41 -16.88 -17.91 -14.23
CA GLY C 41 -16.06 -18.38 -15.33
C GLY C 41 -14.89 -17.42 -15.59
N GLY C 42 -15.13 -16.11 -15.51
CA GLY C 42 -14.09 -15.12 -15.66
C GLY C 42 -13.06 -15.21 -14.54
N THR C 43 -13.48 -15.43 -13.30
CA THR C 43 -12.55 -15.52 -12.20
C THR C 43 -11.67 -16.75 -12.38
N ILE C 44 -12.25 -17.91 -12.72
CA ILE C 44 -11.49 -19.14 -12.94
C ILE C 44 -10.48 -18.94 -14.06
N ALA C 45 -10.88 -18.28 -15.14
CA ALA C 45 -9.98 -18.02 -16.25
C ALA C 45 -8.80 -17.14 -15.84
N ALA C 46 -9.06 -16.04 -15.14
CA ALA C 46 -8.04 -15.11 -14.73
C ALA C 46 -7.04 -15.76 -13.75
N VAL C 47 -7.55 -16.59 -12.82
CA VAL C 47 -6.66 -17.26 -11.89
C VAL C 47 -5.83 -18.33 -12.61
N LEU C 48 -6.41 -19.09 -13.53
CA LEU C 48 -5.65 -20.07 -14.27
C LEU C 48 -4.55 -19.43 -15.12
N ILE C 49 -4.78 -18.29 -15.75
CA ILE C 49 -3.71 -17.67 -16.52
C ILE C 49 -2.63 -17.16 -15.57
N SER C 50 -3.04 -16.70 -14.36
CA SER C 50 -2.16 -16.04 -13.40
C SER C 50 -1.12 -16.95 -12.74
N TYR C 51 -1.40 -18.25 -12.57
CA TYR C 51 -0.54 -19.15 -11.83
C TYR C 51 -0.22 -20.39 -12.65
N PRO C 52 0.95 -21.03 -12.41
CA PRO C 52 1.25 -22.34 -12.99
C PRO C 52 0.25 -23.39 -12.52
N MET C 53 0.17 -24.53 -13.22
CA MET C 53 -0.78 -25.55 -12.85
C MET C 53 -0.53 -26.14 -11.45
N HIS C 54 0.73 -26.32 -11.06
CA HIS C 54 1.00 -26.97 -9.78
C HIS C 54 0.46 -26.20 -8.58
N ARG C 55 0.40 -24.86 -8.66
CA ARG C 55 -0.14 -24.08 -7.57
C ARG C 55 -1.63 -24.31 -7.44
N ILE C 56 -2.35 -24.52 -8.54
CA ILE C 56 -3.78 -24.75 -8.45
C ILE C 56 -4.11 -26.08 -7.74
N ARG C 57 -3.27 -27.10 -7.91
CA ARG C 57 -3.43 -28.30 -7.11
C ARG C 57 -3.21 -28.04 -5.60
N THR C 58 -2.44 -27.02 -5.21
CA THR C 58 -2.39 -26.64 -3.80
C THR C 58 -3.70 -26.05 -3.26
N LEU C 59 -4.63 -25.57 -4.12
CA LEU C 59 -5.87 -24.98 -3.61
C LEU C 59 -6.60 -25.91 -2.61
N PRO C 60 -6.78 -27.22 -2.90
CA PRO C 60 -7.26 -28.15 -1.88
C PRO C 60 -6.56 -28.10 -0.53
N ALA C 61 -5.23 -28.03 -0.54
CA ALA C 61 -4.47 -28.02 0.71
C ALA C 61 -4.66 -26.70 1.45
N GLY C 62 -4.87 -25.61 0.72
CA GLY C 62 -5.06 -24.31 1.32
C GLY C 62 -6.32 -24.23 2.18
N ILE C 63 -7.43 -24.74 1.62
CA ILE C 63 -8.68 -24.75 2.33
C ILE C 63 -8.58 -25.64 3.57
N LYS C 64 -7.86 -26.75 3.46
CA LYS C 64 -7.71 -27.65 4.58
C LYS C 64 -6.99 -26.98 5.72
N LEU C 65 -6.11 -26.00 5.52
CA LEU C 65 -5.46 -25.32 6.64
C LEU C 65 -6.41 -24.36 7.33
N ALA C 66 -7.13 -23.56 6.54
CA ALA C 66 -7.97 -22.50 7.07
C ALA C 66 -9.09 -23.05 7.94
N PHE C 67 -9.75 -24.12 7.49
CA PHE C 67 -10.90 -24.66 8.21
C PHE C 67 -10.53 -25.87 9.06
N LYS C 68 -9.23 -26.06 9.34
CA LYS C 68 -8.78 -27.10 10.23
C LYS C 68 -9.16 -26.75 11.66
N PRO C 69 -9.82 -27.65 12.41
CA PRO C 69 -10.19 -27.36 13.79
C PRO C 69 -8.98 -27.17 14.70
N ASN C 70 -9.10 -26.25 15.67
CA ASN C 70 -8.00 -25.98 16.58
C ASN C 70 -7.85 -27.18 17.52
N ARG C 71 -6.65 -27.78 17.50
CA ARG C 71 -6.26 -28.81 18.45
C ARG C 71 -4.85 -28.55 18.99
N SER C 72 -4.42 -27.28 18.98
CA SER C 72 -3.05 -26.86 19.29
C SER C 72 -2.65 -27.32 20.69
N GLU C 73 -1.47 -27.93 20.74
CA GLU C 73 -0.97 -28.63 21.92
C GLU C 73 0.33 -27.98 22.40
N VAL C 74 0.51 -26.69 22.11
CA VAL C 74 1.74 -25.95 22.41
C VAL C 74 2.08 -25.99 23.91
N ASN C 75 1.07 -26.04 24.81
CA ASN C 75 1.30 -26.16 26.24
C ASN C 75 2.04 -27.44 26.60
N GLU C 76 1.64 -28.56 25.96
CA GLU C 76 2.27 -29.85 26.19
C GLU C 76 3.73 -29.80 25.76
N TRP C 77 3.99 -29.21 24.58
CA TRP C 77 5.34 -29.12 24.07
C TRP C 77 6.26 -28.25 24.92
N LEU C 78 5.71 -27.21 25.54
CA LEU C 78 6.51 -26.39 26.43
C LEU C 78 6.93 -27.18 27.66
N GLU C 79 6.08 -28.09 28.15
CA GLU C 79 6.45 -28.93 29.27
C GLU C 79 7.50 -29.97 28.87
N ASP C 80 7.36 -30.56 27.67
CA ASP C 80 8.36 -31.49 27.17
C ASP C 80 9.75 -30.83 27.05
N ILE C 81 9.82 -29.63 26.47
CA ILE C 81 11.09 -28.95 26.28
C ILE C 81 11.73 -28.57 27.62
N VAL C 82 10.93 -28.13 28.59
CA VAL C 82 11.48 -27.77 29.89
C VAL C 82 12.01 -29.02 30.59
N GLU C 83 11.27 -30.13 30.52
CA GLU C 83 11.77 -31.38 31.10
C GLU C 83 13.15 -31.75 30.52
N MET C 84 13.29 -31.71 29.19
CA MET C 84 14.55 -32.09 28.56
C MET C 84 15.68 -31.12 28.96
N SER C 85 15.36 -29.83 29.07
CA SER C 85 16.32 -28.83 29.48
C SER C 85 16.92 -29.17 30.84
N MET C 86 16.17 -29.87 31.70
CA MET C 86 16.75 -30.27 32.98
C MET C 86 17.41 -31.65 32.89
N VAL C 87 16.85 -32.59 32.10
CA VAL C 87 17.48 -33.89 31.88
C VAL C 87 18.83 -33.71 31.18
N ALA C 88 18.91 -32.86 30.15
CA ALA C 88 20.17 -32.65 29.44
C ALA C 88 21.29 -32.14 30.35
N ARG C 89 20.92 -31.22 31.25
CA ARG C 89 21.87 -30.57 32.15
C ARG C 89 22.36 -31.56 33.21
N ARG C 90 21.47 -32.38 33.79
CA ARG C 90 21.84 -33.32 34.84
C ARG C 90 22.62 -34.52 34.28
N GLU C 91 22.04 -35.19 33.27
CA GLU C 91 22.50 -36.51 32.83
C GLU C 91 23.61 -36.41 31.78
N GLY C 92 23.67 -35.28 31.05
CA GLY C 92 24.46 -35.22 29.84
C GLY C 92 23.62 -35.60 28.62
N VAL C 93 24.11 -35.18 27.43
CA VAL C 93 23.28 -35.03 26.25
C VAL C 93 22.76 -36.39 25.75
N LEU C 94 23.46 -37.49 26.02
CA LEU C 94 23.06 -38.80 25.53
C LEU C 94 21.65 -39.20 25.98
N ALA C 95 21.24 -38.83 27.19
CA ALA C 95 19.90 -39.18 27.67
C ALA C 95 18.82 -38.49 26.83
N LEU C 96 19.13 -37.30 26.32
CA LEU C 96 18.20 -36.55 25.50
C LEU C 96 17.80 -37.42 24.31
N GLU C 97 18.77 -38.13 23.72
CA GLU C 97 18.54 -38.87 22.49
C GLU C 97 17.37 -39.83 22.66
N GLN C 98 17.33 -40.55 23.80
CA GLN C 98 16.25 -41.49 24.05
C GLN C 98 14.91 -40.74 24.19
N LYS C 99 14.92 -39.65 24.95
CA LYS C 99 13.67 -38.95 25.25
C LYS C 99 13.07 -38.33 23.98
N VAL C 100 13.91 -37.76 23.12
CA VAL C 100 13.43 -37.08 21.93
C VAL C 100 12.82 -38.07 20.94
N LEU C 101 13.36 -39.30 20.92
CA LEU C 101 12.91 -40.33 19.99
C LEU C 101 11.41 -40.55 20.13
N ASP C 102 10.70 -40.52 18.99
CA ASP C 102 9.29 -40.84 18.92
C ASP C 102 8.39 -39.66 19.28
N HIS C 103 8.94 -38.52 19.75
CA HIS C 103 8.10 -37.35 19.96
C HIS C 103 7.39 -37.04 18.65
N PRO C 104 6.06 -36.77 18.69
CA PRO C 104 5.30 -36.61 17.46
C PRO C 104 5.66 -35.37 16.64
N ASN C 105 6.10 -34.27 17.26
CA ASN C 105 6.49 -33.08 16.50
C ASN C 105 7.84 -33.34 15.81
N ILE C 106 7.85 -33.37 14.47
CA ILE C 106 9.04 -33.69 13.73
C ILE C 106 10.08 -32.58 13.87
N PHE C 107 9.68 -31.30 13.90
CA PHE C 107 10.64 -30.21 13.95
C PHE C 107 11.44 -30.26 15.25
N LEU C 108 10.75 -30.61 16.35
CA LEU C 108 11.42 -30.76 17.64
C LEU C 108 12.36 -31.97 17.61
N ARG C 109 11.89 -33.09 17.03
CA ARG C 109 12.67 -34.33 17.03
C ARG C 109 13.98 -34.10 16.29
N GLU C 110 13.90 -33.47 15.13
CA GLU C 110 15.06 -33.25 14.28
C GLU C 110 16.03 -32.32 14.98
N GLY C 111 15.49 -31.21 15.52
CA GLY C 111 16.34 -30.21 16.12
C GLY C 111 17.30 -30.82 17.14
N ILE C 112 16.76 -31.63 18.04
CA ILE C 112 17.55 -32.19 19.14
C ILE C 112 18.65 -33.08 18.58
N GLN C 113 18.33 -33.86 17.52
CA GLN C 113 19.33 -34.66 16.84
C GLN C 113 20.50 -33.81 16.36
N LEU C 114 20.23 -32.56 15.90
CA LEU C 114 21.32 -31.67 15.57
C LEU C 114 22.21 -31.36 16.77
N VAL C 115 21.58 -31.21 17.96
CA VAL C 115 22.31 -30.87 19.18
C VAL C 115 22.99 -32.11 19.75
N VAL C 116 22.37 -33.30 19.66
CA VAL C 116 23.00 -34.54 20.09
C VAL C 116 24.25 -34.84 19.25
N ASP C 117 24.18 -34.61 17.93
CA ASP C 117 25.32 -34.77 17.03
C ASP C 117 26.37 -33.67 17.21
N GLY C 118 26.15 -32.73 18.15
CA GLY C 118 27.19 -31.81 18.61
C GLY C 118 27.44 -30.63 17.67
N THR C 119 26.52 -30.36 16.74
CA THR C 119 26.72 -29.29 15.76
C THR C 119 26.71 -27.91 16.44
N ASP C 120 27.44 -26.96 15.85
CA ASP C 120 27.68 -25.67 16.48
C ASP C 120 26.40 -24.81 16.45
N GLN C 121 26.24 -23.96 17.48
CA GLN C 121 24.97 -23.27 17.72
C GLN C 121 24.52 -22.42 16.52
N PRO C 122 25.34 -21.57 15.88
CA PRO C 122 24.91 -20.86 14.68
C PRO C 122 24.54 -21.76 13.49
N ILE C 123 25.10 -22.95 13.38
CA ILE C 123 24.70 -23.91 12.36
C ILE C 123 23.32 -24.52 12.69
N VAL C 124 23.05 -24.87 13.95
CA VAL C 124 21.74 -25.36 14.37
C VAL C 124 20.67 -24.31 14.09
N ARG C 125 20.95 -23.06 14.46
CA ARG C 125 20.03 -21.96 14.18
C ARG C 125 19.80 -21.85 12.67
N GLN C 126 20.84 -21.93 11.84
CA GLN C 126 20.69 -21.79 10.39
C GLN C 126 19.77 -22.88 9.82
N ILE C 127 20.01 -24.14 10.16
CA ILE C 127 19.25 -25.23 9.55
C ILE C 127 17.78 -25.17 9.98
N MET C 128 17.51 -24.90 11.26
CA MET C 128 16.16 -24.82 11.80
C MET C 128 15.42 -23.63 11.17
N GLU C 129 16.09 -22.48 11.03
CA GLU C 129 15.45 -21.32 10.45
C GLU C 129 15.11 -21.56 8.98
N LEU C 130 15.90 -22.31 8.20
CA LEU C 130 15.55 -22.64 6.81
C LEU C 130 14.22 -23.39 6.74
N ASP C 131 13.95 -24.27 7.73
CA ASP C 131 12.72 -25.03 7.75
C ASP C 131 11.52 -24.14 8.08
N ILE C 132 11.68 -23.20 9.02
CA ILE C 132 10.62 -22.25 9.33
C ILE C 132 10.37 -21.34 8.14
N ASP C 133 11.40 -20.84 7.48
CA ASP C 133 11.21 -19.98 6.32
C ASP C 133 10.46 -20.70 5.21
N ALA C 134 10.75 -21.97 5.01
CA ALA C 134 10.04 -22.75 4.01
C ALA C 134 8.54 -22.86 4.32
N LYS C 135 8.17 -23.07 5.59
CA LYS C 135 6.78 -23.19 5.97
C LYS C 135 6.08 -21.84 5.85
N GLU C 136 6.74 -20.74 6.18
CA GLU C 136 6.14 -19.42 6.04
C GLU C 136 5.85 -19.10 4.58
N GLN C 137 6.77 -19.46 3.68
CA GLN C 137 6.61 -19.24 2.24
C GLN C 137 5.45 -20.07 1.69
N GLU C 138 5.31 -21.31 2.15
CA GLU C 138 4.25 -22.19 1.67
C GLU C 138 2.87 -21.62 1.99
N HIS C 139 2.65 -21.17 3.24
CA HIS C 139 1.36 -20.64 3.63
C HIS C 139 1.05 -19.29 2.96
N ASP C 140 2.07 -18.48 2.69
CA ASP C 140 1.88 -17.27 1.92
C ASP C 140 1.41 -17.61 0.50
N ASN C 141 1.96 -18.64 -0.11
CA ASN C 141 1.61 -19.02 -1.48
C ASN C 141 0.15 -19.49 -1.57
N TYR C 142 -0.38 -20.14 -0.51
CA TYR C 142 -1.78 -20.52 -0.48
C TYR C 142 -2.68 -19.29 -0.41
N ALA C 143 -2.36 -18.37 0.48
CA ALA C 143 -3.17 -17.19 0.66
C ALA C 143 -3.19 -16.36 -0.62
N LYS C 144 -2.08 -16.23 -1.32
CA LYS C 144 -2.03 -15.44 -2.54
C LYS C 144 -3.02 -15.90 -3.61
N LEU C 145 -3.36 -17.20 -3.68
CA LEU C 145 -4.33 -17.60 -4.68
C LEU C 145 -5.70 -16.97 -4.39
N PHE C 146 -6.18 -17.08 -3.15
CA PHE C 146 -7.50 -16.55 -2.87
C PHE C 146 -7.47 -15.03 -2.93
N GLU C 147 -6.43 -14.41 -2.39
CA GLU C 147 -6.34 -12.96 -2.40
C GLU C 147 -6.48 -12.45 -3.82
N SER C 148 -5.87 -13.16 -4.77
CA SER C 148 -5.94 -12.78 -6.18
C SER C 148 -7.35 -12.98 -6.73
N ALA C 149 -7.90 -14.17 -6.52
CA ALA C 149 -9.27 -14.45 -6.93
C ALA C 149 -10.28 -13.40 -6.42
N GLY C 150 -10.03 -12.85 -5.24
CA GLY C 150 -10.88 -11.82 -4.71
C GLY C 150 -10.64 -10.44 -5.30
N SER C 151 -9.65 -10.26 -6.14
CA SER C 151 -9.40 -9.00 -6.80
C SER C 151 -9.85 -9.05 -8.27
N TYR C 152 -10.07 -10.27 -8.78
CA TYR C 152 -10.48 -10.44 -10.15
C TYR C 152 -11.99 -10.52 -10.23
N ALA C 153 -12.62 -11.05 -9.19
CA ALA C 153 -14.04 -11.30 -9.29
C ALA C 153 -14.82 -10.00 -9.46
N PRO C 154 -14.61 -8.95 -8.62
CA PRO C 154 -15.40 -7.73 -8.78
C PRO C 154 -15.21 -7.14 -10.17
N THR C 155 -14.00 -7.12 -10.72
CA THR C 155 -13.76 -6.55 -12.03
C THR C 155 -14.41 -7.40 -13.10
N MET C 156 -14.54 -8.71 -12.92
CA MET C 156 -15.27 -9.51 -13.87
C MET C 156 -16.74 -9.09 -13.86
N GLY C 157 -17.25 -8.68 -12.70
CA GLY C 157 -18.61 -8.21 -12.61
C GLY C 157 -18.86 -6.95 -13.46
N ILE C 158 -17.95 -5.98 -13.42
CA ILE C 158 -18.06 -4.81 -14.26
C ILE C 158 -18.13 -5.21 -15.75
N ILE C 159 -17.58 -6.36 -16.12
CA ILE C 159 -17.70 -6.86 -17.47
C ILE C 159 -19.10 -7.40 -17.70
N GLY C 160 -19.59 -8.26 -16.80
CA GLY C 160 -20.94 -8.76 -16.94
C GLY C 160 -22.00 -7.65 -16.94
N THR C 161 -21.83 -6.67 -16.07
CA THR C 161 -22.72 -5.54 -15.99
C THR C 161 -22.69 -4.73 -17.28
N VAL C 162 -21.51 -4.45 -17.84
CA VAL C 162 -21.42 -3.65 -19.05
C VAL C 162 -22.06 -4.41 -20.21
N MET C 163 -21.89 -5.72 -20.29
CA MET C 163 -22.53 -6.47 -21.36
C MET C 163 -24.04 -6.43 -21.21
N GLY C 164 -24.54 -6.48 -19.97
CA GLY C 164 -25.97 -6.33 -19.74
C GLY C 164 -26.49 -4.96 -20.19
N LEU C 165 -25.83 -3.90 -19.72
CA LEU C 165 -26.23 -2.55 -20.03
C LEU C 165 -26.12 -2.27 -21.52
N ILE C 166 -25.15 -2.89 -22.23
CA ILE C 166 -25.07 -2.73 -23.66
C ILE C 166 -26.39 -3.19 -24.27
N GLN C 167 -26.94 -4.28 -23.74
CA GLN C 167 -28.19 -4.84 -24.27
C GLN C 167 -29.38 -3.93 -23.93
N VAL C 168 -29.63 -3.71 -22.63
CA VAL C 168 -30.72 -2.87 -22.16
C VAL C 168 -30.77 -1.54 -22.93
N LEU C 169 -29.61 -0.88 -23.07
CA LEU C 169 -29.60 0.41 -23.72
C LEU C 169 -30.09 0.29 -25.16
N GLY C 170 -30.19 -0.92 -25.69
CA GLY C 170 -30.87 -1.15 -26.95
C GLY C 170 -32.37 -0.87 -26.90
N HIS C 171 -32.98 -0.94 -25.70
CA HIS C 171 -34.41 -0.75 -25.53
C HIS C 171 -34.77 0.63 -24.99
N LEU C 172 -34.08 1.69 -25.44
CA LEU C 172 -34.44 3.04 -25.07
C LEU C 172 -35.49 3.59 -26.06
N THR C 173 -35.94 2.74 -26.99
CA THR C 173 -37.06 3.07 -27.87
C THR C 173 -38.37 2.73 -27.16
N ASP C 174 -38.33 1.84 -26.16
CA ASP C 174 -39.53 1.47 -25.43
C ASP C 174 -39.20 1.28 -23.95
N PRO C 175 -39.95 1.90 -23.01
CA PRO C 175 -39.81 1.58 -21.59
C PRO C 175 -40.37 0.19 -21.29
N SER C 176 -40.80 -0.54 -22.34
CA SER C 176 -41.26 -1.90 -22.18
C SER C 176 -40.07 -2.84 -21.92
N GLN C 177 -40.06 -3.46 -20.73
CA GLN C 177 -39.00 -4.36 -20.36
C GLN C 177 -37.68 -3.61 -20.11
N LEU C 178 -37.68 -2.27 -20.08
CA LEU C 178 -36.45 -1.55 -19.78
C LEU C 178 -35.99 -1.86 -18.36
N GLY C 179 -36.94 -1.83 -17.42
CA GLY C 179 -36.61 -2.06 -16.02
C GLY C 179 -36.07 -3.47 -15.79
N PRO C 180 -36.92 -4.52 -15.97
CA PRO C 180 -36.50 -5.90 -15.77
C PRO C 180 -35.19 -6.27 -16.46
N SER C 181 -34.88 -5.60 -17.57
CA SER C 181 -33.59 -5.76 -18.24
C SER C 181 -32.41 -5.18 -17.43
N ILE C 182 -32.60 -4.00 -16.84
CA ILE C 182 -31.58 -3.39 -15.99
C ILE C 182 -31.36 -4.18 -14.70
N ALA C 183 -32.41 -4.77 -14.16
CA ALA C 183 -32.29 -5.63 -12.98
C ALA C 183 -31.29 -6.76 -13.21
N VAL C 184 -31.40 -7.46 -14.34
CA VAL C 184 -30.53 -8.59 -14.62
C VAL C 184 -29.09 -8.12 -14.79
N ALA C 185 -28.86 -6.97 -15.43
CA ALA C 185 -27.52 -6.48 -15.63
C ALA C 185 -26.78 -6.31 -14.30
N PHE C 186 -27.47 -5.73 -13.32
CA PHE C 186 -26.85 -5.50 -12.03
C PHE C 186 -26.64 -6.77 -11.22
N ILE C 187 -27.33 -7.88 -11.50
CA ILE C 187 -27.04 -9.13 -10.82
C ILE C 187 -25.58 -9.53 -10.96
N ALA C 188 -24.98 -9.30 -12.12
CA ALA C 188 -23.57 -9.64 -12.28
C ALA C 188 -22.71 -8.82 -11.36
N THR C 189 -23.06 -7.55 -11.08
CA THR C 189 -22.30 -6.77 -10.11
C THR C 189 -22.43 -7.39 -8.73
N LEU C 190 -23.64 -7.78 -8.34
CA LEU C 190 -23.88 -8.41 -7.06
C LEU C 190 -23.02 -9.66 -6.86
N TYR C 191 -22.91 -10.58 -7.82
CA TYR C 191 -22.10 -11.79 -7.64
C TYR C 191 -20.61 -11.44 -7.52
N GLY C 192 -20.15 -10.46 -8.28
CA GLY C 192 -18.77 -10.05 -8.19
C GLY C 192 -18.37 -9.55 -6.80
N VAL C 193 -19.13 -8.58 -6.27
CA VAL C 193 -18.81 -7.98 -4.99
C VAL C 193 -19.11 -8.95 -3.85
N ALA C 194 -20.21 -9.68 -3.93
CA ALA C 194 -20.61 -10.55 -2.85
C ALA C 194 -19.64 -11.71 -2.69
N SER C 195 -19.19 -12.33 -3.78
CA SER C 195 -18.28 -13.46 -3.68
C SER C 195 -16.93 -13.00 -3.18
N ALA C 196 -16.42 -11.88 -3.70
CA ALA C 196 -15.15 -11.34 -3.26
C ALA C 196 -15.16 -11.06 -1.75
N ASN C 197 -16.18 -10.37 -1.26
CA ASN C 197 -16.19 -9.93 0.13
C ASN C 197 -16.52 -11.06 1.07
N LEU C 198 -17.51 -11.92 0.81
CA LEU C 198 -17.94 -12.90 1.81
C LEU C 198 -17.22 -14.24 1.70
N ILE C 199 -16.62 -14.60 0.56
CA ILE C 199 -15.99 -15.93 0.42
C ILE C 199 -14.49 -15.82 0.19
N PHE C 200 -14.07 -15.17 -0.90
CA PHE C 200 -12.69 -15.22 -1.32
C PHE C 200 -11.79 -14.41 -0.40
N LEU C 201 -12.11 -13.15 -0.16
CA LEU C 201 -11.19 -12.34 0.63
C LEU C 201 -11.18 -12.77 2.08
N PRO C 202 -12.29 -13.18 2.71
CA PRO C 202 -12.26 -13.75 4.04
C PRO C 202 -11.37 -14.99 4.17
N ILE C 203 -11.48 -15.98 3.28
CA ILE C 203 -10.66 -17.19 3.40
C ILE C 203 -9.18 -16.85 3.34
N ALA C 204 -8.79 -15.82 2.58
CA ALA C 204 -7.41 -15.36 2.60
C ALA C 204 -6.98 -14.98 4.02
N SER C 205 -7.84 -14.27 4.75
CA SER C 205 -7.55 -13.83 6.11
C SER C 205 -7.32 -15.01 7.04
N LYS C 206 -8.11 -16.07 6.88
CA LYS C 206 -8.01 -17.18 7.79
C LYS C 206 -6.69 -17.94 7.56
N ILE C 207 -6.29 -18.07 6.29
CA ILE C 207 -5.05 -18.75 5.98
C ILE C 207 -3.89 -18.00 6.60
N ARG C 208 -3.92 -16.67 6.56
CA ARG C 208 -2.86 -15.87 7.12
C ARG C 208 -2.92 -15.87 8.65
N ALA C 209 -4.12 -15.87 9.22
CA ALA C 209 -4.29 -15.94 10.66
C ALA C 209 -3.77 -17.26 11.21
N LYS C 210 -4.21 -18.37 10.63
CA LYS C 210 -3.82 -19.68 11.14
C LYS C 210 -2.36 -20.01 10.83
N SER C 211 -1.81 -19.47 9.73
CA SER C 211 -0.38 -19.58 9.46
C SER C 211 0.44 -18.95 10.58
N ALA C 212 0.08 -17.75 10.96
CA ALA C 212 0.87 -17.03 11.93
C ALA C 212 0.91 -17.78 13.26
N GLU C 213 -0.19 -18.43 13.65
CA GLU C 213 -0.22 -19.22 14.87
C GLU C 213 0.75 -20.40 14.77
N GLU C 214 0.81 -21.08 13.62
CA GLU C 214 1.67 -22.24 13.46
C GLU C 214 3.14 -21.85 13.49
N ILE C 215 3.50 -20.76 12.82
CA ILE C 215 4.88 -20.29 12.81
C ILE C 215 5.32 -19.89 14.22
N LEU C 216 4.45 -19.29 15.05
CA LEU C 216 4.80 -18.96 16.42
C LEU C 216 5.15 -20.20 17.24
N VAL C 217 4.46 -21.33 17.03
CA VAL C 217 4.83 -22.54 17.71
C VAL C 217 6.21 -23.00 17.27
N MET C 218 6.54 -22.92 15.97
CA MET C 218 7.84 -23.37 15.52
C MET C 218 8.94 -22.46 16.07
N GLU C 219 8.71 -21.15 16.16
CA GLU C 219 9.71 -20.26 16.74
C GLU C 219 9.91 -20.54 18.22
N MET C 220 8.88 -21.00 18.95
CA MET C 220 9.07 -21.43 20.31
C MET C 220 10.07 -22.58 20.41
N ILE C 221 9.98 -23.60 19.55
CA ILE C 221 10.90 -24.73 19.60
C ILE C 221 12.32 -24.30 19.27
N LEU C 222 12.50 -23.39 18.31
CA LEU C 222 13.83 -22.86 18.03
C LEU C 222 14.48 -22.21 19.26
N GLU C 223 13.69 -21.51 20.08
CA GLU C 223 14.22 -21.05 21.36
C GLU C 223 14.38 -22.20 22.34
N GLY C 224 13.49 -23.19 22.28
CA GLY C 224 13.62 -24.41 23.07
C GLY C 224 14.91 -25.19 22.81
N VAL C 225 15.19 -25.45 21.54
CA VAL C 225 16.36 -26.25 21.17
C VAL C 225 17.64 -25.48 21.47
N LEU C 226 17.67 -24.17 21.20
CA LEU C 226 18.87 -23.40 21.48
C LEU C 226 19.10 -23.25 22.99
N SER C 227 18.04 -23.09 23.79
CA SER C 227 18.22 -23.02 25.24
C SER C 227 18.67 -24.36 25.84
N VAL C 228 18.22 -25.49 25.28
CA VAL C 228 18.74 -26.80 25.66
C VAL C 228 20.24 -26.93 25.34
N GLN C 229 20.69 -26.39 24.21
CA GLN C 229 22.11 -26.44 23.86
C GLN C 229 22.95 -25.58 24.81
N ASN C 230 22.47 -24.36 25.13
CA ASN C 230 23.20 -23.42 25.98
C ASN C 230 23.33 -23.89 27.42
N GLY C 231 22.35 -24.66 27.91
CA GLY C 231 22.38 -25.18 29.27
C GLY C 231 21.76 -24.21 30.27
N ASP C 232 20.79 -23.41 29.81
CA ASP C 232 20.05 -22.48 30.66
C ASP C 232 19.25 -23.26 31.72
N ASN C 233 19.09 -22.65 32.90
CA ASN C 233 18.39 -23.28 34.02
C ASN C 233 16.87 -23.22 33.81
N ALA C 234 16.15 -24.15 34.44
CA ALA C 234 14.77 -24.46 34.09
C ALA C 234 13.82 -23.26 34.23
N LEU C 235 14.05 -22.40 35.24
CA LEU C 235 13.22 -21.23 35.49
C LEU C 235 13.35 -20.22 34.35
N LEU C 236 14.59 -20.00 33.87
CA LEU C 236 14.84 -19.09 32.77
C LEU C 236 14.25 -19.63 31.47
N VAL C 237 14.39 -20.93 31.19
CA VAL C 237 13.80 -21.54 30.00
C VAL C 237 12.28 -21.38 30.02
N ARG C 238 11.65 -21.72 31.14
CA ARG C 238 10.22 -21.57 31.31
C ARG C 238 9.75 -20.13 31.05
N LYS C 239 10.52 -19.13 31.50
CA LYS C 239 10.23 -17.72 31.27
C LYS C 239 10.21 -17.39 29.77
N LYS C 240 11.28 -17.77 29.04
CA LYS C 240 11.44 -17.43 27.64
C LYS C 240 10.32 -18.06 26.80
N LEU C 241 10.08 -19.36 27.01
CA LEU C 241 9.10 -20.08 26.20
C LEU C 241 7.68 -19.60 26.50
N ASN C 242 7.40 -19.18 27.75
CA ASN C 242 6.09 -18.64 28.06
C ASN C 242 5.81 -17.35 27.29
N THR C 243 6.82 -16.57 26.89
CA THR C 243 6.54 -15.36 26.12
C THR C 243 5.89 -15.69 24.77
N TYR C 244 6.15 -16.88 24.22
CA TYR C 244 5.54 -17.28 22.95
C TYR C 244 4.09 -17.76 23.08
N ILE C 245 3.68 -18.22 24.27
CA ILE C 245 2.28 -18.63 24.47
C ILE C 245 1.38 -17.42 24.80
N THR C 246 0.13 -17.46 24.31
CA THR C 246 -0.81 -16.36 24.41
C THR C 246 -2.15 -16.78 25.06
N MET D 1 2.66 -23.69 -25.09
CA MET D 1 2.33 -22.81 -23.94
C MET D 1 2.25 -23.60 -22.64
N ASP D 2 2.33 -22.86 -21.53
CA ASP D 2 2.01 -23.38 -20.21
C ASP D 2 0.56 -23.86 -20.16
N ILE D 3 0.33 -25.09 -19.68
CA ILE D 3 -0.97 -25.74 -19.73
C ILE D 3 -2.05 -24.94 -18.97
N ALA D 4 -1.69 -24.34 -17.84
CA ALA D 4 -2.63 -23.55 -17.06
C ALA D 4 -3.02 -22.29 -17.85
N THR D 5 -2.09 -21.66 -18.57
CA THR D 5 -2.42 -20.50 -19.38
C THR D 5 -3.36 -20.90 -20.53
N LEU D 6 -3.11 -22.03 -21.18
CA LEU D 6 -3.97 -22.46 -22.27
C LEU D 6 -5.38 -22.74 -21.76
N ILE D 7 -5.53 -23.50 -20.67
CA ILE D 7 -6.86 -23.77 -20.11
C ILE D 7 -7.53 -22.48 -19.62
N GLY D 8 -6.75 -21.56 -19.06
CA GLY D 8 -7.25 -20.26 -18.65
C GLY D 8 -7.81 -19.42 -19.79
N LEU D 9 -7.11 -19.37 -20.94
CA LEU D 9 -7.57 -18.62 -22.10
C LEU D 9 -8.81 -19.26 -22.72
N ILE D 10 -8.88 -20.61 -22.75
CA ILE D 10 -10.06 -21.33 -23.19
C ILE D 10 -11.26 -20.97 -22.30
N ALA D 11 -11.08 -21.07 -20.97
CA ALA D 11 -12.14 -20.82 -20.02
C ALA D 11 -12.60 -19.36 -20.08
N GLY D 12 -11.66 -18.43 -20.23
CA GLY D 12 -11.97 -17.01 -20.27
C GLY D 12 -12.77 -16.62 -21.50
N ALA D 13 -12.34 -17.08 -22.67
CA ALA D 13 -13.03 -16.81 -23.92
C ALA D 13 -14.43 -17.43 -23.90
N VAL D 14 -14.56 -18.67 -23.43
CA VAL D 14 -15.87 -19.31 -23.34
C VAL D 14 -16.77 -18.60 -22.33
N ALA D 15 -16.22 -18.09 -21.23
CA ALA D 15 -17.03 -17.40 -20.23
C ALA D 15 -17.56 -16.07 -20.74
N ILE D 16 -16.70 -15.22 -21.31
CA ILE D 16 -17.07 -13.90 -21.78
C ILE D 16 -17.98 -13.97 -23.01
N ILE D 17 -17.57 -14.73 -24.05
CA ILE D 17 -18.35 -14.84 -25.28
C ILE D 17 -19.61 -15.67 -25.03
N GLY D 18 -19.48 -16.79 -24.32
CA GLY D 18 -20.60 -17.67 -24.05
C GLY D 18 -21.64 -16.98 -23.18
N GLY D 19 -21.20 -16.15 -22.22
CA GLY D 19 -22.10 -15.36 -21.39
C GLY D 19 -22.89 -14.36 -22.21
N PHE D 20 -22.19 -13.64 -23.11
CA PHE D 20 -22.80 -12.65 -23.97
C PHE D 20 -23.84 -13.27 -24.90
N LEU D 21 -23.46 -14.35 -25.59
CA LEU D 21 -24.31 -15.01 -26.57
C LEU D 21 -25.52 -15.68 -25.93
N TRP D 22 -25.38 -16.13 -24.68
CA TRP D 22 -26.46 -16.83 -23.99
C TRP D 22 -27.59 -15.86 -23.66
N GLU D 23 -27.25 -14.62 -23.25
CA GLU D 23 -28.30 -13.65 -22.95
C GLU D 23 -28.87 -13.01 -24.24
N GLY D 24 -28.06 -12.94 -25.32
CA GLY D 24 -28.58 -12.63 -26.65
C GLY D 24 -27.57 -11.90 -27.56
N GLY D 25 -28.08 -11.22 -28.58
CA GLY D 25 -27.24 -10.41 -29.45
C GLY D 25 -26.34 -11.26 -30.36
N GLN D 26 -25.29 -10.63 -30.90
CA GLN D 26 -24.38 -11.26 -31.84
C GLN D 26 -22.96 -10.74 -31.62
N ILE D 27 -21.94 -11.59 -31.83
CA ILE D 27 -20.55 -11.21 -31.65
C ILE D 27 -20.17 -10.06 -32.58
N THR D 28 -20.84 -9.95 -33.74
CA THR D 28 -20.59 -8.89 -34.71
C THR D 28 -20.86 -7.49 -34.13
N GLY D 29 -21.61 -7.38 -33.02
CA GLY D 29 -21.82 -6.13 -32.32
C GLY D 29 -20.74 -5.80 -31.27
N LEU D 30 -19.93 -6.80 -30.89
CA LEU D 30 -18.97 -6.69 -29.80
C LEU D 30 -17.59 -6.27 -30.30
N PHE D 31 -17.36 -6.26 -31.64
CA PHE D 31 -16.12 -5.76 -32.21
C PHE D 31 -16.33 -4.36 -32.80
N GLN D 32 -15.57 -3.36 -32.32
CA GLN D 32 -15.71 -1.98 -32.78
C GLN D 32 -14.33 -1.34 -32.97
N GLY D 33 -14.11 -0.68 -34.12
CA GLY D 33 -12.78 -0.25 -34.54
C GLY D 33 -12.20 0.87 -33.67
N THR D 34 -12.93 1.97 -33.51
CA THR D 34 -12.40 3.15 -32.83
C THR D 34 -12.13 2.85 -31.35
N ALA D 35 -12.96 2.04 -30.70
CA ALA D 35 -12.78 1.65 -29.31
C ALA D 35 -11.49 0.87 -29.11
N ALA D 36 -11.18 -0.07 -30.03
CA ALA D 36 -9.93 -0.79 -29.99
C ALA D 36 -8.76 0.18 -30.17
N LEU D 37 -8.86 1.10 -31.12
CA LEU D 37 -7.78 2.03 -31.40
C LEU D 37 -7.50 2.92 -30.18
N ILE D 38 -8.53 3.46 -29.53
CA ILE D 38 -8.30 4.36 -28.41
C ILE D 38 -7.72 3.62 -27.22
N VAL D 39 -8.24 2.43 -26.88
CA VAL D 39 -7.79 1.70 -25.70
C VAL D 39 -6.39 1.13 -25.90
N PHE D 40 -6.15 0.43 -27.02
CA PHE D 40 -4.86 -0.19 -27.22
C PHE D 40 -3.82 0.86 -27.59
N GLY D 41 -4.17 1.79 -28.47
CA GLY D 41 -3.27 2.86 -28.82
C GLY D 41 -2.89 3.73 -27.61
N GLY D 42 -3.85 4.03 -26.76
CA GLY D 42 -3.60 4.81 -25.57
C GLY D 42 -2.73 4.07 -24.56
N THR D 43 -2.94 2.76 -24.40
CA THR D 43 -2.12 1.96 -23.49
C THR D 43 -0.66 1.97 -23.97
N ILE D 44 -0.46 1.75 -25.28
CA ILE D 44 0.86 1.73 -25.88
C ILE D 44 1.54 3.08 -25.70
N ALA D 45 0.81 4.18 -25.84
CA ALA D 45 1.36 5.50 -25.66
C ALA D 45 1.84 5.71 -24.23
N ALA D 46 1.04 5.35 -23.23
CA ALA D 46 1.41 5.56 -21.85
C ALA D 46 2.60 4.70 -21.42
N VAL D 47 2.69 3.47 -21.95
CA VAL D 47 3.82 2.61 -21.65
C VAL D 47 5.08 3.15 -22.33
N LEU D 48 5.00 3.61 -23.58
CA LEU D 48 6.17 4.14 -24.24
C LEU D 48 6.69 5.41 -23.56
N ILE D 49 5.83 6.29 -23.07
CA ILE D 49 6.31 7.46 -22.35
C ILE D 49 6.95 7.03 -21.03
N SER D 50 6.42 5.95 -20.39
CA SER D 50 6.84 5.50 -19.07
C SER D 50 8.27 4.91 -19.02
N TYR D 51 8.76 4.30 -20.11
CA TYR D 51 9.99 3.51 -20.07
C TYR D 51 10.98 3.95 -21.14
N PRO D 52 12.30 3.72 -20.91
CA PRO D 52 13.28 3.79 -21.99
C PRO D 52 12.99 2.80 -23.10
N MET D 53 13.53 3.05 -24.30
CA MET D 53 13.27 2.13 -25.41
C MET D 53 13.87 0.75 -25.17
N HIS D 54 15.05 0.67 -24.53
CA HIS D 54 15.68 -0.62 -24.31
C HIS D 54 14.84 -1.58 -23.45
N ARG D 55 14.03 -1.04 -22.52
CA ARG D 55 13.15 -1.87 -21.72
C ARG D 55 12.10 -2.54 -22.59
N ILE D 56 11.58 -1.82 -23.57
CA ILE D 56 10.53 -2.37 -24.42
C ILE D 56 11.04 -3.51 -25.30
N ARG D 57 12.31 -3.48 -25.72
CA ARG D 57 12.90 -4.62 -26.38
C ARG D 57 12.96 -5.87 -25.46
N THR D 58 13.06 -5.70 -24.14
CA THR D 58 12.96 -6.84 -23.23
C THR D 58 11.57 -7.45 -23.18
N LEU D 59 10.52 -6.70 -23.56
CA LEU D 59 9.15 -7.19 -23.46
C LEU D 59 8.97 -8.54 -24.14
N PRO D 60 9.49 -8.81 -25.37
CA PRO D 60 9.52 -10.16 -25.91
C PRO D 60 10.07 -11.24 -24.99
N ALA D 61 11.18 -10.96 -24.30
CA ALA D 61 11.79 -11.96 -23.43
C ALA D 61 10.93 -12.21 -22.19
N GLY D 62 10.16 -11.21 -21.75
CA GLY D 62 9.25 -11.38 -20.63
C GLY D 62 8.18 -12.45 -20.84
N ILE D 63 7.53 -12.45 -22.00
CA ILE D 63 6.50 -13.41 -22.28
C ILE D 63 7.07 -14.83 -22.25
N LYS D 64 8.32 -15.00 -22.68
CA LYS D 64 8.90 -16.33 -22.72
C LYS D 64 9.02 -16.92 -21.32
N LEU D 65 9.36 -16.13 -20.32
CA LEU D 65 9.41 -16.61 -18.94
C LEU D 65 8.03 -16.98 -18.41
N ALA D 66 7.04 -16.18 -18.76
CA ALA D 66 5.68 -16.44 -18.31
C ALA D 66 5.13 -17.73 -18.92
N PHE D 67 5.32 -17.93 -20.24
CA PHE D 67 4.70 -19.06 -20.89
C PHE D 67 5.68 -20.19 -21.17
N LYS D 68 6.87 -20.16 -20.55
CA LYS D 68 7.83 -21.24 -20.70
C LYS D 68 7.39 -22.42 -19.84
N PRO D 69 7.23 -23.64 -20.40
CA PRO D 69 6.86 -24.80 -19.59
C PRO D 69 8.02 -25.22 -18.68
N ASN D 70 7.70 -25.71 -17.47
CA ASN D 70 8.72 -25.96 -16.46
C ASN D 70 9.54 -27.19 -16.83
N ARG D 71 10.88 -27.08 -16.69
CA ARG D 71 11.76 -28.22 -16.93
C ARG D 71 11.99 -29.02 -15.64
N SER D 72 11.82 -28.37 -14.48
CA SER D 72 11.78 -28.97 -13.14
C SER D 72 12.88 -30.02 -12.90
N GLU D 73 14.09 -29.66 -13.33
CA GLU D 73 15.24 -30.55 -13.27
C GLU D 73 15.95 -30.45 -11.91
N VAL D 74 15.49 -29.58 -11.00
CA VAL D 74 16.23 -29.23 -9.80
C VAL D 74 16.57 -30.45 -8.93
N ASN D 75 15.71 -31.48 -8.91
CA ASN D 75 15.98 -32.73 -8.20
C ASN D 75 17.28 -33.40 -8.65
N GLU D 76 17.59 -33.32 -9.95
CA GLU D 76 18.81 -33.88 -10.52
C GLU D 76 20.04 -33.11 -10.01
N TRP D 77 19.94 -31.79 -9.94
CA TRP D 77 21.03 -30.95 -9.47
C TRP D 77 21.28 -31.13 -7.97
N LEU D 78 20.25 -31.45 -7.20
CA LEU D 78 20.45 -31.80 -5.80
C LEU D 78 21.30 -33.08 -5.68
N GLU D 79 21.05 -34.09 -6.52
CA GLU D 79 21.86 -35.29 -6.51
C GLU D 79 23.29 -35.02 -6.96
N ASP D 80 23.48 -34.13 -7.93
CA ASP D 80 24.81 -33.71 -8.34
C ASP D 80 25.57 -33.06 -7.19
N ILE D 81 24.95 -32.14 -6.44
CA ILE D 81 25.64 -31.46 -5.36
C ILE D 81 25.99 -32.43 -4.23
N VAL D 82 25.11 -33.39 -3.92
CA VAL D 82 25.41 -34.38 -2.90
C VAL D 82 26.58 -35.27 -3.33
N GLU D 83 26.59 -35.72 -4.59
CA GLU D 83 27.69 -36.51 -5.11
C GLU D 83 29.01 -35.73 -5.02
N MET D 84 28.99 -34.47 -5.44
CA MET D 84 30.17 -33.62 -5.43
C MET D 84 30.69 -33.41 -4.02
N SER D 85 29.81 -33.32 -3.01
CA SER D 85 30.24 -33.21 -1.62
C SER D 85 31.06 -34.42 -1.19
N MET D 86 30.66 -35.62 -1.62
CA MET D 86 31.42 -36.83 -1.30
C MET D 86 32.74 -36.89 -2.06
N VAL D 87 32.75 -36.44 -3.33
CA VAL D 87 33.97 -36.40 -4.13
C VAL D 87 34.99 -35.47 -3.47
N ALA D 88 34.56 -34.28 -3.04
CA ALA D 88 35.45 -33.31 -2.41
C ALA D 88 36.06 -33.86 -1.13
N ARG D 89 35.27 -34.58 -0.33
CA ARG D 89 35.69 -35.09 0.97
C ARG D 89 36.80 -36.13 0.84
N ARG D 90 36.65 -37.09 -0.09
CA ARG D 90 37.65 -38.15 -0.24
C ARG D 90 38.91 -37.64 -0.97
N GLU D 91 38.70 -36.97 -2.12
CA GLU D 91 39.78 -36.73 -3.07
C GLU D 91 40.47 -35.38 -2.84
N GLY D 92 39.80 -34.43 -2.18
CA GLY D 92 40.24 -33.05 -2.22
C GLY D 92 39.64 -32.29 -3.40
N VAL D 93 39.81 -30.97 -3.40
CA VAL D 93 39.02 -30.07 -4.23
C VAL D 93 39.33 -30.27 -5.72
N LEU D 94 40.52 -30.75 -6.07
CA LEU D 94 40.91 -30.97 -7.46
C LEU D 94 39.90 -31.84 -8.24
N ALA D 95 39.34 -32.86 -7.58
CA ALA D 95 38.39 -33.76 -8.19
C ALA D 95 37.07 -33.05 -8.48
N LEU D 96 36.65 -32.11 -7.64
CA LEU D 96 35.45 -31.33 -7.91
C LEU D 96 35.51 -30.77 -9.32
N GLU D 97 36.71 -30.34 -9.73
CA GLU D 97 36.87 -29.60 -10.98
C GLU D 97 36.43 -30.48 -12.13
N GLN D 98 36.95 -31.72 -12.17
CA GLN D 98 36.71 -32.63 -13.27
C GLN D 98 35.23 -32.99 -13.33
N LYS D 99 34.60 -33.22 -12.17
CA LYS D 99 33.20 -33.61 -12.11
C LYS D 99 32.30 -32.54 -12.73
N VAL D 100 32.56 -31.26 -12.43
CA VAL D 100 31.68 -30.19 -12.85
C VAL D 100 32.07 -29.65 -14.24
N LEU D 101 33.08 -30.24 -14.89
CA LEU D 101 33.65 -29.69 -16.12
C LEU D 101 32.60 -29.48 -17.20
N ASP D 102 31.62 -30.39 -17.32
CA ASP D 102 30.64 -30.35 -18.37
C ASP D 102 29.24 -30.01 -17.85
N HIS D 103 29.09 -29.62 -16.58
CA HIS D 103 27.76 -29.45 -16.01
C HIS D 103 26.99 -28.41 -16.80
N PRO D 104 25.71 -28.66 -17.18
CA PRO D 104 24.96 -27.72 -17.99
C PRO D 104 24.54 -26.45 -17.26
N ASN D 105 24.54 -26.46 -15.92
CA ASN D 105 24.14 -25.30 -15.12
C ASN D 105 25.34 -24.36 -14.90
N ILE D 106 25.28 -23.18 -15.49
CA ILE D 106 26.40 -22.25 -15.50
C ILE D 106 26.69 -21.74 -14.09
N PHE D 107 25.65 -21.41 -13.32
CA PHE D 107 25.81 -20.81 -12.01
C PHE D 107 26.54 -21.77 -11.07
N LEU D 108 26.23 -23.07 -11.16
CA LEU D 108 26.93 -24.07 -10.34
C LEU D 108 28.37 -24.23 -10.84
N ARG D 109 28.56 -24.24 -12.17
CA ARG D 109 29.88 -24.46 -12.75
C ARG D 109 30.86 -23.41 -12.27
N GLU D 110 30.42 -22.15 -12.21
CA GLU D 110 31.27 -21.07 -11.74
C GLU D 110 31.44 -21.22 -10.23
N GLY D 111 30.34 -21.27 -9.47
CA GLY D 111 30.42 -21.34 -8.02
C GLY D 111 31.47 -22.35 -7.54
N ILE D 112 31.43 -23.56 -8.12
CA ILE D 112 32.42 -24.58 -7.79
C ILE D 112 33.80 -24.11 -8.23
N GLN D 113 33.91 -23.48 -9.41
CA GLN D 113 35.22 -23.10 -9.92
C GLN D 113 35.87 -22.10 -8.99
N LEU D 114 35.10 -21.17 -8.42
CA LEU D 114 35.60 -20.21 -7.42
C LEU D 114 36.09 -20.92 -6.17
N VAL D 115 35.47 -22.04 -5.77
CA VAL D 115 35.87 -22.77 -4.57
C VAL D 115 37.14 -23.57 -4.83
N VAL D 116 37.29 -24.20 -6.00
CA VAL D 116 38.50 -24.98 -6.29
C VAL D 116 39.70 -24.03 -6.46
N ASP D 117 39.50 -22.82 -7.01
CA ASP D 117 40.55 -21.79 -7.04
C ASP D 117 40.90 -21.24 -5.65
N GLY D 118 40.18 -21.64 -4.60
CA GLY D 118 40.57 -21.39 -3.22
C GLY D 118 40.22 -19.98 -2.73
N THR D 119 39.19 -19.36 -3.32
CA THR D 119 38.68 -18.08 -2.82
C THR D 119 38.07 -18.23 -1.41
N ASP D 120 38.14 -17.16 -0.62
CA ASP D 120 37.67 -17.18 0.76
C ASP D 120 36.14 -17.26 0.83
N GLN D 121 35.59 -17.89 1.88
CA GLN D 121 34.15 -18.14 1.97
C GLN D 121 33.31 -16.86 1.89
N PRO D 122 33.60 -15.75 2.62
CA PRO D 122 32.85 -14.51 2.44
C PRO D 122 32.94 -13.88 1.06
N ILE D 123 34.05 -14.09 0.34
CA ILE D 123 34.19 -13.64 -1.04
C ILE D 123 33.30 -14.47 -1.98
N VAL D 124 33.28 -15.80 -1.83
CA VAL D 124 32.48 -16.61 -2.74
C VAL D 124 30.99 -16.37 -2.51
N ARG D 125 30.56 -16.19 -1.25
CA ARG D 125 29.19 -15.78 -0.99
C ARG D 125 28.90 -14.42 -1.67
N GLN D 126 29.79 -13.44 -1.53
CA GLN D 126 29.52 -12.11 -2.07
C GLN D 126 29.36 -12.13 -3.60
N ILE D 127 30.26 -12.80 -4.32
CA ILE D 127 30.19 -12.79 -5.78
C ILE D 127 28.95 -13.53 -6.28
N MET D 128 28.61 -14.66 -5.65
CA MET D 128 27.44 -15.42 -6.08
C MET D 128 26.15 -14.67 -5.77
N GLU D 129 26.06 -14.01 -4.61
CA GLU D 129 24.85 -13.26 -4.30
C GLU D 129 24.65 -12.10 -5.25
N LEU D 130 25.71 -11.45 -5.76
CA LEU D 130 25.57 -10.41 -6.78
C LEU D 130 24.89 -10.94 -8.04
N ASP D 131 25.16 -12.20 -8.41
CA ASP D 131 24.55 -12.79 -9.59
C ASP D 131 23.07 -13.13 -9.35
N ILE D 132 22.72 -13.59 -8.15
CA ILE D 132 21.32 -13.83 -7.81
C ILE D 132 20.55 -12.53 -7.79
N ASP D 133 21.11 -11.47 -7.20
CA ASP D 133 20.46 -10.17 -7.14
C ASP D 133 20.23 -9.64 -8.55
N ALA D 134 21.17 -9.86 -9.46
CA ALA D 134 21.00 -9.43 -10.83
C ALA D 134 19.81 -10.12 -11.51
N LYS D 135 19.62 -11.41 -11.29
CA LYS D 135 18.48 -12.11 -11.88
C LYS D 135 17.17 -11.64 -11.24
N GLU D 136 17.13 -11.40 -9.92
CA GLU D 136 15.92 -10.87 -9.31
C GLU D 136 15.50 -9.51 -9.90
N GLN D 137 16.48 -8.62 -10.12
CA GLN D 137 16.22 -7.30 -10.67
C GLN D 137 15.72 -7.40 -12.12
N GLU D 138 16.29 -8.30 -12.90
CA GLU D 138 15.92 -8.48 -14.30
C GLU D 138 14.46 -8.92 -14.41
N HIS D 139 14.03 -9.91 -13.63
CA HIS D 139 12.66 -10.40 -13.69
C HIS D 139 11.66 -9.38 -13.16
N ASP D 140 12.04 -8.57 -12.17
CA ASP D 140 11.19 -7.50 -11.70
C ASP D 140 10.95 -6.48 -12.81
N ASN D 141 11.97 -6.15 -13.59
CA ASN D 141 11.82 -5.18 -14.68
C ASN D 141 10.86 -5.67 -15.78
N TYR D 142 10.81 -6.98 -16.03
CA TYR D 142 9.85 -7.54 -16.98
C TYR D 142 8.44 -7.40 -16.45
N ALA D 143 8.22 -7.82 -15.21
CA ALA D 143 6.91 -7.77 -14.62
C ALA D 143 6.37 -6.34 -14.58
N LYS D 144 7.19 -5.35 -14.26
CA LYS D 144 6.72 -4.00 -14.13
C LYS D 144 6.14 -3.46 -15.43
N LEU D 145 6.62 -3.90 -16.59
CA LEU D 145 6.04 -3.37 -17.82
C LEU D 145 4.60 -3.85 -17.97
N PHE D 146 4.33 -5.11 -17.68
CA PHE D 146 3.00 -5.64 -17.83
C PHE D 146 2.07 -5.05 -16.78
N GLU D 147 2.52 -4.90 -15.53
CA GLU D 147 1.68 -4.30 -14.51
C GLU D 147 1.26 -2.92 -14.98
N SER D 148 2.24 -2.06 -15.34
CA SER D 148 1.96 -0.69 -15.78
C SER D 148 1.10 -0.59 -17.04
N ALA D 149 1.21 -1.55 -17.94
CA ALA D 149 0.19 -1.67 -19.00
C ALA D 149 -1.18 -1.97 -18.43
N GLY D 150 -1.25 -2.79 -17.40
CA GLY D 150 -2.50 -3.14 -16.78
C GLY D 150 -3.16 -1.99 -16.03
N SER D 151 -2.41 -0.96 -15.61
CA SER D 151 -3.02 0.13 -14.88
C SER D 151 -3.37 1.29 -15.81
N TYR D 152 -2.82 1.32 -17.03
CA TYR D 152 -3.23 2.36 -17.97
C TYR D 152 -4.45 1.92 -18.78
N ALA D 153 -4.62 0.63 -18.99
CA ALA D 153 -5.63 0.19 -19.92
C ALA D 153 -7.04 0.53 -19.47
N PRO D 154 -7.45 0.32 -18.21
CA PRO D 154 -8.80 0.67 -17.79
C PRO D 154 -9.06 2.15 -17.99
N THR D 155 -8.12 3.03 -17.62
CA THR D 155 -8.35 4.45 -17.74
C THR D 155 -8.42 4.86 -19.20
N MET D 156 -7.69 4.21 -20.09
CA MET D 156 -7.89 4.49 -21.51
C MET D 156 -9.29 4.08 -21.95
N GLY D 157 -9.87 3.05 -21.34
CA GLY D 157 -11.26 2.73 -21.59
C GLY D 157 -12.23 3.83 -21.16
N ILE D 158 -11.97 4.50 -20.04
CA ILE D 158 -12.82 5.61 -19.62
C ILE D 158 -12.68 6.76 -20.61
N ILE D 159 -11.46 7.07 -21.08
CA ILE D 159 -11.27 8.12 -22.06
C ILE D 159 -12.05 7.77 -23.32
N GLY D 160 -11.91 6.53 -23.80
CA GLY D 160 -12.62 6.09 -24.98
C GLY D 160 -14.13 6.22 -24.83
N THR D 161 -14.66 5.94 -23.64
CA THR D 161 -16.08 6.07 -23.39
C THR D 161 -16.54 7.51 -23.50
N VAL D 162 -15.82 8.43 -22.84
CA VAL D 162 -16.24 9.82 -22.80
C VAL D 162 -16.18 10.39 -24.20
N MET D 163 -15.15 10.06 -24.98
CA MET D 163 -15.05 10.62 -26.31
C MET D 163 -16.15 10.07 -27.20
N GLY D 164 -16.55 8.81 -27.00
CA GLY D 164 -17.69 8.26 -27.73
C GLY D 164 -18.99 9.04 -27.47
N LEU D 165 -19.32 9.26 -26.20
CA LEU D 165 -20.53 10.00 -25.85
C LEU D 165 -20.45 11.41 -26.43
N ILE D 166 -19.27 12.05 -26.32
CA ILE D 166 -19.13 13.45 -26.69
C ILE D 166 -19.48 13.61 -28.16
N GLN D 167 -19.03 12.70 -29.00
CA GLN D 167 -19.37 12.76 -30.42
C GLN D 167 -20.89 12.63 -30.60
N VAL D 168 -21.52 11.74 -29.83
CA VAL D 168 -22.95 11.50 -29.93
C VAL D 168 -23.72 12.73 -29.51
N LEU D 169 -23.63 13.09 -28.23
CA LEU D 169 -24.39 14.21 -27.72
C LEU D 169 -24.29 15.41 -28.67
N GLY D 170 -23.12 15.54 -29.31
CA GLY D 170 -22.94 16.54 -30.35
C GLY D 170 -24.04 16.43 -31.39
N HIS D 171 -24.05 15.32 -32.14
CA HIS D 171 -25.06 15.04 -33.14
C HIS D 171 -26.15 14.14 -32.57
N LEU D 172 -27.05 14.71 -31.76
CA LEU D 172 -28.10 13.92 -31.11
C LEU D 172 -29.05 13.28 -32.12
N THR D 173 -29.41 14.03 -33.18
CA THR D 173 -30.19 13.49 -34.30
C THR D 173 -31.49 12.81 -33.85
N ASP D 174 -31.79 11.63 -34.41
CA ASP D 174 -33.06 10.95 -34.20
C ASP D 174 -33.25 10.53 -32.74
N PRO D 175 -34.48 10.63 -32.19
CA PRO D 175 -34.77 10.22 -30.80
C PRO D 175 -35.07 8.74 -30.59
N SER D 176 -35.32 7.99 -31.67
CA SER D 176 -35.54 6.55 -31.54
C SER D 176 -34.21 5.80 -31.56
N GLN D 177 -33.13 6.43 -32.03
CA GLN D 177 -31.86 5.74 -32.20
C GLN D 177 -30.80 6.21 -31.18
N LEU D 178 -31.21 6.90 -30.13
CA LEU D 178 -30.26 7.33 -29.11
C LEU D 178 -29.62 6.12 -28.42
N GLY D 179 -30.44 5.14 -28.06
CA GLY D 179 -29.99 3.96 -27.35
C GLY D 179 -28.83 3.24 -28.02
N PRO D 180 -28.97 2.80 -29.29
CA PRO D 180 -27.90 2.07 -29.98
C PRO D 180 -26.58 2.82 -29.98
N SER D 181 -26.64 4.16 -30.17
CA SER D 181 -25.44 4.96 -30.32
C SER D 181 -24.66 5.09 -29.02
N ILE D 182 -25.34 5.35 -27.90
CA ILE D 182 -24.68 5.37 -26.61
C ILE D 182 -24.20 3.97 -26.21
N ALA D 183 -24.95 2.93 -26.61
CA ALA D 183 -24.58 1.55 -26.32
C ALA D 183 -23.18 1.22 -26.84
N VAL D 184 -22.90 1.59 -28.09
CA VAL D 184 -21.61 1.32 -28.69
C VAL D 184 -20.49 2.03 -27.90
N ALA D 185 -20.76 3.21 -27.38
CA ALA D 185 -19.74 3.97 -26.67
C ALA D 185 -19.22 3.19 -25.47
N PHE D 186 -20.04 2.31 -24.91
CA PHE D 186 -19.65 1.53 -23.74
C PHE D 186 -18.87 0.29 -24.12
N ILE D 187 -18.80 -0.06 -25.41
CA ILE D 187 -17.91 -1.11 -25.87
C ILE D 187 -16.47 -0.80 -25.47
N ALA D 188 -16.10 0.47 -25.56
CA ALA D 188 -14.76 0.85 -25.14
C ALA D 188 -14.50 0.44 -23.70
N THR D 189 -15.24 0.95 -22.72
CA THR D 189 -14.86 0.61 -21.35
C THR D 189 -14.70 -0.90 -21.20
N LEU D 190 -15.44 -1.68 -21.99
CA LEU D 190 -15.29 -3.12 -21.94
C LEU D 190 -13.88 -3.54 -22.34
N TYR D 191 -13.30 -2.98 -23.41
CA TYR D 191 -11.95 -3.38 -23.80
C TYR D 191 -10.89 -2.98 -22.77
N GLY D 192 -11.08 -1.82 -22.14
CA GLY D 192 -10.17 -1.40 -21.10
C GLY D 192 -10.11 -2.38 -19.92
N VAL D 193 -11.26 -2.73 -19.35
CA VAL D 193 -11.30 -3.56 -18.17
C VAL D 193 -11.00 -5.00 -18.53
N ALA D 194 -11.50 -5.48 -19.67
CA ALA D 194 -11.28 -6.86 -20.04
C ALA D 194 -9.82 -7.17 -20.31
N SER D 195 -9.14 -6.29 -21.06
CA SER D 195 -7.74 -6.51 -21.39
C SER D 195 -6.88 -6.45 -20.15
N ALA D 196 -7.12 -5.49 -19.27
CA ALA D 196 -6.29 -5.38 -18.09
C ALA D 196 -6.47 -6.56 -17.15
N ASN D 197 -7.67 -7.10 -16.95
CA ASN D 197 -7.90 -8.10 -15.92
C ASN D 197 -7.92 -9.53 -16.44
N LEU D 198 -7.58 -9.76 -17.71
CA LEU D 198 -7.53 -11.11 -18.27
C LEU D 198 -6.23 -11.39 -19.03
N ILE D 199 -5.64 -10.33 -19.65
CA ILE D 199 -4.45 -10.45 -20.46
C ILE D 199 -3.24 -9.81 -19.80
N PHE D 200 -3.33 -8.57 -19.31
CA PHE D 200 -2.13 -7.88 -18.84
C PHE D 200 -1.84 -8.16 -17.38
N LEU D 201 -2.78 -7.91 -16.50
CA LEU D 201 -2.49 -8.04 -15.09
C LEU D 201 -2.21 -9.50 -14.75
N PRO D 202 -2.93 -10.48 -15.32
CA PRO D 202 -2.57 -11.89 -15.15
C PRO D 202 -1.15 -12.24 -15.57
N ILE D 203 -0.68 -11.80 -16.74
CA ILE D 203 0.66 -12.13 -17.21
C ILE D 203 1.72 -11.62 -16.24
N ALA D 204 1.49 -10.47 -15.61
CA ALA D 204 2.42 -10.01 -14.58
C ALA D 204 2.58 -11.03 -13.47
N SER D 205 1.46 -11.65 -13.03
CA SER D 205 1.48 -12.62 -11.95
C SER D 205 2.32 -13.83 -12.31
N LYS D 206 2.24 -14.29 -13.57
CA LYS D 206 2.99 -15.49 -13.94
C LYS D 206 4.49 -15.19 -13.94
N ILE D 207 4.87 -14.01 -14.43
CA ILE D 207 6.28 -13.66 -14.50
C ILE D 207 6.85 -13.58 -13.10
N ARG D 208 6.06 -13.18 -12.10
CA ARG D 208 6.54 -13.10 -10.73
C ARG D 208 6.47 -14.47 -10.08
N ALA D 209 5.48 -15.27 -10.42
CA ALA D 209 5.41 -16.64 -9.93
C ALA D 209 6.58 -17.48 -10.43
N LYS D 210 6.84 -17.46 -11.74
CA LYS D 210 7.93 -18.24 -12.28
C LYS D 210 9.31 -17.71 -11.91
N SER D 211 9.45 -16.39 -11.73
CA SER D 211 10.67 -15.81 -11.22
C SER D 211 11.03 -16.38 -9.84
N ALA D 212 10.04 -16.44 -8.96
CA ALA D 212 10.29 -16.92 -7.61
C ALA D 212 10.74 -18.37 -7.63
N GLU D 213 10.21 -19.20 -8.54
CA GLU D 213 10.65 -20.58 -8.65
C GLU D 213 12.12 -20.67 -9.06
N GLU D 214 12.54 -19.84 -10.01
CA GLU D 214 13.91 -19.85 -10.51
C GLU D 214 14.88 -19.39 -9.44
N ILE D 215 14.53 -18.34 -8.70
CA ILE D 215 15.40 -17.82 -7.65
C ILE D 215 15.58 -18.84 -6.52
N LEU D 216 14.56 -19.64 -6.22
CA LEU D 216 14.73 -20.71 -5.25
C LEU D 216 15.77 -21.75 -5.70
N VAL D 217 15.84 -22.06 -6.99
CA VAL D 217 16.88 -22.95 -7.47
C VAL D 217 18.26 -22.33 -7.31
N MET D 218 18.41 -21.03 -7.56
CA MET D 218 19.72 -20.41 -7.41
C MET D 218 20.13 -20.38 -5.95
N GLU D 219 19.20 -20.11 -5.03
CA GLU D 219 19.54 -20.12 -3.62
C GLU D 219 19.93 -21.52 -3.15
N MET D 220 19.32 -22.57 -3.69
CA MET D 220 19.77 -23.92 -3.34
C MET D 220 21.20 -24.18 -3.82
N ILE D 221 21.55 -23.75 -5.03
CA ILE D 221 22.89 -23.93 -5.55
C ILE D 221 23.92 -23.18 -4.69
N LEU D 222 23.57 -21.98 -4.22
CA LEU D 222 24.45 -21.23 -3.34
C LEU D 222 24.71 -21.97 -2.03
N GLU D 223 23.67 -22.51 -1.39
CA GLU D 223 23.89 -23.27 -0.16
C GLU D 223 24.64 -24.58 -0.41
N GLY D 224 24.45 -25.16 -1.60
CA GLY D 224 25.23 -26.31 -2.02
C GLY D 224 26.73 -26.02 -2.14
N VAL D 225 27.12 -24.93 -2.81
CA VAL D 225 28.53 -24.67 -3.02
C VAL D 225 29.19 -24.17 -1.73
N LEU D 226 28.48 -23.45 -0.88
CA LEU D 226 29.06 -23.08 0.42
C LEU D 226 29.23 -24.31 1.31
N SER D 227 28.27 -25.24 1.28
CA SER D 227 28.35 -26.46 2.08
C SER D 227 29.50 -27.37 1.61
N VAL D 228 29.75 -27.45 0.30
CA VAL D 228 30.89 -28.23 -0.17
C VAL D 228 32.21 -27.55 0.21
N GLN D 229 32.29 -26.21 0.30
CA GLN D 229 33.51 -25.57 0.77
C GLN D 229 33.76 -25.84 2.26
N ASN D 230 32.70 -25.80 3.09
CA ASN D 230 32.81 -26.06 4.52
C ASN D 230 33.18 -27.51 4.84
N GLY D 231 32.78 -28.45 3.96
CA GLY D 231 33.14 -29.85 4.13
C GLY D 231 32.14 -30.60 5.01
N ASP D 232 30.86 -30.27 4.84
CA ASP D 232 29.77 -30.94 5.55
C ASP D 232 29.64 -32.40 5.10
N ASN D 233 29.03 -33.26 5.94
CA ASN D 233 28.73 -34.64 5.56
C ASN D 233 27.48 -34.70 4.68
N ALA D 234 27.33 -35.78 3.91
CA ALA D 234 26.28 -35.93 2.93
C ALA D 234 24.88 -35.84 3.53
N LEU D 235 24.69 -36.32 4.78
CA LEU D 235 23.39 -36.29 5.44
C LEU D 235 22.98 -34.85 5.76
N LEU D 236 23.94 -34.05 6.23
CA LEU D 236 23.69 -32.65 6.55
C LEU D 236 23.45 -31.84 5.28
N VAL D 237 24.24 -32.07 4.21
CA VAL D 237 24.04 -31.41 2.92
C VAL D 237 22.63 -31.71 2.41
N ARG D 238 22.24 -32.99 2.38
CA ARG D 238 20.94 -33.38 1.85
C ARG D 238 19.81 -32.74 2.64
N LYS D 239 19.93 -32.66 3.98
CA LYS D 239 18.91 -32.04 4.82
C LYS D 239 18.76 -30.55 4.50
N LYS D 240 19.86 -29.81 4.42
CA LYS D 240 19.82 -28.37 4.13
C LYS D 240 19.14 -28.10 2.79
N LEU D 241 19.57 -28.81 1.75
CA LEU D 241 19.10 -28.55 0.41
C LEU D 241 17.63 -28.94 0.25
N ASN D 242 17.18 -29.98 0.96
CA ASN D 242 15.79 -30.38 0.90
C ASN D 242 14.85 -29.27 1.37
N THR D 243 15.25 -28.36 2.24
CA THR D 243 14.37 -27.27 2.66
C THR D 243 13.93 -26.39 1.49
N TYR D 244 14.72 -26.33 0.40
CA TYR D 244 14.38 -25.53 -0.77
C TYR D 244 13.40 -26.23 -1.73
N ILE D 245 13.10 -27.52 -1.54
CA ILE D 245 12.30 -28.32 -2.46
C ILE D 245 10.92 -28.61 -1.87
N THR D 246 9.90 -28.57 -2.76
CA THR D 246 8.50 -28.76 -2.40
C THR D 246 7.80 -29.77 -3.34
N MET E 1 13.57 14.96 -28.41
CA MET E 1 13.97 14.97 -26.98
C MET E 1 14.51 13.59 -26.58
N ASP E 2 13.67 12.54 -26.60
CA ASP E 2 14.10 11.15 -26.44
C ASP E 2 13.23 10.21 -27.30
N ILE E 3 13.75 9.05 -27.73
CA ILE E 3 13.12 8.24 -28.76
C ILE E 3 11.85 7.54 -28.26
N ALA E 4 11.85 6.87 -27.09
CA ALA E 4 10.66 6.16 -26.64
C ALA E 4 9.56 7.16 -26.28
N THR E 5 9.94 8.31 -25.68
CA THR E 5 8.99 9.37 -25.37
C THR E 5 8.39 9.95 -26.66
N LEU E 6 9.19 10.20 -27.68
CA LEU E 6 8.72 10.77 -28.92
C LEU E 6 7.74 9.83 -29.61
N ILE E 7 8.07 8.55 -29.72
CA ILE E 7 7.16 7.58 -30.31
C ILE E 7 5.89 7.44 -29.45
N GLY E 8 6.03 7.51 -28.13
CA GLY E 8 4.89 7.46 -27.21
C GLY E 8 3.93 8.62 -27.38
N LEU E 9 4.44 9.85 -27.52
CA LEU E 9 3.61 11.03 -27.70
C LEU E 9 2.94 11.03 -29.06
N ILE E 10 3.65 10.57 -30.10
CA ILE E 10 3.07 10.42 -31.44
C ILE E 10 1.94 9.39 -31.39
N ALA E 11 2.18 8.22 -30.80
CA ALA E 11 1.19 7.16 -30.73
C ALA E 11 -0.03 7.60 -29.91
N GLY E 12 0.18 8.33 -28.82
CA GLY E 12 -0.89 8.79 -27.96
C GLY E 12 -1.80 9.80 -28.67
N ALA E 13 -1.18 10.79 -29.33
CA ALA E 13 -1.93 11.78 -30.09
C ALA E 13 -2.70 11.12 -31.24
N VAL E 14 -2.05 10.27 -32.02
CA VAL E 14 -2.68 9.61 -33.16
C VAL E 14 -3.79 8.67 -32.71
N ALA E 15 -3.64 7.98 -31.58
CA ALA E 15 -4.67 7.05 -31.12
C ALA E 15 -5.89 7.80 -30.63
N ILE E 16 -5.69 8.77 -29.72
CA ILE E 16 -6.81 9.39 -29.03
C ILE E 16 -7.51 10.38 -29.96
N ILE E 17 -6.75 11.28 -30.59
CA ILE E 17 -7.34 12.29 -31.47
C ILE E 17 -7.75 11.63 -32.78
N GLY E 18 -6.93 10.75 -33.34
CA GLY E 18 -7.30 10.06 -34.57
C GLY E 18 -8.56 9.23 -34.43
N GLY E 19 -8.80 8.66 -33.24
CA GLY E 19 -10.05 7.99 -32.95
C GLY E 19 -11.25 8.94 -33.07
N PHE E 20 -11.15 10.08 -32.38
CA PHE E 20 -12.23 11.03 -32.29
C PHE E 20 -12.52 11.71 -33.63
N LEU E 21 -11.47 12.18 -34.32
CA LEU E 21 -11.63 12.87 -35.60
C LEU E 21 -12.16 11.94 -36.69
N TRP E 22 -11.81 10.65 -36.62
CA TRP E 22 -12.31 9.66 -37.56
C TRP E 22 -13.81 9.44 -37.36
N GLU E 23 -14.27 9.36 -36.11
CA GLU E 23 -15.68 9.11 -35.84
C GLU E 23 -16.57 10.25 -36.35
N GLY E 24 -15.97 11.41 -36.65
CA GLY E 24 -16.68 12.56 -37.20
C GLY E 24 -16.79 13.74 -36.24
N GLY E 25 -16.10 13.66 -35.09
CA GLY E 25 -16.04 14.80 -34.18
C GLY E 25 -15.02 15.84 -34.65
N GLN E 26 -15.04 17.03 -34.00
CA GLN E 26 -14.08 18.10 -34.23
C GLN E 26 -13.26 18.32 -32.97
N ILE E 27 -11.96 18.65 -33.13
CA ILE E 27 -11.07 18.82 -32.00
C ILE E 27 -11.52 20.00 -31.13
N THR E 28 -12.31 20.92 -31.70
CA THR E 28 -12.76 22.13 -31.02
C THR E 28 -13.50 21.81 -29.72
N GLY E 29 -14.28 20.71 -29.73
CA GLY E 29 -15.15 20.38 -28.62
C GLY E 29 -14.41 19.86 -27.39
N LEU E 30 -13.12 19.51 -27.54
CA LEU E 30 -12.36 18.95 -26.44
C LEU E 30 -11.78 20.04 -25.54
N PHE E 31 -12.09 21.32 -25.81
CA PHE E 31 -11.69 22.41 -24.91
C PHE E 31 -12.93 23.01 -24.24
N GLN E 32 -12.91 23.09 -22.89
CA GLN E 32 -13.96 23.76 -22.14
C GLN E 32 -13.32 24.55 -21.00
N GLY E 33 -13.43 25.89 -21.01
CA GLY E 33 -12.67 26.76 -20.12
C GLY E 33 -12.76 26.43 -18.63
N THR E 34 -13.97 26.26 -18.11
CA THR E 34 -14.14 26.02 -16.68
C THR E 34 -13.60 24.66 -16.29
N ALA E 35 -13.71 23.66 -17.16
CA ALA E 35 -13.18 22.33 -16.90
C ALA E 35 -11.66 22.37 -16.77
N ALA E 36 -11.00 23.14 -17.64
CA ALA E 36 -9.56 23.32 -17.54
C ALA E 36 -9.20 24.03 -16.24
N LEU E 37 -9.93 25.09 -15.88
CA LEU E 37 -9.62 25.88 -14.70
C LEU E 37 -9.78 25.07 -13.41
N ILE E 38 -10.85 24.29 -13.26
CA ILE E 38 -11.03 23.50 -12.06
C ILE E 38 -9.95 22.42 -11.95
N VAL E 39 -9.69 21.67 -13.04
CA VAL E 39 -8.85 20.49 -12.95
C VAL E 39 -7.38 20.89 -12.89
N PHE E 40 -6.93 21.77 -13.79
CA PHE E 40 -5.54 22.16 -13.79
C PHE E 40 -5.26 23.13 -12.66
N GLY E 41 -6.14 24.11 -12.44
CA GLY E 41 -5.91 25.07 -11.37
C GLY E 41 -5.94 24.39 -10.00
N GLY E 42 -6.87 23.45 -9.80
CA GLY E 42 -6.94 22.70 -8.56
C GLY E 42 -5.74 21.80 -8.35
N THR E 43 -5.24 21.15 -9.41
CA THR E 43 -4.07 20.30 -9.29
C THR E 43 -2.85 21.14 -8.89
N ILE E 44 -2.65 22.29 -9.54
CA ILE E 44 -1.51 23.13 -9.24
C ILE E 44 -1.61 23.67 -7.82
N ALA E 45 -2.80 24.02 -7.35
CA ALA E 45 -2.99 24.49 -5.99
C ALA E 45 -2.64 23.41 -4.97
N ALA E 46 -3.08 22.16 -5.16
CA ALA E 46 -2.79 21.10 -4.22
C ALA E 46 -1.30 20.79 -4.16
N VAL E 47 -0.62 20.84 -5.31
CA VAL E 47 0.81 20.59 -5.33
C VAL E 47 1.57 21.74 -4.67
N LEU E 48 1.20 22.98 -4.92
CA LEU E 48 1.89 24.08 -4.27
C LEU E 48 1.68 24.09 -2.75
N ILE E 49 0.52 23.72 -2.23
CA ILE E 49 0.34 23.68 -0.78
C ILE E 49 1.20 22.54 -0.20
N SER E 50 1.30 21.42 -0.95
CA SER E 50 1.91 20.20 -0.42
C SER E 50 3.45 20.25 -0.34
N TYR E 51 4.12 21.07 -1.18
CA TYR E 51 5.57 21.11 -1.20
C TYR E 51 6.13 22.50 -0.94
N PRO E 52 7.30 22.58 -0.27
CA PRO E 52 8.03 23.84 -0.13
C PRO E 52 8.42 24.44 -1.47
N MET E 53 8.64 25.75 -1.52
CA MET E 53 8.86 26.41 -2.80
C MET E 53 10.15 25.94 -3.49
N HIS E 54 11.21 25.65 -2.74
CA HIS E 54 12.46 25.21 -3.34
C HIS E 54 12.31 23.89 -4.13
N ARG E 55 11.41 23.01 -3.71
CA ARG E 55 11.15 21.77 -4.44
C ARG E 55 10.56 22.08 -5.82
N ILE E 56 9.72 23.08 -5.94
CA ILE E 56 9.09 23.37 -7.21
C ILE E 56 10.14 23.87 -8.23
N ARG E 57 11.16 24.62 -7.78
CA ARG E 57 12.25 24.97 -8.66
C ARG E 57 13.04 23.73 -9.15
N THR E 58 13.06 22.62 -8.41
CA THR E 58 13.63 21.38 -8.93
C THR E 58 12.82 20.76 -10.08
N LEU E 59 11.53 21.11 -10.26
CA LEU E 59 10.73 20.51 -11.33
C LEU E 59 11.42 20.60 -12.70
N PRO E 60 12.00 21.75 -13.13
CA PRO E 60 12.84 21.78 -14.32
C PRO E 60 13.90 20.69 -14.41
N ALA E 61 14.62 20.43 -13.32
CA ALA E 61 15.69 19.43 -13.35
C ALA E 61 15.13 18.02 -13.44
N GLY E 62 13.93 17.81 -12.92
CA GLY E 62 13.29 16.50 -12.99
C GLY E 62 12.96 16.06 -14.41
N ILE E 63 12.37 16.98 -15.17
CA ILE E 63 12.05 16.72 -16.56
C ILE E 63 13.32 16.44 -17.35
N LYS E 64 14.39 17.20 -17.08
CA LYS E 64 15.62 17.05 -17.80
C LYS E 64 16.23 15.67 -17.55
N LEU E 65 16.09 15.09 -16.37
CA LEU E 65 16.56 13.73 -16.11
C LEU E 65 15.72 12.68 -16.84
N ALA E 66 14.41 12.88 -16.89
CA ALA E 66 13.51 11.91 -17.50
C ALA E 66 13.81 11.71 -18.99
N PHE E 67 14.06 12.82 -19.72
CA PHE E 67 14.22 12.78 -21.17
C PHE E 67 15.67 13.04 -21.58
N LYS E 68 16.61 12.61 -20.74
CA LYS E 68 18.04 12.60 -21.04
C LYS E 68 18.33 11.44 -21.98
N PRO E 69 18.93 11.65 -23.17
CA PRO E 69 19.35 10.54 -24.03
C PRO E 69 20.41 9.62 -23.41
N ASN E 70 20.36 8.34 -23.78
CA ASN E 70 21.15 7.28 -23.17
C ASN E 70 22.64 7.42 -23.51
N ARG E 71 23.52 7.23 -22.51
CA ARG E 71 24.96 7.17 -22.73
C ARG E 71 25.54 5.82 -22.24
N SER E 72 26.18 5.09 -23.17
CA SER E 72 26.68 3.72 -22.98
C SER E 72 28.01 3.66 -22.23
N GLU E 73 28.40 4.75 -21.55
CA GLU E 73 29.76 4.98 -21.08
C GLU E 73 30.13 4.07 -19.92
N VAL E 74 29.15 3.38 -19.31
CA VAL E 74 29.42 2.35 -18.32
C VAL E 74 30.37 1.26 -18.84
N ASN E 75 30.32 0.94 -20.12
CA ASN E 75 31.21 -0.05 -20.70
C ASN E 75 32.67 0.42 -20.67
N GLU E 76 32.87 1.70 -21.00
CA GLU E 76 34.19 2.30 -21.03
C GLU E 76 34.76 2.35 -19.61
N TRP E 77 33.93 2.71 -18.62
CA TRP E 77 34.35 2.81 -17.23
C TRP E 77 34.69 1.45 -16.63
N LEU E 78 34.05 0.38 -17.10
CA LEU E 78 34.45 -0.96 -16.68
C LEU E 78 35.86 -1.27 -17.17
N GLU E 79 36.20 -0.90 -18.41
CA GLU E 79 37.56 -1.12 -18.91
C GLU E 79 38.58 -0.25 -18.17
N ASP E 80 38.20 0.99 -17.82
CA ASP E 80 39.06 1.88 -17.05
C ASP E 80 39.39 1.30 -15.68
N ILE E 81 38.39 0.80 -14.95
CA ILE E 81 38.63 0.24 -13.63
C ILE E 81 39.46 -1.04 -13.71
N VAL E 82 39.27 -1.87 -14.74
CA VAL E 82 40.09 -3.05 -14.94
C VAL E 82 41.54 -2.66 -15.20
N GLU E 83 41.79 -1.65 -16.05
CA GLU E 83 43.14 -1.17 -16.30
C GLU E 83 43.78 -0.69 -14.99
N MET E 84 43.06 0.10 -14.19
CA MET E 84 43.58 0.61 -12.93
C MET E 84 43.88 -0.52 -11.94
N SER E 85 43.07 -1.58 -11.93
CA SER E 85 43.33 -2.74 -11.10
C SER E 85 44.66 -3.40 -11.47
N MET E 86 44.96 -3.46 -12.78
CA MET E 86 46.21 -4.01 -13.26
C MET E 86 47.39 -3.11 -12.92
N VAL E 87 47.21 -1.78 -12.93
CA VAL E 87 48.23 -0.85 -12.47
C VAL E 87 48.52 -1.10 -10.98
N ALA E 88 47.48 -1.28 -10.15
CA ALA E 88 47.66 -1.50 -8.72
C ALA E 88 48.39 -2.81 -8.43
N ARG E 89 48.18 -3.87 -9.24
CA ARG E 89 48.91 -5.11 -9.11
C ARG E 89 50.40 -4.93 -9.44
N ARG E 90 50.70 -4.20 -10.53
CA ARG E 90 52.05 -4.03 -11.04
C ARG E 90 52.85 -3.02 -10.21
N GLU E 91 52.24 -1.91 -9.79
CA GLU E 91 52.91 -0.64 -9.52
C GLU E 91 52.36 -0.03 -8.22
N GLY E 92 53.11 0.92 -7.63
CA GLY E 92 52.66 1.63 -6.45
C GLY E 92 51.48 2.56 -6.72
N VAL E 93 50.80 2.97 -5.64
CA VAL E 93 49.57 3.74 -5.72
C VAL E 93 49.79 5.11 -6.36
N LEU E 94 51.00 5.66 -6.32
CA LEU E 94 51.36 6.88 -7.04
C LEU E 94 51.02 6.80 -8.53
N ALA E 95 51.18 5.63 -9.15
CA ALA E 95 50.84 5.43 -10.55
C ALA E 95 49.32 5.56 -10.77
N LEU E 96 48.53 5.02 -9.83
CA LEU E 96 47.09 5.21 -9.87
C LEU E 96 46.81 6.70 -9.91
N GLU E 97 47.61 7.49 -9.19
CA GLU E 97 47.34 8.91 -9.05
C GLU E 97 47.26 9.57 -10.43
N GLN E 98 48.24 9.30 -11.28
CA GLN E 98 48.27 9.88 -12.62
C GLN E 98 47.09 9.35 -13.43
N LYS E 99 46.86 8.04 -13.36
CA LYS E 99 45.86 7.39 -14.20
C LYS E 99 44.45 7.93 -13.90
N VAL E 100 44.12 8.05 -12.61
CA VAL E 100 42.77 8.45 -12.21
C VAL E 100 42.54 9.92 -12.57
N LEU E 101 43.61 10.73 -12.43
CA LEU E 101 43.46 12.17 -12.62
C LEU E 101 42.96 12.46 -14.04
N ASP E 102 42.03 13.42 -14.14
CA ASP E 102 41.51 13.91 -15.41
C ASP E 102 40.45 12.97 -16.00
N HIS E 103 40.01 11.94 -15.26
CA HIS E 103 38.92 11.11 -15.74
C HIS E 103 37.65 11.96 -15.71
N PRO E 104 36.75 11.85 -16.71
CA PRO E 104 35.53 12.67 -16.74
C PRO E 104 34.46 12.27 -15.73
N ASN E 105 34.66 11.18 -14.98
CA ASN E 105 33.71 10.73 -13.97
C ASN E 105 34.22 11.08 -12.56
N ILE E 106 33.57 12.08 -11.92
CA ILE E 106 34.09 12.66 -10.69
C ILE E 106 33.97 11.66 -9.54
N PHE E 107 32.91 10.84 -9.50
CA PHE E 107 32.71 9.89 -8.43
C PHE E 107 33.84 8.87 -8.41
N LEU E 108 34.27 8.43 -9.60
CA LEU E 108 35.41 7.50 -9.69
C LEU E 108 36.70 8.23 -9.30
N ARG E 109 36.86 9.47 -9.76
CA ARG E 109 38.08 10.21 -9.49
C ARG E 109 38.29 10.38 -8.00
N GLU E 110 37.23 10.74 -7.28
CA GLU E 110 37.31 10.96 -5.84
C GLU E 110 37.57 9.63 -5.15
N GLY E 111 36.82 8.60 -5.53
CA GLY E 111 36.99 7.30 -4.91
C GLY E 111 38.44 6.83 -4.95
N ILE E 112 39.07 6.91 -6.13
CA ILE E 112 40.44 6.49 -6.28
C ILE E 112 41.36 7.38 -5.44
N GLN E 113 41.09 8.70 -5.42
CA GLN E 113 41.94 9.61 -4.65
C GLN E 113 41.94 9.24 -3.18
N LEU E 114 40.79 8.83 -2.63
CA LEU E 114 40.69 8.33 -1.26
C LEU E 114 41.57 7.10 -1.03
N VAL E 115 41.74 6.23 -2.04
CA VAL E 115 42.61 5.06 -1.94
C VAL E 115 44.09 5.45 -2.03
N VAL E 116 44.44 6.42 -2.88
CA VAL E 116 45.81 6.93 -2.98
C VAL E 116 46.25 7.60 -1.66
N ASP E 117 45.34 8.37 -1.02
CA ASP E 117 45.58 8.96 0.29
C ASP E 117 45.70 7.91 1.41
N GLY E 118 45.47 6.63 1.11
CA GLY E 118 45.72 5.53 2.04
C GLY E 118 44.64 5.36 3.10
N THR E 119 43.45 5.96 2.87
CA THR E 119 42.36 5.90 3.84
C THR E 119 41.82 4.48 3.95
N ASP E 120 41.32 4.10 5.14
CA ASP E 120 41.04 2.72 5.46
C ASP E 120 39.78 2.22 4.73
N GLN E 121 39.77 0.93 4.34
CA GLN E 121 38.77 0.41 3.43
C GLN E 121 37.33 0.60 3.90
N PRO E 122 36.93 0.28 5.16
CA PRO E 122 35.56 0.56 5.60
C PRO E 122 35.19 2.05 5.64
N ILE E 123 36.18 2.94 5.84
CA ILE E 123 35.93 4.38 5.78
C ILE E 123 35.71 4.84 4.33
N VAL E 124 36.48 4.32 3.36
CA VAL E 124 36.25 4.59 1.95
C VAL E 124 34.86 4.14 1.51
N ARG E 125 34.44 2.95 1.92
CA ARG E 125 33.08 2.51 1.69
C ARG E 125 32.07 3.51 2.27
N GLN E 126 32.26 3.95 3.51
CA GLN E 126 31.28 4.80 4.16
C GLN E 126 31.13 6.15 3.46
N ILE E 127 32.24 6.80 3.12
CA ILE E 127 32.14 8.12 2.51
C ILE E 127 31.58 8.04 1.10
N MET E 128 31.93 7.01 0.33
CA MET E 128 31.38 6.81 -1.02
C MET E 128 29.87 6.53 -0.94
N GLU E 129 29.44 5.68 -0.01
CA GLU E 129 28.04 5.31 0.09
C GLU E 129 27.18 6.51 0.46
N LEU E 130 27.68 7.44 1.28
CA LEU E 130 26.98 8.70 1.56
C LEU E 130 26.68 9.46 0.27
N ASP E 131 27.59 9.45 -0.69
CA ASP E 131 27.38 10.16 -1.94
C ASP E 131 26.34 9.48 -2.83
N ILE E 132 26.33 8.14 -2.85
CA ILE E 132 25.30 7.40 -3.60
C ILE E 132 23.94 7.66 -2.97
N ASP E 133 23.83 7.58 -1.63
CA ASP E 133 22.51 7.73 -1.04
C ASP E 133 22.00 9.14 -1.20
N ALA E 134 22.87 10.14 -1.23
CA ALA E 134 22.44 11.50 -1.54
C ALA E 134 21.83 11.62 -2.94
N LYS E 135 22.44 11.00 -3.94
CA LYS E 135 21.93 11.03 -5.31
C LYS E 135 20.61 10.29 -5.40
N GLU E 136 20.45 9.16 -4.69
CA GLU E 136 19.21 8.42 -4.72
C GLU E 136 18.07 9.23 -4.12
N GLN E 137 18.32 9.94 -3.02
CA GLN E 137 17.31 10.78 -2.39
C GLN E 137 16.91 11.96 -3.26
N GLU E 138 17.86 12.55 -3.98
CA GLU E 138 17.59 13.66 -4.86
C GLU E 138 16.63 13.26 -6.00
N HIS E 139 16.87 12.11 -6.65
CA HIS E 139 15.98 11.65 -7.72
C HIS E 139 14.61 11.22 -7.20
N ASP E 140 14.54 10.66 -6.00
CA ASP E 140 13.26 10.32 -5.40
C ASP E 140 12.44 11.58 -5.17
N ASN E 141 13.05 12.66 -4.73
CA ASN E 141 12.34 13.91 -4.47
C ASN E 141 11.72 14.50 -5.76
N TYR E 142 12.37 14.31 -6.93
CA TYR E 142 11.80 14.75 -8.19
C TYR E 142 10.58 13.90 -8.55
N ALA E 143 10.70 12.60 -8.47
CA ALA E 143 9.60 11.72 -8.81
C ALA E 143 8.38 11.98 -7.93
N LYS E 144 8.57 12.23 -6.64
CA LYS E 144 7.45 12.44 -5.74
C LYS E 144 6.61 13.65 -6.14
N LEU E 145 7.17 14.69 -6.77
CA LEU E 145 6.33 15.79 -7.18
C LEU E 145 5.34 15.37 -8.29
N PHE E 146 5.82 14.59 -9.26
CA PHE E 146 4.95 14.16 -10.34
C PHE E 146 3.95 13.15 -9.84
N GLU E 147 4.31 12.25 -8.94
CA GLU E 147 3.35 11.32 -8.40
C GLU E 147 2.23 12.07 -7.69
N SER E 148 2.55 13.14 -6.92
CA SER E 148 1.53 13.91 -6.23
C SER E 148 0.56 14.57 -7.20
N ALA E 149 1.06 15.13 -8.31
CA ALA E 149 0.15 15.72 -9.29
C ALA E 149 -0.79 14.68 -9.89
N GLY E 150 -0.30 13.48 -10.14
CA GLY E 150 -1.10 12.40 -10.68
C GLY E 150 -2.18 11.89 -9.72
N SER E 151 -1.96 12.04 -8.42
CA SER E 151 -2.96 11.66 -7.45
C SER E 151 -4.07 12.72 -7.33
N TYR E 152 -3.69 14.01 -7.34
CA TYR E 152 -4.68 15.06 -7.15
C TYR E 152 -5.54 15.24 -8.38
N ALA E 153 -4.99 15.01 -9.59
CA ALA E 153 -5.72 15.37 -10.80
C ALA E 153 -7.02 14.60 -10.93
N PRO E 154 -7.07 13.27 -10.77
CA PRO E 154 -8.32 12.54 -10.76
C PRO E 154 -9.31 13.10 -9.77
N THR E 155 -8.91 13.44 -8.54
CA THR E 155 -9.90 13.93 -7.58
C THR E 155 -10.43 15.30 -7.97
N MET E 156 -9.61 16.12 -8.62
CA MET E 156 -10.13 17.39 -9.09
C MET E 156 -11.12 17.15 -10.24
N GLY E 157 -10.94 16.10 -11.02
CA GLY E 157 -11.93 15.70 -12.00
C GLY E 157 -13.27 15.34 -11.36
N ILE E 158 -13.27 14.64 -10.23
CA ILE E 158 -14.49 14.32 -9.54
C ILE E 158 -15.16 15.61 -9.05
N ILE E 159 -14.41 16.56 -8.51
CA ILE E 159 -14.97 17.85 -8.14
C ILE E 159 -15.61 18.51 -9.34
N GLY E 160 -14.92 18.55 -10.49
CA GLY E 160 -15.47 19.16 -11.68
C GLY E 160 -16.77 18.48 -12.13
N THR E 161 -16.86 17.16 -12.06
CA THR E 161 -18.07 16.48 -12.46
C THR E 161 -19.21 16.77 -11.50
N VAL E 162 -18.95 16.76 -10.20
CA VAL E 162 -20.02 17.00 -9.23
C VAL E 162 -20.50 18.44 -9.37
N MET E 163 -19.59 19.38 -9.57
CA MET E 163 -19.93 20.77 -9.78
C MET E 163 -20.74 20.91 -11.06
N GLY E 164 -20.42 20.17 -12.11
CA GLY E 164 -21.18 20.17 -13.34
C GLY E 164 -22.62 19.70 -13.11
N LEU E 165 -22.80 18.56 -12.45
CA LEU E 165 -24.11 18.00 -12.19
C LEU E 165 -24.96 18.98 -11.37
N ILE E 166 -24.34 19.61 -10.37
CA ILE E 166 -25.04 20.59 -9.56
C ILE E 166 -25.68 21.64 -10.46
N GLN E 167 -24.98 22.00 -11.54
CA GLN E 167 -25.50 22.96 -12.49
C GLN E 167 -26.59 22.37 -13.39
N VAL E 168 -26.40 21.16 -13.93
CA VAL E 168 -27.37 20.58 -14.84
C VAL E 168 -28.68 20.27 -14.09
N LEU E 169 -28.63 19.73 -12.86
CA LEU E 169 -29.85 19.45 -12.13
C LEU E 169 -30.61 20.74 -11.83
N GLY E 170 -29.91 21.86 -11.67
CA GLY E 170 -30.56 23.16 -11.58
C GLY E 170 -31.51 23.48 -12.74
N HIS E 171 -31.18 23.02 -13.96
CA HIS E 171 -31.95 23.37 -15.15
C HIS E 171 -32.47 22.12 -15.85
N LEU E 172 -33.45 21.43 -15.24
CA LEU E 172 -34.10 20.30 -15.87
C LEU E 172 -35.26 20.76 -16.76
N THR E 173 -35.47 22.09 -16.85
CA THR E 173 -36.60 22.65 -17.56
C THR E 173 -36.13 23.43 -18.79
N ASP E 174 -35.01 24.16 -18.66
CA ASP E 174 -34.52 24.99 -19.76
C ASP E 174 -33.58 24.18 -20.64
N PRO E 175 -34.04 23.73 -21.83
CA PRO E 175 -33.23 22.85 -22.68
C PRO E 175 -31.99 23.53 -23.25
N SER E 176 -32.06 24.84 -23.52
CA SER E 176 -30.94 25.53 -24.18
C SER E 176 -29.71 25.58 -23.27
N GLN E 177 -29.93 25.84 -21.99
CA GLN E 177 -28.81 26.02 -21.07
C GLN E 177 -28.21 24.66 -20.68
N LEU E 178 -28.93 23.56 -20.90
CA LEU E 178 -28.51 22.24 -20.44
C LEU E 178 -27.20 21.84 -21.14
N GLY E 179 -27.13 22.05 -22.46
CA GLY E 179 -26.00 21.64 -23.26
C GLY E 179 -24.65 22.14 -22.75
N PRO E 180 -24.46 23.45 -22.53
CA PRO E 180 -23.18 23.98 -22.07
C PRO E 180 -22.65 23.29 -20.82
N SER E 181 -23.56 22.91 -19.90
CA SER E 181 -23.14 22.31 -18.64
C SER E 181 -22.81 20.83 -18.79
N ILE E 182 -23.77 20.03 -19.27
CA ILE E 182 -23.52 18.59 -19.36
C ILE E 182 -22.16 18.32 -20.00
N ALA E 183 -21.72 19.23 -20.88
CA ALA E 183 -20.38 19.19 -21.41
C ALA E 183 -19.33 19.29 -20.31
N VAL E 184 -19.37 20.35 -19.49
CA VAL E 184 -18.33 20.52 -18.47
C VAL E 184 -18.21 19.26 -17.59
N ALA E 185 -19.33 18.61 -17.33
CA ALA E 185 -19.32 17.35 -16.62
C ALA E 185 -18.49 16.32 -17.38
N PHE E 186 -18.73 16.21 -18.68
CA PHE E 186 -18.02 15.19 -19.46
C PHE E 186 -16.56 15.58 -19.62
N ILE E 187 -16.29 16.87 -19.85
CA ILE E 187 -14.92 17.25 -20.19
C ILE E 187 -14.07 17.27 -18.93
N ALA E 188 -14.57 17.82 -17.84
CA ALA E 188 -13.80 17.81 -16.60
C ALA E 188 -13.37 16.40 -16.17
N THR E 189 -14.17 15.38 -16.49
CA THR E 189 -13.72 14.02 -16.29
C THR E 189 -12.52 13.73 -17.18
N LEU E 190 -12.63 14.10 -18.46
CA LEU E 190 -11.65 13.74 -19.45
C LEU E 190 -10.31 14.35 -19.11
N TYR E 191 -10.24 15.64 -18.76
CA TYR E 191 -8.94 16.24 -18.40
C TYR E 191 -8.35 15.64 -17.12
N GLY E 192 -9.19 15.29 -16.15
CA GLY E 192 -8.69 14.67 -14.94
C GLY E 192 -8.00 13.35 -15.19
N VAL E 193 -8.67 12.42 -15.90
CA VAL E 193 -8.11 11.10 -16.15
C VAL E 193 -6.97 11.20 -17.14
N ALA E 194 -7.14 11.96 -18.21
CA ALA E 194 -6.18 11.97 -19.29
C ALA E 194 -4.87 12.60 -18.87
N SER E 195 -4.90 13.74 -18.16
CA SER E 195 -3.67 14.40 -17.74
C SER E 195 -2.91 13.57 -16.73
N ALA E 196 -3.64 12.98 -15.78
CA ALA E 196 -3.01 12.15 -14.78
C ALA E 196 -2.31 10.95 -15.42
N ASN E 197 -3.03 10.24 -16.30
CA ASN E 197 -2.57 8.95 -16.76
C ASN E 197 -1.54 9.12 -17.84
N LEU E 198 -1.72 9.99 -18.82
CA LEU E 198 -0.67 10.12 -19.85
C LEU E 198 0.51 11.01 -19.43
N ILE E 199 0.29 12.20 -18.86
CA ILE E 199 1.41 13.10 -18.60
C ILE E 199 2.10 12.80 -17.26
N PHE E 200 1.35 12.76 -16.16
CA PHE E 200 1.98 12.81 -14.86
C PHE E 200 2.55 11.45 -14.48
N LEU E 201 1.75 10.37 -14.63
CA LEU E 201 2.22 9.14 -14.04
C LEU E 201 3.34 8.58 -14.89
N PRO E 202 3.31 8.66 -16.24
CA PRO E 202 4.48 8.36 -17.05
C PRO E 202 5.73 9.15 -16.69
N ILE E 203 5.69 10.47 -16.52
CA ILE E 203 6.91 11.19 -16.19
C ILE E 203 7.49 10.72 -14.84
N ALA E 204 6.64 10.43 -13.88
CA ALA E 204 7.11 9.89 -12.61
C ALA E 204 7.81 8.55 -12.84
N SER E 205 7.20 7.68 -13.65
CA SER E 205 7.72 6.35 -13.93
C SER E 205 9.07 6.42 -14.62
N LYS E 206 9.21 7.39 -15.53
CA LYS E 206 10.42 7.48 -16.30
C LYS E 206 11.56 8.01 -15.44
N ILE E 207 11.29 8.96 -14.55
CA ILE E 207 12.32 9.47 -13.65
C ILE E 207 12.85 8.32 -12.80
N ARG E 208 11.97 7.44 -12.32
CA ARG E 208 12.42 6.34 -11.51
C ARG E 208 13.19 5.30 -12.32
N ALA E 209 12.79 5.07 -13.58
CA ALA E 209 13.56 4.18 -14.44
C ALA E 209 14.96 4.71 -14.72
N LYS E 210 15.08 5.98 -15.10
CA LYS E 210 16.39 6.55 -15.36
C LYS E 210 17.27 6.68 -14.12
N SER E 211 16.66 6.93 -12.96
CA SER E 211 17.39 6.97 -11.70
C SER E 211 17.97 5.59 -11.39
N ALA E 212 17.21 4.52 -11.63
CA ALA E 212 17.72 3.20 -11.32
C ALA E 212 18.97 2.87 -12.14
N GLU E 213 19.04 3.30 -13.39
CA GLU E 213 20.26 3.09 -14.18
C GLU E 213 21.44 3.88 -13.61
N GLU E 214 21.22 5.14 -13.21
CA GLU E 214 22.29 5.97 -12.68
C GLU E 214 22.86 5.40 -11.37
N ILE E 215 21.98 4.93 -10.49
CA ILE E 215 22.43 4.39 -9.22
C ILE E 215 23.18 3.08 -9.44
N LEU E 216 22.79 2.24 -10.40
CA LEU E 216 23.52 1.01 -10.68
C LEU E 216 24.93 1.31 -11.17
N VAL E 217 25.14 2.35 -11.97
CA VAL E 217 26.48 2.72 -12.38
C VAL E 217 27.30 3.20 -11.19
N MET E 218 26.71 3.94 -10.25
CA MET E 218 27.46 4.35 -9.07
C MET E 218 27.83 3.13 -8.21
N GLU E 219 26.93 2.17 -8.03
CA GLU E 219 27.24 0.97 -7.29
C GLU E 219 28.38 0.18 -7.93
N MET E 220 28.42 0.11 -9.26
CA MET E 220 29.51 -0.57 -9.95
C MET E 220 30.84 0.13 -9.69
N ILE E 221 30.87 1.47 -9.71
CA ILE E 221 32.09 2.20 -9.46
C ILE E 221 32.56 1.99 -8.04
N LEU E 222 31.65 1.92 -7.07
CA LEU E 222 32.04 1.64 -5.70
C LEU E 222 32.67 0.26 -5.58
N GLU E 223 32.11 -0.77 -6.20
CA GLU E 223 32.68 -2.10 -6.19
C GLU E 223 34.05 -2.15 -6.89
N GLY E 224 34.22 -1.32 -7.92
CA GLY E 224 35.49 -1.15 -8.59
C GLY E 224 36.56 -0.57 -7.68
N VAL E 225 36.26 0.51 -6.97
CA VAL E 225 37.25 1.17 -6.10
C VAL E 225 37.62 0.26 -4.93
N LEU E 226 36.66 -0.44 -4.35
CA LEU E 226 36.96 -1.33 -3.25
C LEU E 226 37.76 -2.55 -3.72
N SER E 227 37.46 -3.10 -4.90
CA SER E 227 38.24 -4.22 -5.40
C SER E 227 39.68 -3.80 -5.79
N VAL E 228 39.89 -2.57 -6.27
CA VAL E 228 41.22 -2.03 -6.48
C VAL E 228 41.99 -1.91 -5.16
N GLN E 229 41.33 -1.49 -4.08
CA GLN E 229 42.00 -1.36 -2.79
C GLN E 229 42.37 -2.73 -2.21
N ASN E 230 41.50 -3.74 -2.35
CA ASN E 230 41.76 -5.09 -1.89
C ASN E 230 42.89 -5.76 -2.67
N GLY E 231 43.10 -5.36 -3.94
CA GLY E 231 44.16 -5.91 -4.76
C GLY E 231 43.75 -7.20 -5.47
N ASP E 232 42.46 -7.30 -5.79
CA ASP E 232 41.90 -8.42 -6.52
C ASP E 232 42.52 -8.53 -7.92
N ASN E 233 42.60 -9.77 -8.42
CA ASN E 233 43.10 -10.07 -9.75
C ASN E 233 42.07 -9.69 -10.82
N ALA E 234 42.56 -9.31 -12.01
CA ALA E 234 41.75 -8.63 -13.01
C ALA E 234 40.60 -9.51 -13.52
N LEU E 235 40.76 -10.84 -13.54
CA LEU E 235 39.71 -11.76 -13.98
C LEU E 235 38.54 -11.75 -12.99
N LEU E 236 38.83 -11.74 -11.69
CA LEU E 236 37.79 -11.67 -10.67
C LEU E 236 37.12 -10.30 -10.66
N VAL E 237 37.90 -9.21 -10.80
CA VAL E 237 37.36 -7.85 -10.89
C VAL E 237 36.37 -7.75 -12.05
N ARG E 238 36.79 -8.21 -13.24
CA ARG E 238 35.95 -8.25 -14.42
C ARG E 238 34.63 -8.99 -14.16
N LYS E 239 34.68 -10.13 -13.44
CA LYS E 239 33.49 -10.91 -13.13
C LYS E 239 32.50 -10.14 -12.26
N LYS E 240 32.99 -9.53 -11.16
CA LYS E 240 32.13 -8.82 -10.20
C LYS E 240 31.44 -7.64 -10.89
N LEU E 241 32.22 -6.81 -11.61
CA LEU E 241 31.72 -5.60 -12.22
C LEU E 241 30.73 -5.94 -13.33
N ASN E 242 30.96 -7.03 -14.06
CA ASN E 242 30.06 -7.41 -15.13
C ASN E 242 28.66 -7.75 -14.61
N THR E 243 28.50 -8.19 -13.36
CA THR E 243 27.17 -8.48 -12.84
C THR E 243 26.28 -7.23 -12.80
N TYR E 244 26.88 -6.03 -12.71
CA TYR E 244 26.08 -4.80 -12.70
C TYR E 244 25.59 -4.38 -14.09
N ILE E 245 26.27 -4.80 -15.16
CA ILE E 245 25.95 -4.35 -16.51
C ILE E 245 24.94 -5.29 -17.17
N THR E 246 23.96 -4.72 -17.91
CA THR E 246 23.11 -5.52 -18.79
C THR E 246 22.88 -4.81 -20.14
N PRO F 20 -4.80 -2.62 -4.03
CA PRO F 20 -4.97 -3.50 -5.19
C PRO F 20 -6.33 -4.21 -5.22
N HIS F 21 -6.77 -4.74 -4.07
CA HIS F 21 -8.10 -5.35 -3.99
C HIS F 21 -9.18 -4.30 -4.27
N ASP F 22 -8.80 -3.02 -4.30
CA ASP F 22 -9.72 -1.93 -4.58
C ASP F 22 -9.53 -1.41 -6.00
N ARG F 23 -8.97 -2.26 -6.86
CA ARG F 23 -8.74 -1.94 -8.26
C ARG F 23 -10.05 -1.58 -8.94
N TRP F 24 -11.15 -2.20 -8.52
CA TRP F 24 -12.38 -2.19 -9.29
C TRP F 24 -13.11 -0.87 -9.07
N MET F 25 -13.13 -0.34 -7.83
CA MET F 25 -14.07 0.73 -7.51
C MET F 25 -13.77 1.93 -8.40
N ILE F 26 -12.50 2.25 -8.64
CA ILE F 26 -12.20 3.49 -9.31
C ILE F 26 -12.67 3.44 -10.76
N THR F 27 -12.91 2.23 -11.32
CA THR F 27 -13.42 2.10 -12.68
C THR F 27 -14.95 2.16 -12.67
N TYR F 28 -15.58 1.39 -11.77
CA TYR F 28 -17.04 1.32 -11.67
C TYR F 28 -17.60 2.73 -11.49
N ALA F 29 -17.08 3.47 -10.51
CA ALA F 29 -17.54 4.81 -10.20
C ALA F 29 -17.42 5.69 -11.43
N ASP F 30 -16.33 5.59 -12.18
CA ASP F 30 -16.17 6.40 -13.37
C ASP F 30 -17.24 6.05 -14.41
N LEU F 31 -17.46 4.74 -14.61
CA LEU F 31 -18.40 4.29 -15.64
C LEU F 31 -19.83 4.67 -15.25
N ILE F 32 -20.27 4.35 -14.02
CA ILE F 32 -21.64 4.59 -13.61
C ILE F 32 -21.95 6.07 -13.73
N THR F 33 -21.02 6.93 -13.33
CA THR F 33 -21.32 8.35 -13.36
C THR F 33 -21.74 8.75 -14.77
N LEU F 34 -21.04 8.24 -15.79
CA LEU F 34 -21.33 8.62 -17.18
C LEU F 34 -22.77 8.30 -17.57
N LEU F 35 -23.29 7.15 -17.14
CA LEU F 35 -24.70 6.82 -17.34
C LEU F 35 -25.61 7.87 -16.69
N LEU F 36 -25.29 8.28 -15.46
CA LEU F 36 -26.19 9.16 -14.73
C LEU F 36 -26.26 10.50 -15.46
N ILE F 37 -25.12 10.98 -15.97
CA ILE F 37 -25.13 12.26 -16.67
C ILE F 37 -26.01 12.14 -17.91
N PHE F 38 -26.02 10.96 -18.54
CA PHE F 38 -26.85 10.70 -19.71
C PHE F 38 -28.32 10.68 -19.31
N PHE F 39 -28.69 9.89 -18.30
CA PHE F 39 -30.10 9.72 -17.95
C PHE F 39 -30.67 11.00 -17.31
N VAL F 40 -29.81 11.80 -16.70
CA VAL F 40 -30.25 13.10 -16.23
C VAL F 40 -30.68 13.90 -17.45
N MET F 41 -29.94 13.76 -18.56
CA MET F 41 -30.34 14.41 -19.80
C MET F 41 -31.66 13.80 -20.31
N MET F 42 -31.76 12.47 -20.39
CA MET F 42 -32.94 11.85 -20.98
C MET F 42 -34.20 12.25 -20.22
N TYR F 43 -34.15 12.22 -18.89
CA TYR F 43 -35.28 12.67 -18.09
C TYR F 43 -35.48 14.18 -18.24
N ALA F 44 -34.48 14.87 -18.79
CA ALA F 44 -34.61 16.28 -19.10
C ALA F 44 -35.12 16.50 -20.53
N MET F 45 -35.36 15.41 -21.27
CA MET F 45 -35.99 15.49 -22.58
C MET F 45 -37.27 14.67 -22.60
N SER F 46 -37.99 14.63 -21.47
CA SER F 46 -39.18 13.79 -21.33
C SER F 46 -40.24 14.49 -20.49
N ARG F 47 -41.52 14.17 -20.78
CA ARG F 47 -42.67 14.64 -20.02
C ARG F 47 -42.87 13.66 -18.87
N LEU F 48 -43.92 13.88 -18.07
CA LEU F 48 -44.14 13.10 -16.86
C LEU F 48 -45.56 12.53 -16.89
N ASP F 49 -45.76 11.38 -16.20
CA ASP F 49 -47.07 10.77 -16.04
C ASP F 49 -47.77 11.45 -14.86
N ALA F 50 -49.08 11.70 -14.98
CA ALA F 50 -49.78 12.54 -14.03
C ALA F 50 -49.98 11.79 -12.70
N SER F 51 -50.47 10.54 -12.77
CA SER F 51 -50.82 9.78 -11.58
C SER F 51 -49.65 8.90 -11.12
N LYS F 52 -48.81 8.43 -12.05
CA LYS F 52 -47.73 7.52 -11.73
C LYS F 52 -46.78 8.19 -10.73
N TYR F 53 -46.45 9.47 -10.99
CA TYR F 53 -45.57 10.24 -10.13
C TYR F 53 -46.14 10.30 -8.72
N GLU F 54 -47.45 10.55 -8.60
CA GLU F 54 -48.11 10.58 -7.31
C GLU F 54 -48.09 9.18 -6.68
N GLU F 55 -48.37 8.14 -7.48
CA GLU F 55 -48.44 6.78 -6.95
C GLU F 55 -47.21 6.50 -6.08
N VAL F 56 -46.05 7.03 -6.50
CA VAL F 56 -44.81 6.84 -5.77
C VAL F 56 -44.71 7.89 -4.68
N THR F 57 -45.17 9.13 -4.93
CA THR F 57 -44.96 10.24 -4.01
C THR F 57 -45.64 9.99 -2.67
N SER F 58 -46.92 9.58 -2.69
CA SER F 58 -47.63 9.23 -1.47
C SER F 58 -46.93 8.07 -0.76
N SER F 59 -46.57 7.02 -1.51
CA SER F 59 -45.92 5.85 -0.95
C SER F 59 -44.57 6.19 -0.33
N LEU F 60 -43.71 6.89 -1.08
CA LEU F 60 -42.38 7.24 -0.60
C LEU F 60 -42.44 8.07 0.69
N GLN F 61 -43.39 9.02 0.76
CA GLN F 61 -43.61 9.82 1.95
C GLN F 61 -43.92 8.92 3.15
N THR F 62 -44.81 7.93 2.96
CA THR F 62 -45.22 7.04 4.03
C THR F 62 -44.07 6.15 4.51
N THR F 63 -43.07 5.92 3.64
CA THR F 63 -41.89 5.14 4.01
C THR F 63 -41.14 5.78 5.18
N PHE F 64 -41.05 7.12 5.20
CA PHE F 64 -40.41 7.82 6.30
C PHE F 64 -41.22 7.64 7.58
N GLN F 65 -42.41 7.01 7.47
CA GLN F 65 -43.28 6.66 8.58
C GLN F 65 -44.00 7.91 9.10
N SER F 66 -43.93 9.02 8.34
CA SER F 66 -44.68 10.22 8.64
C SER F 66 -45.77 9.94 9.68
N GLY G 18 -2.94 6.80 -2.59
CA GLY G 18 -3.54 6.69 -1.24
C GLY G 18 -4.16 5.32 -1.01
N SER G 19 -3.49 4.49 -0.20
CA SER G 19 -3.90 3.10 0.01
C SER G 19 -5.25 3.01 0.74
N PRO G 20 -5.38 3.49 2.01
CA PRO G 20 -6.67 3.46 2.70
C PRO G 20 -7.46 4.76 2.51
N HIS G 21 -6.79 5.83 2.05
CA HIS G 21 -7.45 7.09 1.80
C HIS G 21 -8.52 6.92 0.71
N ASP G 22 -8.24 6.02 -0.24
CA ASP G 22 -9.12 5.83 -1.39
C ASP G 22 -10.36 5.01 -0.98
N ARG G 23 -10.48 4.66 0.30
CA ARG G 23 -11.56 3.81 0.77
C ARG G 23 -12.91 4.45 0.47
N TRP G 24 -12.99 5.78 0.45
CA TRP G 24 -14.28 6.43 0.32
C TRP G 24 -14.91 6.09 -1.03
N MET G 25 -14.10 5.76 -2.03
CA MET G 25 -14.62 5.51 -3.37
C MET G 25 -15.69 4.42 -3.36
N ILE G 26 -15.52 3.37 -2.54
CA ILE G 26 -16.46 2.25 -2.46
C ILE G 26 -17.83 2.81 -2.14
N THR G 27 -17.85 3.80 -1.24
CA THR G 27 -19.09 4.44 -0.83
C THR G 27 -19.63 5.28 -1.98
N TYR G 28 -18.75 6.02 -2.68
CA TYR G 28 -19.21 6.87 -3.76
C TYR G 28 -19.95 6.03 -4.80
N ALA G 29 -19.26 5.06 -5.38
CA ALA G 29 -19.89 4.14 -6.30
C ALA G 29 -21.31 3.83 -5.85
N ASP G 30 -21.48 3.52 -4.56
CA ASP G 30 -22.79 3.17 -4.04
C ASP G 30 -23.79 4.32 -4.22
N LEU G 31 -23.37 5.56 -3.86
CA LEU G 31 -24.25 6.71 -3.98
C LEU G 31 -24.72 6.92 -5.43
N ILE G 32 -23.79 6.85 -6.39
CA ILE G 32 -24.16 7.09 -7.81
C ILE G 32 -24.92 5.89 -8.35
N THR G 33 -24.75 4.69 -7.79
CA THR G 33 -25.55 3.59 -8.27
C THR G 33 -27.01 3.85 -7.97
N LEU G 34 -27.30 4.32 -6.76
CA LEU G 34 -28.67 4.54 -6.33
C LEU G 34 -29.33 5.63 -7.18
N LEU G 35 -28.60 6.72 -7.40
CA LEU G 35 -29.12 7.80 -8.23
C LEU G 35 -29.32 7.32 -9.67
N LEU G 36 -28.43 6.47 -10.19
CA LEU G 36 -28.65 5.89 -11.51
C LEU G 36 -30.00 5.20 -11.53
N ILE G 37 -30.32 4.51 -10.41
CA ILE G 37 -31.56 3.75 -10.36
C ILE G 37 -32.73 4.72 -10.41
N PHE G 38 -32.61 5.85 -9.68
CA PHE G 38 -33.70 6.82 -9.58
C PHE G 38 -34.05 7.34 -10.97
N PHE G 39 -33.07 7.98 -11.62
CA PHE G 39 -33.32 8.62 -12.89
C PHE G 39 -33.78 7.59 -13.93
N VAL G 40 -33.13 6.43 -14.00
CA VAL G 40 -33.45 5.53 -15.09
C VAL G 40 -34.96 5.22 -15.10
N MET G 41 -35.51 4.97 -13.89
CA MET G 41 -36.94 4.65 -13.76
C MET G 41 -37.81 5.84 -14.19
N MET G 42 -37.40 7.05 -13.82
CA MET G 42 -38.12 8.24 -14.19
C MET G 42 -38.19 8.33 -15.72
N TYR G 43 -37.10 7.97 -16.40
CA TYR G 43 -37.15 7.94 -17.86
C TYR G 43 -38.06 6.80 -18.32
N ALA G 44 -38.41 5.89 -17.40
CA ALA G 44 -39.26 4.76 -17.78
C ALA G 44 -40.74 5.17 -17.74
N MET G 45 -41.33 5.28 -18.94
CA MET G 45 -42.75 5.53 -19.16
C MET G 45 -43.06 7.02 -19.13
N SER G 46 -42.14 7.88 -18.67
CA SER G 46 -42.37 9.30 -18.82
C SER G 46 -42.09 9.67 -20.28
N ARG G 47 -43.02 9.36 -21.18
CA ARG G 47 -42.72 9.39 -22.61
C ARG G 47 -42.14 10.76 -22.95
N LEU G 48 -41.10 10.79 -23.78
CA LEU G 48 -40.36 12.02 -24.06
C LEU G 48 -41.21 12.99 -24.87
N ASP G 49 -41.30 14.25 -24.41
CA ASP G 49 -41.88 15.31 -25.21
C ASP G 49 -41.02 15.43 -26.47
N ALA G 50 -41.65 15.26 -27.65
CA ALA G 50 -40.92 15.26 -28.90
C ALA G 50 -40.20 16.59 -29.09
N SER G 51 -40.90 17.69 -28.79
CA SER G 51 -40.35 19.03 -28.95
C SER G 51 -39.10 19.20 -28.09
N LYS G 52 -39.16 18.73 -26.84
CA LYS G 52 -38.06 18.96 -25.90
C LYS G 52 -36.80 18.30 -26.44
N TYR G 53 -36.90 17.04 -26.91
CA TYR G 53 -35.74 16.32 -27.40
C TYR G 53 -35.22 16.97 -28.68
N GLU G 54 -36.03 16.94 -29.73
CA GLU G 54 -35.65 17.53 -31.00
C GLU G 54 -35.09 18.93 -30.75
N GLU G 55 -35.51 19.56 -29.65
CA GLU G 55 -34.97 20.84 -29.24
C GLU G 55 -33.62 20.63 -28.56
N VAL G 56 -33.46 19.55 -27.79
CA VAL G 56 -32.21 19.33 -27.07
C VAL G 56 -31.07 19.05 -28.05
N THR G 57 -31.34 18.32 -29.14
CA THR G 57 -30.34 18.09 -30.16
C THR G 57 -29.81 19.45 -30.65
N SER G 58 -30.72 20.44 -30.68
CA SER G 58 -30.37 21.79 -31.09
C SER G 58 -29.60 22.50 -29.98
N SER G 59 -29.95 22.21 -28.72
CA SER G 59 -29.33 22.87 -27.58
C SER G 59 -27.83 22.58 -27.49
N LEU G 60 -27.40 21.35 -27.83
CA LEU G 60 -26.02 20.87 -27.68
C LEU G 60 -25.18 21.06 -28.95
N GLN G 61 -25.78 20.85 -30.13
CA GLN G 61 -25.05 20.77 -31.38
C GLN G 61 -23.96 21.85 -31.45
N THR G 62 -24.30 23.08 -31.06
CA THR G 62 -23.37 24.21 -31.13
C THR G 62 -22.11 23.99 -30.31
N THR G 63 -22.24 23.42 -29.10
CA THR G 63 -21.14 23.34 -28.16
C THR G 63 -20.04 22.43 -28.69
N PHE G 64 -20.38 21.18 -29.04
CA PHE G 64 -19.38 20.23 -29.51
C PHE G 64 -19.06 20.52 -30.98
N GLN G 65 -19.93 21.30 -31.65
CA GLN G 65 -19.68 21.63 -33.05
C GLN G 65 -19.36 20.35 -33.82
N SER G 66 -20.26 19.36 -33.72
CA SER G 66 -20.05 18.01 -34.21
C SER G 66 -18.66 17.51 -33.83
#